data_4QHB
#
_entry.id   4QHB
#
_cell.length_a   83.102
_cell.length_b   107.296
_cell.length_c   108.137
_cell.angle_alpha   90.000
_cell.angle_beta   101.820
_cell.angle_gamma   90.000
#
_symmetry.space_group_name_H-M   'P 1 21 1'
#
loop_
_entity.id
_entity.type
_entity.pdbx_description
1 polymer 'Uncharacterized protein'
2 non-polymer 'SULFATE ION'
3 non-polymer DI(HYDROXYETHYL)ETHER
4 non-polymer 'TETRAETHYLENE GLYCOL'
5 non-polymer 'TRIETHYLENE GLYCOL'
6 water water
#
_entity_poly.entity_id   1
_entity_poly.type   'polypeptide(L)'
_entity_poly.pdbx_seq_one_letter_code
;GANHKELPALGNTHIQVFDKTPVCFRPDSFPNYTPANADGVIRLVNGRIILKKITLPDYKRDVDVTLKVTVASNGDRWDK
SGSCFVLPKESVINL(MSE)NIAEGKRAFPAVDSTKYEK(MSE)IGIVPGQDYVPTLEL(MSE)RF(MSE)TPFGVGYYS
SDNDSLSSKRRPVYIPKWEKSVTWVQDITDLYPALEREAYVGIYIDTWTAEGYVAS(MSE)ELDVKESKITCDV(MSE)P
ERRVKPL(MSE)NTVYYIGQTYPDIFSRKDVV(MSE)DFD(MSE)PKAAKNVRLKYIVTGHGGHSGGDEFVEKRNIVSVD
GKEVLNFIPWRDDCASFRRFNPATGVWLIPRVAAYIGDKGYTTKEIEEPLASSDLSRSNWCPGSDV(MSE)PEEAVIGDL
SAGKHSFKVSIPEAQQVDGNKLNHWLVSAYLVWEE
;
_entity_poly.pdbx_strand_id   A,B,C,D
#
# COMPACT_ATOMS: atom_id res chain seq x y z
N GLU A 6 -42.90 -45.44 -17.19
CA GLU A 6 -42.41 -45.93 -15.85
C GLU A 6 -41.33 -47.00 -16.04
N LEU A 7 -40.10 -46.67 -15.61
CA LEU A 7 -38.92 -47.56 -15.72
C LEU A 7 -38.49 -48.17 -14.41
N PRO A 8 -38.12 -49.47 -14.42
CA PRO A 8 -37.74 -50.15 -13.16
C PRO A 8 -36.42 -49.62 -12.60
N ALA A 9 -36.32 -49.65 -11.27
CA ALA A 9 -35.15 -49.21 -10.54
C ALA A 9 -34.22 -50.38 -10.21
N LEU A 10 -32.99 -50.31 -10.72
CA LEU A 10 -31.97 -51.33 -10.47
C LEU A 10 -31.13 -50.99 -9.24
N GLY A 11 -31.19 -49.74 -8.80
CA GLY A 11 -30.48 -49.31 -7.61
C GLY A 11 -29.08 -48.85 -7.96
N ASN A 12 -28.39 -48.30 -6.97
CA ASN A 12 -27.05 -47.80 -7.20
C ASN A 12 -26.03 -48.91 -7.26
N THR A 13 -24.90 -48.63 -7.89
CA THR A 13 -23.83 -49.58 -8.00
C THR A 13 -22.54 -48.90 -7.58
N HIS A 14 -21.86 -49.52 -6.62
CA HIS A 14 -20.56 -49.09 -6.17
C HIS A 14 -19.52 -50.19 -6.46
N ILE A 15 -18.36 -49.81 -6.99
CA ILE A 15 -17.35 -50.78 -7.31
C ILE A 15 -16.04 -50.30 -6.75
N GLN A 16 -15.41 -51.14 -5.94
CA GLN A 16 -14.08 -50.88 -5.45
C GLN A 16 -13.17 -51.57 -6.46
N VAL A 17 -12.82 -50.89 -7.55
CA VAL A 17 -12.04 -51.49 -8.63
C VAL A 17 -10.66 -51.91 -8.15
N PHE A 18 -9.93 -50.96 -7.57
CA PHE A 18 -8.62 -51.23 -7.03
C PHE A 18 -8.63 -50.74 -5.60
N ASP A 19 -7.89 -51.41 -4.74
CA ASP A 19 -7.79 -51.04 -3.35
C ASP A 19 -6.32 -51.18 -2.90
N LYS A 20 -5.59 -50.08 -2.89
CA LYS A 20 -4.15 -50.09 -2.58
C LYS A 20 -3.44 -51.15 -3.40
N THR A 21 -3.84 -51.23 -4.66
CA THR A 21 -3.25 -52.15 -5.61
C THR A 21 -1.91 -51.61 -6.08
N PRO A 22 -0.86 -52.41 -5.98
CA PRO A 22 0.45 -51.87 -6.34
C PRO A 22 0.59 -51.59 -7.81
N VAL A 23 1.26 -50.48 -8.10
CA VAL A 23 1.63 -50.10 -9.46
C VAL A 23 3.14 -49.90 -9.38
N CYS A 24 3.90 -50.69 -10.12
CA CYS A 24 5.36 -50.67 -9.98
C CYS A 24 6.07 -51.17 -11.20
N PHE A 25 7.40 -51.20 -11.15
CA PHE A 25 8.22 -51.73 -12.26
C PHE A 25 9.10 -52.85 -11.73
N ARG A 26 8.63 -54.09 -11.94
CA ARG A 26 9.31 -55.31 -11.47
C ARG A 26 9.35 -56.33 -12.58
N PRO A 27 10.17 -56.09 -13.59
CA PRO A 27 10.26 -56.96 -14.77
C PRO A 27 10.67 -58.41 -14.53
N ASP A 28 11.23 -58.71 -13.36
CA ASP A 28 11.59 -60.07 -13.01
C ASP A 28 10.36 -60.83 -12.52
N SER A 29 9.42 -60.12 -11.90
CA SER A 29 8.19 -60.74 -11.38
C SER A 29 7.05 -60.66 -12.36
N PHE A 30 6.99 -59.58 -13.14
CA PHE A 30 5.92 -59.41 -14.11
C PHE A 30 6.42 -59.11 -15.51
N PRO A 31 6.02 -59.91 -16.50
CA PRO A 31 6.47 -59.62 -17.87
C PRO A 31 5.55 -58.61 -18.50
N ASN A 32 5.55 -58.47 -19.82
CA ASN A 32 4.63 -57.53 -20.47
C ASN A 32 3.17 -57.82 -20.18
N TYR A 33 2.82 -59.08 -19.95
CA TYR A 33 1.43 -59.46 -19.69
C TYR A 33 1.31 -60.53 -18.64
N THR A 34 0.52 -60.28 -17.62
CA THR A 34 0.24 -61.24 -16.59
C THR A 34 -1.29 -61.34 -16.57
N PRO A 35 -1.85 -62.53 -16.78
CA PRO A 35 -3.32 -62.63 -16.72
C PRO A 35 -3.92 -62.29 -15.36
N ALA A 36 -5.22 -62.10 -15.34
CA ALA A 36 -5.96 -61.79 -14.12
C ALA A 36 -5.55 -62.62 -12.90
N ASN A 37 -5.21 -61.96 -11.81
CA ASN A 37 -4.85 -62.65 -10.57
C ASN A 37 -6.11 -63.00 -9.78
N ALA A 38 -5.96 -63.46 -8.53
CA ALA A 38 -7.12 -63.87 -7.72
C ALA A 38 -8.13 -62.73 -7.50
N ASP A 39 -7.65 -61.49 -7.53
CA ASP A 39 -8.53 -60.34 -7.31
C ASP A 39 -9.03 -59.72 -8.61
N GLY A 40 -8.75 -60.34 -9.75
CA GLY A 40 -9.21 -59.83 -11.05
C GLY A 40 -8.26 -58.82 -11.68
N VAL A 41 -7.13 -58.55 -11.03
CA VAL A 41 -6.18 -57.56 -11.53
C VAL A 41 -5.25 -58.14 -12.58
N ILE A 42 -5.24 -57.50 -13.73
CA ILE A 42 -4.40 -57.85 -14.84
C ILE A 42 -3.25 -56.85 -14.83
N ARG A 43 -2.03 -57.31 -15.06
CA ARG A 43 -0.89 -56.41 -15.07
C ARG A 43 -0.22 -56.40 -16.40
N LEU A 44 0.05 -55.20 -16.90
CA LEU A 44 0.80 -55.03 -18.12
C LEU A 44 2.11 -54.27 -17.85
N VAL A 45 3.01 -54.36 -18.82
CA VAL A 45 4.31 -53.69 -18.82
C VAL A 45 5.02 -53.74 -17.45
N ASN A 46 5.23 -54.96 -16.98
CA ASN A 46 6.00 -55.19 -15.80
C ASN A 46 5.42 -54.58 -14.54
N GLY A 47 4.10 -54.27 -14.54
CA GLY A 47 3.43 -53.72 -13.37
C GLY A 47 3.06 -52.26 -13.45
N ARG A 48 3.53 -51.58 -14.48
CA ARG A 48 3.25 -50.15 -14.66
C ARG A 48 1.79 -49.86 -14.96
N ILE A 49 1.07 -50.89 -15.43
CA ILE A 49 -0.34 -50.79 -15.72
C ILE A 49 -1.13 -51.91 -15.05
N ILE A 50 -2.18 -51.50 -14.34
CA ILE A 50 -3.08 -52.43 -13.69
C ILE A 50 -4.40 -52.23 -14.41
N LEU A 51 -5.13 -53.32 -14.55
CA LEU A 51 -6.30 -53.34 -15.35
C LEU A 51 -7.34 -54.28 -14.72
N LYS A 52 -8.62 -53.97 -14.88
CA LYS A 52 -9.68 -54.86 -14.33
C LYS A 52 -11.00 -54.76 -15.11
N LYS A 53 -11.63 -55.91 -15.30
CA LYS A 53 -12.92 -55.99 -15.96
C LYS A 53 -13.99 -55.62 -14.96
N ILE A 54 -14.85 -54.68 -15.32
CA ILE A 54 -15.97 -54.26 -14.47
C ILE A 54 -17.29 -54.52 -15.21
N THR A 55 -18.33 -54.80 -14.43
CA THR A 55 -19.64 -55.07 -15.01
C THR A 55 -20.59 -54.14 -14.32
N LEU A 56 -21.53 -53.64 -15.09
CA LEU A 56 -22.51 -52.72 -14.58
C LEU A 56 -23.86 -53.15 -15.05
N PRO A 57 -24.87 -52.99 -14.18
CA PRO A 57 -26.22 -53.40 -14.59
C PRO A 57 -26.74 -52.59 -15.79
N ASP A 58 -27.70 -53.15 -16.51
CA ASP A 58 -28.23 -52.54 -17.71
C ASP A 58 -29.22 -51.42 -17.36
N TYR A 59 -28.67 -50.28 -16.94
CA TYR A 59 -29.49 -49.13 -16.49
C TYR A 59 -30.36 -48.57 -17.58
N LYS A 60 -31.64 -48.35 -17.26
CA LYS A 60 -32.61 -47.78 -18.21
C LYS A 60 -32.87 -46.31 -17.87
N ARG A 61 -32.80 -46.00 -16.58
CA ARG A 61 -32.92 -44.62 -16.13
C ARG A 61 -31.57 -43.95 -16.23
N ASP A 62 -31.58 -42.62 -16.14
CA ASP A 62 -30.34 -41.84 -16.15
C ASP A 62 -29.57 -42.08 -14.85
N VAL A 63 -28.28 -41.82 -14.92
CA VAL A 63 -27.36 -42.02 -13.81
C VAL A 63 -26.32 -40.91 -13.74
N ASP A 64 -25.62 -40.87 -12.61
CA ASP A 64 -24.46 -40.00 -12.43
C ASP A 64 -23.31 -40.94 -12.15
N VAL A 65 -22.17 -40.70 -12.78
CA VAL A 65 -21.00 -41.52 -12.52
C VAL A 65 -19.92 -40.69 -11.88
N THR A 66 -19.41 -41.19 -10.75
CA THR A 66 -18.36 -40.52 -10.01
C THR A 66 -17.15 -41.45 -9.89
N LEU A 67 -15.97 -40.88 -10.13
CA LEU A 67 -14.71 -41.60 -10.10
C LEU A 67 -13.86 -41.02 -8.98
N LYS A 68 -13.27 -41.89 -8.18
CA LYS A 68 -12.47 -41.45 -7.03
C LYS A 68 -11.22 -42.30 -7.05
N VAL A 69 -10.09 -41.66 -7.31
CA VAL A 69 -8.80 -42.31 -7.42
C VAL A 69 -7.93 -41.82 -6.26
N THR A 70 -7.26 -42.75 -5.60
CA THR A 70 -6.40 -42.43 -4.48
C THR A 70 -5.03 -43.06 -4.70
N VAL A 71 -3.98 -42.28 -4.50
CA VAL A 71 -2.63 -42.76 -4.72
C VAL A 71 -1.74 -42.43 -3.53
N ALA A 72 -0.77 -43.32 -3.29
CA ALA A 72 0.28 -43.11 -2.32
C ALA A 72 1.57 -43.75 -2.81
N SER A 73 2.70 -43.15 -2.47
CA SER A 73 4.00 -43.69 -2.80
C SER A 73 4.23 -44.88 -1.91
N ASN A 74 4.95 -45.86 -2.42
CA ASN A 74 5.29 -47.01 -1.64
C ASN A 74 6.78 -47.10 -1.64
N GLY A 75 7.42 -45.96 -1.91
CA GLY A 75 8.87 -45.86 -1.99
C GLY A 75 9.32 -44.97 -3.13
N ASP A 76 8.59 -45.00 -4.25
CA ASP A 76 8.93 -44.16 -5.40
C ASP A 76 8.85 -42.71 -4.97
N ARG A 77 9.92 -41.96 -5.18
CA ARG A 77 10.07 -40.60 -4.66
C ARG A 77 9.66 -39.43 -5.56
N TRP A 78 9.63 -39.66 -6.85
CA TRP A 78 9.36 -38.60 -7.81
C TRP A 78 7.87 -38.40 -8.13
N ASP A 79 7.62 -37.30 -8.84
CA ASP A 79 6.31 -36.89 -9.28
C ASP A 79 6.16 -37.45 -10.68
N LYS A 80 5.52 -38.62 -10.79
CA LYS A 80 5.33 -39.29 -12.08
C LYS A 80 3.93 -39.10 -12.68
N SER A 81 3.89 -39.12 -14.01
CA SER A 81 2.62 -39.00 -14.77
C SER A 81 1.73 -40.23 -14.63
N GLY A 82 0.42 -39.99 -14.62
CA GLY A 82 -0.58 -41.06 -14.43
C GLY A 82 -1.80 -40.91 -15.32
N SER A 83 -2.42 -42.04 -15.64
CA SER A 83 -3.58 -42.07 -16.49
C SER A 83 -4.51 -43.16 -16.04
N CYS A 84 -5.69 -42.77 -15.60
CA CYS A 84 -6.75 -43.72 -15.26
C CYS A 84 -7.54 -43.78 -16.57
N PHE A 85 -7.80 -44.97 -17.07
CA PHE A 85 -8.36 -45.08 -18.40
C PHE A 85 -9.31 -46.24 -18.56
N VAL A 86 -9.88 -46.32 -19.76
CA VAL A 86 -10.71 -47.44 -20.15
C VAL A 86 -10.38 -47.82 -21.58
N LEU A 87 -10.34 -49.12 -21.87
CA LEU A 87 -10.07 -49.60 -23.22
C LEU A 87 -11.33 -49.38 -24.03
N PRO A 88 -11.22 -48.71 -25.17
CA PRO A 88 -12.43 -48.46 -25.97
C PRO A 88 -13.12 -49.74 -26.44
N LYS A 89 -14.42 -49.83 -26.22
CA LYS A 89 -15.21 -51.03 -26.56
C LYS A 89 -15.18 -51.34 -28.04
N GLU A 90 -15.19 -50.29 -28.86
CA GLU A 90 -15.23 -50.45 -30.30
C GLU A 90 -13.85 -50.74 -30.94
N SER A 91 -12.82 -51.05 -30.14
CA SER A 91 -11.48 -51.22 -30.72
C SER A 91 -10.99 -52.65 -30.67
N VAL A 92 -10.59 -53.20 -31.81
CA VAL A 92 -10.06 -54.57 -31.86
C VAL A 92 -8.71 -54.59 -31.18
N ILE A 93 -7.90 -53.60 -31.47
CA ILE A 93 -6.57 -53.51 -30.87
C ILE A 93 -6.59 -52.62 -29.63
N ASN A 94 -5.99 -53.10 -28.56
CA ASN A 94 -5.92 -52.31 -27.34
C ASN A 94 -4.67 -52.66 -26.52
N LEU A 95 -4.44 -51.90 -25.46
CA LEU A 95 -3.25 -52.04 -24.65
C LEU A 95 -3.03 -53.45 -24.18
N ASN A 97 -4.22 -56.53 -25.55
CA ASN A 97 -3.82 -57.55 -26.53
C ASN A 97 -2.48 -57.20 -27.20
N ILE A 98 -2.07 -55.94 -27.10
CA ILE A 98 -0.73 -55.55 -27.52
C ILE A 98 0.30 -56.11 -26.54
N ALA A 99 0.03 -55.95 -25.25
CA ALA A 99 0.87 -56.53 -24.22
C ALA A 99 0.97 -58.04 -24.34
N GLU A 100 -0.12 -58.70 -24.73
CA GLU A 100 -0.13 -60.16 -24.85
C GLU A 100 0.70 -60.62 -26.03
N GLY A 101 1.06 -59.70 -26.92
CA GLY A 101 1.82 -60.01 -28.12
C GLY A 101 0.95 -60.43 -29.29
N LYS A 102 -0.38 -60.34 -29.11
CA LYS A 102 -1.34 -60.78 -30.11
C LYS A 102 -1.57 -59.72 -31.18
N ARG A 103 -1.34 -58.45 -30.84
CA ARG A 103 -1.56 -57.35 -31.75
C ARG A 103 -0.51 -56.29 -31.56
N ALA A 104 -0.55 -55.31 -32.45
CA ALA A 104 0.36 -54.20 -32.40
C ALA A 104 -0.37 -52.92 -32.77
N PHE A 105 0.12 -51.80 -32.27
CA PHE A 105 -0.41 -50.56 -32.74
C PHE A 105 -0.22 -50.53 -34.26
N PRO A 106 -1.17 -49.98 -34.99
CA PRO A 106 -0.95 -49.96 -36.45
C PRO A 106 0.27 -49.11 -36.79
N ALA A 107 0.96 -49.49 -37.86
CA ALA A 107 2.08 -48.70 -38.35
C ALA A 107 1.54 -47.35 -38.77
N VAL A 108 2.36 -46.30 -38.67
CA VAL A 108 1.94 -44.99 -39.03
C VAL A 108 2.75 -44.41 -40.17
N ASP A 109 2.16 -43.45 -40.86
CA ASP A 109 2.80 -42.69 -41.91
C ASP A 109 3.82 -41.74 -41.26
N SER A 110 5.11 -41.97 -41.49
CA SER A 110 6.18 -41.13 -40.87
C SER A 110 6.17 -39.68 -41.25
N THR A 111 5.64 -39.36 -42.43
CA THR A 111 5.56 -37.95 -42.84
C THR A 111 4.57 -37.19 -41.95
N LYS A 112 3.58 -37.88 -41.39
CA LYS A 112 2.57 -37.25 -40.55
C LYS A 112 2.83 -37.43 -39.05
N TYR A 113 3.21 -38.64 -38.66
CA TYR A 113 3.29 -38.97 -37.25
C TYR A 113 4.62 -39.53 -36.80
N GLU A 114 5.65 -39.39 -37.63
CA GLU A 114 6.97 -39.86 -37.31
C GLU A 114 6.91 -41.31 -36.82
N LYS A 115 7.35 -41.53 -35.58
CA LYS A 115 7.37 -42.82 -34.96
C LYS A 115 6.44 -42.88 -33.73
N ILE A 117 3.57 -44.19 -32.61
CA ILE A 117 2.57 -45.19 -32.75
C ILE A 117 1.50 -45.08 -31.64
N GLY A 118 0.26 -45.40 -32.03
CA GLY A 118 -0.84 -45.46 -31.07
C GLY A 118 -1.42 -44.17 -30.56
N ILE A 119 -0.95 -43.04 -31.08
CA ILE A 119 -1.49 -41.76 -30.60
C ILE A 119 -2.75 -41.30 -31.36
N VAL A 120 -2.96 -41.80 -32.58
CA VAL A 120 -4.16 -41.52 -33.35
C VAL A 120 -4.83 -42.85 -33.79
N PRO A 121 -6.09 -42.82 -34.29
CA PRO A 121 -6.69 -44.06 -34.74
C PRO A 121 -6.04 -44.58 -35.99
N GLY A 122 -6.26 -45.85 -36.24
CA GLY A 122 -5.78 -46.51 -37.44
C GLY A 122 -6.62 -47.75 -37.61
N GLN A 123 -6.26 -48.53 -38.61
CA GLN A 123 -6.96 -49.76 -38.90
C GLN A 123 -7.12 -50.64 -37.64
N ASP A 124 -8.37 -50.90 -37.27
CA ASP A 124 -8.73 -51.71 -36.08
C ASP A 124 -8.24 -51.12 -34.74
N TYR A 125 -7.99 -49.82 -34.72
CA TYR A 125 -7.49 -49.17 -33.50
C TYR A 125 -8.13 -47.82 -33.21
N VAL A 126 -8.52 -47.67 -31.94
CA VAL A 126 -9.05 -46.44 -31.40
C VAL A 126 -8.21 -46.15 -30.18
N PRO A 127 -7.67 -44.93 -30.08
CA PRO A 127 -6.82 -44.61 -28.94
C PRO A 127 -7.51 -44.80 -27.61
N THR A 128 -6.70 -45.16 -26.64
CA THR A 128 -7.17 -45.32 -25.28
C THR A 128 -7.90 -44.06 -24.78
N LEU A 129 -8.99 -44.27 -24.05
CA LEU A 129 -9.80 -43.21 -23.51
C LEU A 129 -9.42 -42.94 -22.05
N GLU A 130 -9.10 -41.70 -21.73
CA GLU A 130 -8.75 -41.31 -20.35
C GLU A 130 -9.92 -40.90 -19.49
N LEU A 131 -10.08 -41.58 -18.36
CA LEU A 131 -11.09 -41.20 -17.39
C LEU A 131 -10.56 -40.06 -16.54
N ARG A 133 -6.58 -37.85 -15.88
CA ARG A 133 -5.15 -37.68 -15.92
C ARG A 133 -4.75 -37.19 -14.54
N PHE A 134 -3.70 -37.75 -13.95
CA PHE A 134 -3.22 -37.26 -12.68
C PHE A 134 -1.69 -37.26 -12.64
N THR A 136 1.35 -37.76 -9.75
CA THR A 136 1.64 -38.09 -8.38
C THR A 136 2.49 -37.01 -7.75
N PRO A 137 2.31 -36.83 -6.44
CA PRO A 137 3.13 -35.91 -5.73
C PRO A 137 4.45 -36.60 -5.42
N PHE A 138 5.36 -35.86 -4.78
CA PHE A 138 6.69 -36.36 -4.39
C PHE A 138 6.65 -37.18 -3.11
N GLY A 139 6.51 -38.49 -3.23
CA GLY A 139 6.60 -39.40 -2.09
C GLY A 139 5.53 -39.40 -1.01
N VAL A 140 4.30 -39.02 -1.34
CA VAL A 140 3.25 -38.98 -0.30
C VAL A 140 3.00 -40.38 0.29
N GLY A 141 2.81 -40.44 1.60
CA GLY A 141 2.59 -41.69 2.26
C GLY A 141 3.91 -42.25 2.76
N TYR A 142 4.66 -42.89 1.89
CA TYR A 142 5.90 -43.54 2.30
C TYR A 142 6.85 -42.58 3.00
N TYR A 143 6.93 -41.33 2.52
CA TYR A 143 7.80 -40.35 3.15
C TYR A 143 7.07 -39.34 4.04
N SER A 144 5.82 -39.62 4.35
CA SER A 144 5.03 -38.73 5.18
C SER A 144 5.17 -39.04 6.67
N SER A 145 6.38 -39.02 7.27
CA SER A 145 6.59 -39.36 8.74
C SER A 145 5.43 -38.89 9.71
N SER A 149 7.88 -35.09 15.23
CA SER A 149 8.78 -34.07 15.75
C SER A 149 8.38 -32.61 15.35
N LEU A 150 8.98 -31.60 15.99
CA LEU A 150 8.57 -30.20 15.78
C LEU A 150 9.33 -29.48 14.68
N SER A 151 10.65 -29.64 14.70
CA SER A 151 11.53 -29.00 13.73
C SER A 151 11.80 -30.10 12.74
N SER A 152 11.72 -29.74 11.45
CA SER A 152 11.93 -30.66 10.39
C SER A 152 12.77 -30.05 9.27
N LYS A 153 13.59 -30.86 8.63
CA LYS A 153 14.46 -30.34 7.60
C LYS A 153 13.72 -30.22 6.28
N ARG A 154 12.62 -30.97 6.14
CA ARG A 154 11.83 -31.00 4.91
C ARG A 154 10.50 -30.22 5.02
N ARG A 155 9.84 -30.39 6.15
CA ARG A 155 8.54 -29.79 6.42
C ARG A 155 8.62 -28.31 6.80
N PRO A 156 8.05 -27.43 5.96
CA PRO A 156 8.07 -26.01 6.32
C PRO A 156 7.21 -25.74 7.55
N VAL A 157 7.52 -24.67 8.28
CA VAL A 157 6.82 -24.29 9.52
C VAL A 157 5.32 -24.08 9.32
N TYR A 158 4.92 -23.69 8.10
CA TYR A 158 3.51 -23.44 7.80
C TYR A 158 2.74 -24.69 7.41
N ILE A 159 3.41 -25.84 7.41
CA ILE A 159 2.78 -27.13 7.11
C ILE A 159 2.79 -27.97 8.37
N PRO A 160 1.67 -28.04 9.08
CA PRO A 160 1.72 -28.81 10.35
C PRO A 160 1.90 -30.31 10.19
N LYS A 161 1.40 -30.90 9.12
CA LYS A 161 1.56 -32.37 8.92
C LYS A 161 1.42 -32.74 7.47
N TRP A 162 2.16 -33.76 7.08
CA TRP A 162 2.08 -34.25 5.73
C TRP A 162 0.84 -35.10 5.59
N GLU A 163 0.21 -35.03 4.44
CA GLU A 163 -0.89 -35.91 4.14
C GLU A 163 -0.25 -37.28 3.88
N LYS A 164 -1.01 -38.35 4.09
CA LYS A 164 -0.54 -39.72 3.90
C LYS A 164 -0.90 -40.30 2.53
N SER A 165 -1.71 -39.59 1.76
CA SER A 165 -2.14 -40.05 0.43
C SER A 165 -2.83 -38.90 -0.25
N VAL A 166 -3.11 -39.05 -1.55
CA VAL A 166 -3.81 -38.00 -2.32
C VAL A 166 -5.00 -38.62 -3.03
N THR A 167 -6.09 -37.86 -3.10
CA THR A 167 -7.37 -38.32 -3.64
C THR A 167 -8.01 -37.32 -4.55
N TRP A 168 -8.50 -37.82 -5.69
CA TRP A 168 -9.14 -37.00 -6.68
C TRP A 168 -10.51 -37.54 -7.02
N VAL A 169 -11.46 -36.65 -7.22
CA VAL A 169 -12.82 -37.04 -7.52
C VAL A 169 -13.30 -36.28 -8.73
N GLN A 170 -13.91 -36.97 -9.69
CA GLN A 170 -14.50 -36.27 -10.84
C GLN A 170 -15.77 -36.92 -11.24
N ASP A 171 -16.68 -36.10 -11.77
CA ASP A 171 -17.90 -36.58 -12.36
C ASP A 171 -17.53 -37.03 -13.78
N ILE A 172 -17.82 -38.27 -14.15
CA ILE A 172 -17.49 -38.74 -15.50
C ILE A 172 -18.72 -39.31 -16.19
N THR A 173 -19.87 -38.78 -15.82
CA THR A 173 -21.13 -39.22 -16.36
C THR A 173 -21.09 -39.30 -17.89
N ASP A 174 -20.46 -38.32 -18.54
CA ASP A 174 -20.36 -38.27 -20.01
C ASP A 174 -19.66 -39.49 -20.59
N LEU A 175 -18.89 -40.18 -19.76
CA LEU A 175 -18.17 -41.35 -20.20
C LEU A 175 -18.90 -42.67 -19.91
N TYR A 176 -20.16 -42.60 -19.48
CA TYR A 176 -20.91 -43.82 -19.19
C TYR A 176 -20.91 -44.78 -20.38
N PRO A 177 -21.07 -44.29 -21.61
CA PRO A 177 -21.08 -45.23 -22.75
C PRO A 177 -19.83 -46.10 -22.86
N ALA A 178 -18.67 -45.57 -22.50
CA ALA A 178 -17.44 -46.35 -22.49
C ALA A 178 -17.38 -47.38 -21.33
N LEU A 179 -18.20 -47.22 -20.31
CA LEU A 179 -18.23 -48.14 -19.17
C LEU A 179 -19.39 -49.13 -19.14
N GLU A 180 -20.43 -48.83 -19.90
CA GLU A 180 -21.68 -49.58 -19.92
C GLU A 180 -21.52 -51.08 -20.09
N ARG A 181 -22.35 -51.82 -19.35
CA ARG A 181 -22.44 -53.29 -19.43
C ARG A 181 -21.16 -53.99 -18.93
N GLU A 182 -20.09 -53.88 -19.70
CA GLU A 182 -18.81 -54.48 -19.38
C GLU A 182 -17.63 -53.70 -19.98
N ALA A 183 -16.60 -53.48 -19.18
CA ALA A 183 -15.45 -52.74 -19.69
C ALA A 183 -14.19 -53.02 -18.90
N TYR A 184 -13.05 -52.80 -19.56
CA TYR A 184 -11.76 -52.98 -18.91
C TYR A 184 -11.23 -51.62 -18.55
N VAL A 185 -11.10 -51.34 -17.25
CA VAL A 185 -10.56 -50.04 -16.82
C VAL A 185 -9.21 -50.27 -16.19
N GLY A 186 -8.38 -49.24 -16.19
CA GLY A 186 -7.07 -49.38 -15.59
C GLY A 186 -6.40 -48.11 -15.14
N ILE A 187 -5.24 -48.29 -14.54
CA ILE A 187 -4.42 -47.21 -14.12
C ILE A 187 -3.00 -47.47 -14.61
N TYR A 188 -2.40 -46.41 -15.17
CA TYR A 188 -1.03 -46.40 -15.60
C TYR A 188 -0.28 -45.34 -14.84
N ILE A 189 0.91 -45.68 -14.34
CA ILE A 189 1.79 -44.69 -13.71
C ILE A 189 3.19 -44.90 -14.29
N ASP A 190 3.83 -43.82 -14.71
CA ASP A 190 5.15 -43.89 -15.33
C ASP A 190 6.22 -44.10 -14.27
N THR A 191 6.10 -45.21 -13.56
CA THR A 191 7.03 -45.55 -12.49
C THR A 191 8.08 -46.53 -12.98
N TRP A 192 9.31 -46.31 -12.54
CA TRP A 192 10.42 -47.17 -12.93
C TRP A 192 11.06 -47.79 -11.71
N THR A 193 10.41 -47.74 -10.55
CA THR A 193 11.00 -48.34 -9.35
C THR A 193 10.27 -49.59 -8.95
N ALA A 194 10.97 -50.51 -8.29
CA ALA A 194 10.34 -51.71 -7.80
C ALA A 194 9.37 -51.38 -6.65
N GLU A 195 9.65 -50.33 -5.88
CA GLU A 195 8.79 -49.97 -4.77
C GLU A 195 7.45 -49.39 -5.27
N GLY A 196 7.54 -48.52 -6.27
CA GLY A 196 6.34 -47.96 -6.89
C GLY A 196 5.33 -47.30 -5.97
N TYR A 197 4.06 -47.51 -6.30
CA TYR A 197 2.95 -46.87 -5.67
C TYR A 197 1.86 -47.85 -5.36
N VAL A 198 0.86 -47.38 -4.61
CA VAL A 198 -0.36 -48.14 -4.40
C VAL A 198 -1.46 -47.24 -4.91
N ALA A 199 -2.41 -47.84 -5.62
CA ALA A 199 -3.51 -47.07 -6.20
C ALA A 199 -4.85 -47.69 -5.85
N SER A 200 -5.84 -46.83 -5.62
CA SER A 200 -7.20 -47.23 -5.32
C SER A 200 -8.12 -46.53 -6.30
N GLU A 202 -12.46 -46.14 -7.20
CA GLU A 202 -13.85 -46.41 -6.94
C GLU A 202 -14.74 -45.82 -8.03
N LEU A 203 -15.70 -46.59 -8.48
CA LEU A 203 -16.73 -46.09 -9.37
C LEU A 203 -18.05 -46.13 -8.63
N ASP A 204 -18.76 -45.01 -8.66
CA ASP A 204 -20.07 -44.87 -8.03
C ASP A 204 -21.10 -44.47 -9.08
N VAL A 205 -22.08 -45.33 -9.29
CA VAL A 205 -23.15 -45.06 -10.25
C VAL A 205 -24.44 -44.81 -9.47
N LYS A 206 -24.89 -43.55 -9.44
CA LYS A 206 -26.08 -43.16 -8.69
C LYS A 206 -27.24 -43.09 -9.69
N GLU A 207 -28.19 -44.02 -9.53
CA GLU A 207 -29.38 -44.10 -10.38
C GLU A 207 -30.42 -43.07 -10.02
N SER A 208 -31.00 -42.42 -11.03
CA SER A 208 -32.05 -41.43 -10.82
C SER A 208 -33.27 -42.03 -10.09
N LYS A 209 -33.82 -41.29 -9.14
CA LYS A 209 -34.98 -41.73 -8.37
C LYS A 209 -36.26 -41.41 -9.10
N ILE A 210 -36.18 -40.75 -10.26
CA ILE A 210 -37.38 -40.35 -11.01
C ILE A 210 -37.82 -41.40 -12.03
N THR A 211 -39.10 -41.78 -11.95
CA THR A 211 -39.68 -42.84 -12.78
C THR A 211 -39.61 -42.59 -14.28
N CYS A 212 -39.87 -41.34 -14.68
CA CYS A 212 -39.88 -40.95 -16.08
C CYS A 212 -38.48 -40.70 -16.67
N ASP A 213 -37.45 -40.59 -15.82
CA ASP A 213 -36.10 -40.12 -16.25
C ASP A 213 -35.29 -41.09 -17.11
N VAL A 214 -35.66 -41.18 -18.38
CA VAL A 214 -35.05 -42.10 -19.31
C VAL A 214 -33.59 -41.75 -19.52
N PRO A 216 -30.44 -40.81 -21.34
CA PRO A 216 -30.23 -40.29 -22.68
C PRO A 216 -29.24 -41.13 -23.42
N GLU A 217 -29.30 -41.05 -24.75
CA GLU A 217 -28.42 -41.81 -25.61
C GLU A 217 -27.08 -41.07 -25.74
N ARG A 218 -26.20 -41.27 -24.77
CA ARG A 218 -24.89 -40.62 -24.80
C ARG A 218 -23.91 -41.37 -25.70
N ARG A 219 -22.98 -40.63 -26.29
CA ARG A 219 -21.95 -41.23 -27.15
C ARG A 219 -20.58 -40.66 -26.82
N VAL A 220 -19.53 -41.45 -27.05
CA VAL A 220 -18.17 -41.03 -26.80
C VAL A 220 -17.31 -41.44 -27.95
N LYS A 221 -16.46 -40.55 -28.46
CA LYS A 221 -15.56 -40.91 -29.56
C LYS A 221 -14.13 -40.44 -29.30
N PRO A 222 -13.27 -41.37 -28.90
CA PRO A 222 -11.89 -41.02 -28.68
C PRO A 222 -11.19 -40.63 -29.98
N LEU A 223 -10.43 -39.54 -29.94
CA LEU A 223 -9.69 -39.05 -31.09
C LEU A 223 -8.18 -39.22 -31.01
N ASN A 225 -4.52 -39.73 -28.19
CA ASN A 225 -3.94 -40.00 -26.89
C ASN A 225 -2.43 -40.25 -27.02
N THR A 226 -1.64 -39.28 -26.59
CA THR A 226 -0.19 -39.37 -26.71
C THR A 226 0.46 -40.01 -25.51
N VAL A 227 -0.33 -40.43 -24.54
CA VAL A 227 0.24 -41.09 -23.37
C VAL A 227 1.00 -42.35 -23.85
N TYR A 228 2.25 -42.48 -23.42
CA TYR A 228 3.13 -43.57 -23.81
C TYR A 228 2.92 -44.78 -22.89
N TYR A 229 1.80 -45.46 -23.10
CA TYR A 229 1.44 -46.63 -22.29
C TYR A 229 2.37 -47.81 -22.49
N ILE A 230 2.65 -48.16 -23.74
CA ILE A 230 3.37 -49.41 -24.01
C ILE A 230 4.15 -49.42 -25.32
N GLY A 231 5.47 -49.54 -25.23
CA GLY A 231 6.36 -49.54 -26.40
C GLY A 231 6.23 -48.26 -27.19
N GLN A 232 5.89 -47.18 -26.48
CA GLN A 232 5.65 -45.89 -27.08
C GLN A 232 6.73 -44.91 -26.68
N THR A 233 6.83 -43.86 -27.46
CA THR A 233 7.89 -42.90 -27.34
C THR A 233 7.37 -41.58 -26.76
N TYR A 234 8.23 -40.83 -26.09
CA TYR A 234 7.90 -39.52 -25.56
C TYR A 234 7.33 -38.63 -26.66
N PRO A 235 6.16 -38.00 -26.44
CA PRO A 235 5.55 -37.20 -27.49
C PRO A 235 6.00 -35.72 -27.59
N ASP A 236 7.18 -35.52 -28.18
CA ASP A 236 7.67 -34.18 -28.48
C ASP A 236 7.39 -33.79 -29.95
N ILE A 237 6.59 -34.62 -30.64
CA ILE A 237 6.31 -34.41 -32.06
C ILE A 237 5.81 -33.00 -32.38
N PHE A 238 5.08 -32.39 -31.45
CA PHE A 238 4.56 -31.05 -31.65
C PHE A 238 5.64 -30.01 -31.89
N SER A 239 6.87 -30.31 -31.50
CA SER A 239 8.00 -29.40 -31.69
C SER A 239 8.45 -29.33 -33.15
N ARG A 240 8.12 -30.34 -33.97
CA ARG A 240 8.43 -30.33 -35.42
C ARG A 240 7.18 -30.21 -36.29
N LYS A 241 6.06 -30.79 -35.86
CA LYS A 241 4.84 -30.68 -36.64
C LYS A 241 3.57 -30.81 -35.81
N ASP A 242 2.50 -30.25 -36.37
CA ASP A 242 1.19 -30.35 -35.78
C ASP A 242 0.70 -31.77 -35.98
N VAL A 243 -0.13 -32.26 -35.07
CA VAL A 243 -0.70 -33.59 -35.25
C VAL A 243 -2.09 -33.42 -35.87
N VAL A 244 -2.21 -33.86 -37.12
CA VAL A 244 -3.47 -33.74 -37.89
C VAL A 244 -4.02 -35.11 -38.20
N ASP A 246 -7.84 -37.53 -39.39
CA ASP A 246 -9.19 -37.62 -39.87
C ASP A 246 -10.01 -38.50 -38.97
N PHE A 247 -11.30 -38.24 -38.91
CA PHE A 247 -12.16 -39.17 -38.20
C PHE A 247 -13.49 -39.28 -38.91
N ASP A 248 -14.20 -40.36 -38.65
CA ASP A 248 -15.46 -40.62 -39.31
C ASP A 248 -16.63 -40.52 -38.32
N PRO A 250 -20.27 -41.85 -38.33
CA PRO A 250 -21.19 -42.68 -39.11
C PRO A 250 -22.59 -42.10 -39.24
N LYS A 251 -23.02 -41.34 -38.23
CA LYS A 251 -24.32 -40.68 -38.24
C LYS A 251 -24.08 -39.23 -37.88
N ALA A 252 -24.94 -38.37 -38.38
CA ALA A 252 -24.86 -36.96 -38.00
C ALA A 252 -25.06 -36.83 -36.48
N ALA A 253 -24.44 -35.81 -35.87
CA ALA A 253 -24.60 -35.55 -34.43
C ALA A 253 -24.80 -34.08 -34.13
N LYS A 254 -25.59 -33.82 -33.10
CA LYS A 254 -25.93 -32.46 -32.73
C LYS A 254 -25.29 -32.03 -31.44
N ASN A 255 -24.90 -30.77 -31.39
CA ASN A 255 -24.32 -30.17 -30.19
C ASN A 255 -23.20 -31.04 -29.60
N VAL A 256 -22.22 -31.31 -30.44
CA VAL A 256 -21.09 -32.13 -30.05
C VAL A 256 -20.11 -31.29 -29.21
N ARG A 257 -19.51 -31.90 -28.19
CA ARG A 257 -18.52 -31.22 -27.37
C ARG A 257 -17.20 -31.96 -27.43
N LEU A 258 -16.12 -31.19 -27.47
CA LEU A 258 -14.78 -31.72 -27.44
C LEU A 258 -14.22 -31.62 -26.06
N LYS A 259 -13.57 -32.67 -25.57
CA LYS A 259 -12.89 -32.63 -24.29
C LYS A 259 -11.42 -32.85 -24.60
N TYR A 260 -10.58 -32.01 -24.02
CA TYR A 260 -9.16 -31.96 -24.29
C TYR A 260 -8.39 -31.96 -22.97
N ILE A 261 -7.53 -32.97 -22.80
CA ILE A 261 -6.76 -33.15 -21.61
C ILE A 261 -5.29 -32.98 -21.94
N VAL A 262 -4.67 -31.93 -21.42
CA VAL A 262 -3.27 -31.70 -21.73
C VAL A 262 -2.41 -31.35 -20.53
N THR A 263 -1.20 -31.92 -20.51
CA THR A 263 -0.19 -31.57 -19.54
C THR A 263 1.13 -31.49 -20.28
N GLY A 264 1.93 -30.49 -19.92
CA GLY A 264 3.27 -30.27 -20.50
C GLY A 264 4.34 -30.89 -19.61
N HIS A 265 5.43 -31.36 -20.23
CA HIS A 265 6.45 -32.07 -19.50
C HIS A 265 7.87 -31.79 -19.94
N GLY A 266 8.81 -32.21 -19.10
CA GLY A 266 10.24 -31.96 -19.29
C GLY A 266 10.63 -31.23 -18.03
N GLY A 267 10.95 -32.02 -16.99
CA GLY A 267 11.22 -31.52 -15.64
C GLY A 267 12.56 -30.91 -15.29
N HIS A 268 13.37 -30.68 -16.31
CA HIS A 268 14.61 -30.02 -16.13
C HIS A 268 14.34 -28.52 -16.22
N SER A 269 15.33 -27.72 -15.86
CA SER A 269 15.14 -26.28 -15.88
C SER A 269 14.92 -25.77 -17.31
N GLY A 270 13.84 -25.02 -17.49
CA GLY A 270 13.50 -24.45 -18.79
C GLY A 270 12.75 -25.42 -19.69
N GLY A 271 12.40 -26.60 -19.19
CA GLY A 271 11.65 -27.60 -19.97
C GLY A 271 10.15 -27.28 -20.08
N ASP A 272 9.42 -28.00 -20.93
CA ASP A 272 8.00 -27.69 -21.13
C ASP A 272 7.09 -27.96 -19.91
N GLU A 273 7.62 -28.60 -18.87
CA GLU A 273 6.88 -28.70 -17.64
C GLU A 273 6.72 -27.33 -16.98
N PHE A 274 7.71 -26.48 -17.17
CA PHE A 274 7.77 -25.18 -16.47
C PHE A 274 7.69 -23.93 -17.31
N VAL A 275 7.41 -24.04 -18.59
CA VAL A 275 7.33 -22.88 -19.48
C VAL A 275 5.94 -22.84 -20.14
N GLU A 276 5.43 -21.64 -20.34
CA GLU A 276 4.12 -21.46 -20.94
C GLU A 276 4.15 -21.71 -22.43
N LYS A 277 3.28 -22.58 -22.94
CA LYS A 277 3.19 -22.89 -24.39
C LYS A 277 1.75 -22.93 -24.87
N ARG A 278 1.45 -22.09 -25.84
CA ARG A 278 0.11 -22.01 -26.39
C ARG A 278 -0.30 -23.31 -27.09
N ASN A 279 -1.51 -23.81 -26.80
CA ASN A 279 -2.10 -24.97 -27.44
C ASN A 279 -3.20 -24.47 -28.33
N ILE A 280 -3.21 -24.90 -29.58
CA ILE A 280 -4.26 -24.51 -30.53
C ILE A 280 -4.88 -25.77 -31.10
N VAL A 281 -6.18 -25.93 -30.88
CA VAL A 281 -6.90 -27.13 -31.27
C VAL A 281 -7.98 -26.76 -32.26
N SER A 282 -8.03 -27.49 -33.37
CA SER A 282 -8.97 -27.18 -34.45
C SER A 282 -9.75 -28.38 -34.93
N VAL A 283 -10.98 -28.14 -35.36
CA VAL A 283 -11.84 -29.16 -35.95
C VAL A 283 -12.36 -28.64 -37.27
N ASP A 284 -12.21 -29.43 -38.33
CA ASP A 284 -12.66 -29.03 -39.67
C ASP A 284 -12.12 -27.66 -40.04
N GLY A 285 -10.86 -27.43 -39.67
CA GLY A 285 -10.20 -26.16 -39.98
C GLY A 285 -10.55 -24.96 -39.12
N LYS A 286 -11.50 -25.08 -38.17
CA LYS A 286 -11.83 -23.94 -37.27
C LYS A 286 -11.14 -24.16 -35.91
N GLU A 287 -10.47 -23.15 -35.37
CA GLU A 287 -9.95 -23.22 -34.02
C GLU A 287 -11.11 -23.39 -33.03
N VAL A 288 -10.99 -24.31 -32.08
CA VAL A 288 -12.06 -24.48 -31.08
C VAL A 288 -11.50 -24.28 -29.67
N LEU A 289 -10.19 -24.46 -29.51
CA LEU A 289 -9.49 -24.11 -28.28
C LEU A 289 -8.20 -23.43 -28.67
N ASN A 290 -7.86 -22.37 -27.95
CA ASN A 290 -6.62 -21.65 -28.16
C ASN A 290 -6.27 -21.03 -26.84
N PHE A 291 -5.31 -21.62 -26.14
CA PHE A 291 -4.99 -21.22 -24.78
C PHE A 291 -3.65 -21.73 -24.26
N ILE A 292 -3.16 -21.15 -23.17
CA ILE A 292 -1.95 -21.57 -22.49
C ILE A 292 -2.31 -22.51 -21.34
N PRO A 293 -1.99 -23.81 -21.44
CA PRO A 293 -2.29 -24.70 -20.32
C PRO A 293 -1.36 -24.40 -19.16
N TRP A 294 -1.91 -23.93 -18.04
CA TRP A 294 -1.09 -23.46 -16.95
C TRP A 294 -1.77 -23.51 -15.55
N ARG A 295 -0.99 -23.79 -14.50
CA ARG A 295 -1.44 -23.69 -13.07
C ARG A 295 -0.43 -22.94 -12.26
N ASP A 296 -0.94 -21.98 -11.49
CA ASP A 296 -0.15 -21.06 -10.71
C ASP A 296 -0.47 -21.19 -9.21
N ASP A 297 -1.07 -22.31 -8.84
CA ASP A 297 -1.46 -22.55 -7.41
C ASP A 297 -0.81 -23.78 -6.80
N CYS A 298 0.35 -24.17 -7.30
CA CYS A 298 0.93 -25.42 -6.85
C CYS A 298 1.34 -25.41 -5.38
N ALA A 299 1.50 -24.23 -4.78
CA ALA A 299 1.83 -24.19 -3.37
C ALA A 299 0.74 -24.82 -2.56
N SER A 300 -0.48 -24.82 -3.09
CA SER A 300 -1.61 -25.37 -2.35
C SER A 300 -1.51 -26.85 -2.14
N PHE A 301 -0.62 -27.51 -2.90
CA PHE A 301 -0.43 -28.94 -2.79
C PHE A 301 0.74 -29.30 -1.88
N ARG A 302 1.32 -28.32 -1.19
CA ARG A 302 2.58 -28.56 -0.46
C ARG A 302 2.51 -29.73 0.50
N ARG A 303 1.44 -29.84 1.23
CA ARG A 303 1.36 -30.88 2.24
C ARG A 303 1.33 -32.30 1.67
N PHE A 304 1.15 -32.44 0.37
CA PHE A 304 1.18 -33.75 -0.26
C PHE A 304 2.58 -34.13 -0.79
N ASN A 305 3.57 -33.27 -0.60
CA ASN A 305 4.89 -33.45 -1.22
C ASN A 305 6.08 -33.49 -0.28
N PRO A 306 6.11 -34.47 0.60
CA PRO A 306 7.18 -34.53 1.57
C PRO A 306 8.57 -34.73 0.97
N ALA A 307 8.67 -35.39 -0.17
CA ALA A 307 10.00 -35.71 -0.75
C ALA A 307 10.43 -34.75 -1.84
N THR A 308 9.73 -33.63 -2.01
CA THR A 308 10.11 -32.68 -3.06
C THR A 308 11.47 -32.05 -2.82
N GLY A 309 12.11 -31.67 -3.90
CA GLY A 309 13.36 -30.94 -3.81
C GLY A 309 13.08 -29.53 -3.30
N VAL A 310 14.10 -28.89 -2.73
CA VAL A 310 13.99 -27.56 -2.14
C VAL A 310 15.19 -26.69 -2.48
N TRP A 311 14.95 -25.41 -2.76
CA TRP A 311 16.01 -24.40 -2.97
C TRP A 311 15.87 -23.26 -1.95
N LEU A 312 16.94 -22.49 -1.72
CA LEU A 312 16.85 -21.28 -0.89
C LEU A 312 16.88 -20.05 -1.80
N ILE A 313 15.86 -19.21 -1.71
CA ILE A 313 15.75 -18.00 -2.52
C ILE A 313 15.86 -16.81 -1.63
N PRO A 314 16.79 -15.90 -1.89
CA PRO A 314 16.94 -14.73 -0.99
C PRO A 314 15.88 -13.68 -1.26
N ARG A 315 15.47 -12.97 -0.23
CA ARG A 315 14.51 -11.90 -0.39
C ARG A 315 14.42 -11.10 0.91
N VAL A 316 14.01 -9.86 0.76
CA VAL A 316 13.74 -9.02 1.92
C VAL A 316 12.31 -9.32 2.34
N ALA A 317 12.08 -9.64 3.61
CA ALA A 317 10.74 -9.98 4.09
C ALA A 317 10.27 -9.17 5.25
N ALA A 318 8.99 -8.82 5.24
CA ALA A 318 8.36 -8.08 6.32
C ALA A 318 7.89 -9.06 7.36
N TYR A 319 8.06 -8.70 8.64
CA TYR A 319 7.65 -9.59 9.71
C TYR A 319 7.48 -8.82 11.00
N ILE A 320 6.81 -9.45 11.98
CA ILE A 320 6.62 -8.82 13.32
C ILE A 320 7.72 -9.36 14.22
N GLY A 321 8.61 -8.45 14.60
CA GLY A 321 9.69 -8.75 15.52
C GLY A 321 9.26 -8.26 16.87
N ASP A 322 10.09 -8.47 17.87
CA ASP A 322 9.72 -8.05 19.23
C ASP A 322 9.53 -6.53 19.36
N LYS A 323 10.14 -5.73 18.48
CA LYS A 323 9.98 -4.27 18.55
C LYS A 323 9.06 -3.74 17.43
N GLY A 324 8.04 -4.50 17.05
CA GLY A 324 7.09 -4.07 15.99
C GLY A 324 7.42 -4.56 14.57
N TYR A 325 6.63 -4.13 13.57
CA TYR A 325 6.87 -4.56 12.15
C TYR A 325 8.21 -4.08 11.61
N THR A 326 8.89 -4.96 10.88
CA THR A 326 10.20 -4.62 10.35
C THR A 326 10.50 -5.50 9.14
N THR A 327 11.69 -5.32 8.55
CA THR A 327 12.08 -6.10 7.38
C THR A 327 13.50 -6.59 7.53
N LYS A 328 13.80 -7.73 6.92
CA LYS A 328 15.15 -8.27 7.00
C LYS A 328 15.36 -9.27 5.88
N GLU A 329 16.63 -9.50 5.59
CA GLU A 329 16.97 -10.45 4.55
C GLU A 329 16.81 -11.83 5.11
N ILE A 330 16.25 -12.71 4.28
CA ILE A 330 16.11 -14.10 4.60
C ILE A 330 16.39 -14.92 3.37
N GLU A 331 16.52 -16.24 3.60
CA GLU A 331 16.76 -17.24 2.55
C GLU A 331 15.60 -18.16 2.65
N GLU A 332 14.68 -17.98 1.72
CA GLU A 332 13.38 -18.63 1.83
C GLU A 332 13.31 -19.91 1.03
N PRO A 333 12.92 -21.01 1.68
CA PRO A 333 12.72 -22.24 0.98
C PRO A 333 11.59 -22.19 -0.06
N LEU A 334 11.91 -22.68 -1.24
CA LEU A 334 11.00 -22.80 -2.36
C LEU A 334 11.05 -24.25 -2.77
N ALA A 335 9.92 -24.93 -2.77
CA ALA A 335 9.88 -26.34 -3.16
C ALA A 335 9.64 -26.52 -4.64
N SER A 336 10.19 -27.58 -5.24
CA SER A 336 9.89 -27.86 -6.66
C SER A 336 8.38 -27.96 -6.83
N SER A 337 7.69 -28.55 -5.84
CA SER A 337 6.24 -28.72 -5.91
C SER A 337 5.48 -27.41 -5.89
N ASP A 338 6.07 -26.34 -5.36
CA ASP A 338 5.44 -25.02 -5.34
C ASP A 338 5.39 -24.37 -6.73
N LEU A 339 6.28 -24.78 -7.61
CA LEU A 339 6.41 -24.10 -8.90
C LEU A 339 5.19 -24.20 -9.79
N SER A 340 4.90 -23.10 -10.47
CA SER A 340 3.90 -23.11 -11.51
C SER A 340 4.33 -24.05 -12.70
N ARG A 341 3.36 -24.78 -13.27
CA ARG A 341 3.61 -25.77 -14.31
C ARG A 341 2.58 -25.73 -15.43
N SER A 342 2.87 -26.46 -16.50
CA SER A 342 1.98 -26.55 -17.64
C SER A 342 0.75 -27.44 -17.42
N ASN A 343 -0.18 -26.88 -16.65
CA ASN A 343 -1.52 -27.42 -16.41
C ASN A 343 -1.65 -28.51 -15.36
N TRP A 344 -0.70 -28.60 -14.44
CA TRP A 344 -0.79 -29.56 -13.33
C TRP A 344 0.12 -29.22 -12.17
N CYS A 345 -0.03 -29.95 -11.07
CA CYS A 345 0.88 -29.79 -9.93
C CYS A 345 1.13 -31.17 -9.43
N PRO A 346 2.26 -31.39 -8.75
CA PRO A 346 2.46 -32.69 -8.15
C PRO A 346 1.42 -32.91 -7.07
N GLY A 347 0.51 -33.85 -7.33
CA GLY A 347 -0.60 -34.10 -6.42
C GLY A 347 -1.96 -33.67 -6.97
N SER A 348 -1.98 -33.15 -8.20
CA SER A 348 -3.23 -32.75 -8.82
C SER A 348 -3.74 -33.73 -9.85
N ASP A 349 -5.01 -33.58 -10.20
CA ASP A 349 -5.57 -34.26 -11.34
C ASP A 349 -5.71 -33.18 -12.42
N VAL A 350 -6.36 -33.49 -13.53
CA VAL A 350 -6.52 -32.54 -14.63
C VAL A 350 -7.96 -32.51 -15.11
N PRO A 352 -10.66 -31.66 -17.77
CA PRO A 352 -10.51 -31.45 -19.19
C PRO A 352 -11.06 -30.12 -19.62
N GLU A 353 -10.45 -29.48 -20.61
CA GLU A 353 -11.05 -28.29 -21.19
C GLU A 353 -12.13 -28.78 -22.11
N GLU A 354 -13.22 -28.05 -22.19
CA GLU A 354 -14.32 -28.37 -23.07
C GLU A 354 -14.51 -27.30 -24.11
N ALA A 355 -15.05 -27.68 -25.24
CA ALA A 355 -15.41 -26.74 -26.25
C ALA A 355 -16.65 -27.26 -26.94
N VAL A 356 -17.62 -26.40 -27.15
CA VAL A 356 -18.80 -26.76 -27.90
C VAL A 356 -18.45 -26.67 -29.39
N ILE A 357 -18.39 -27.83 -30.06
CA ILE A 357 -18.11 -27.94 -31.50
C ILE A 357 -19.30 -27.59 -32.36
N GLY A 358 -20.49 -27.94 -31.90
CA GLY A 358 -21.70 -27.71 -32.67
C GLY A 358 -22.10 -29.01 -33.34
N ASP A 359 -22.86 -28.89 -34.42
CA ASP A 359 -23.32 -30.06 -35.16
C ASP A 359 -22.20 -30.61 -36.02
N LEU A 360 -22.18 -31.93 -36.20
CA LEU A 360 -21.24 -32.57 -37.11
C LEU A 360 -22.01 -33.46 -38.07
N SER A 361 -21.79 -33.29 -39.37
CA SER A 361 -22.44 -34.07 -40.40
C SER A 361 -21.90 -35.48 -40.39
N ALA A 362 -22.66 -36.41 -40.95
CA ALA A 362 -22.15 -37.74 -41.13
C ALA A 362 -21.02 -37.66 -42.17
N GLY A 363 -19.99 -38.47 -42.00
CA GLY A 363 -18.85 -38.50 -42.93
C GLY A 363 -17.52 -38.13 -42.28
N LYS A 364 -16.58 -37.71 -43.13
CA LYS A 364 -15.22 -37.38 -42.75
C LYS A 364 -15.07 -35.99 -42.10
N HIS A 365 -14.23 -35.90 -41.08
CA HIS A 365 -13.93 -34.65 -40.39
C HIS A 365 -12.46 -34.67 -40.03
N SER A 366 -11.91 -33.50 -39.79
CA SER A 366 -10.51 -33.38 -39.46
C SER A 366 -10.37 -32.82 -38.05
N PHE A 367 -9.26 -33.16 -37.40
CA PHE A 367 -8.92 -32.72 -36.07
C PHE A 367 -7.43 -32.42 -36.02
N LYS A 368 -7.06 -31.34 -35.35
CA LYS A 368 -5.67 -30.89 -35.32
C LYS A 368 -5.27 -30.31 -33.96
N VAL A 369 -4.08 -30.70 -33.50
CA VAL A 369 -3.54 -30.21 -32.28
C VAL A 369 -2.18 -29.63 -32.60
N SER A 370 -2.00 -28.35 -32.25
CA SER A 370 -0.77 -27.62 -32.48
C SER A 370 -0.26 -26.99 -31.19
N ILE A 371 0.97 -27.29 -30.84
CA ILE A 371 1.68 -26.68 -29.70
C ILE A 371 2.98 -26.19 -30.32
N PRO A 372 2.88 -25.13 -31.11
CA PRO A 372 3.96 -24.69 -32.01
C PRO A 372 5.33 -24.36 -31.40
N GLU A 373 5.39 -23.88 -30.16
CA GLU A 373 6.68 -23.57 -29.56
C GLU A 373 7.14 -24.70 -28.66
N ALA A 374 6.50 -25.86 -28.75
CA ALA A 374 6.92 -27.02 -27.94
C ALA A 374 8.38 -27.31 -28.22
N GLN A 375 9.09 -27.81 -27.21
CA GLN A 375 10.49 -28.10 -27.39
C GLN A 375 10.75 -29.56 -27.75
N GLN A 376 11.87 -29.78 -28.41
CA GLN A 376 12.30 -31.12 -28.74
C GLN A 376 12.98 -31.82 -27.58
N VAL A 377 12.94 -33.14 -27.61
CA VAL A 377 13.70 -33.94 -26.71
C VAL A 377 15.15 -33.68 -27.08
N ASP A 378 16.01 -33.55 -26.07
CA ASP A 378 17.41 -33.26 -26.27
C ASP A 378 18.23 -34.06 -25.25
N GLY A 379 18.66 -35.25 -25.66
CA GLY A 379 19.40 -36.10 -24.76
C GLY A 379 18.51 -36.45 -23.59
N ASN A 380 18.90 -36.04 -22.39
CA ASN A 380 18.13 -36.35 -21.18
C ASN A 380 17.03 -35.33 -20.86
N LYS A 381 16.89 -34.29 -21.68
CA LYS A 381 15.85 -33.28 -21.53
C LYS A 381 14.62 -33.86 -22.22
N LEU A 382 13.70 -34.41 -21.44
CA LEU A 382 12.55 -35.12 -22.01
C LEU A 382 11.28 -34.28 -22.17
N ASN A 383 11.39 -33.24 -22.97
CA ASN A 383 10.27 -32.39 -23.28
C ASN A 383 9.22 -33.15 -24.05
N HIS A 384 7.96 -33.04 -23.63
CA HIS A 384 6.87 -33.65 -24.33
C HIS A 384 5.54 -33.13 -23.83
N TRP A 385 4.48 -33.47 -24.56
CA TRP A 385 3.14 -33.08 -24.20
C TRP A 385 2.20 -34.30 -24.18
N LEU A 386 1.59 -34.54 -23.02
CA LEU A 386 0.61 -35.60 -22.89
C LEU A 386 -0.75 -34.96 -23.24
N VAL A 387 -1.33 -35.45 -24.32
CA VAL A 387 -2.57 -34.94 -24.83
C VAL A 387 -3.53 -36.07 -25.14
N SER A 388 -4.77 -35.94 -24.70
CA SER A 388 -5.78 -36.91 -25.11
C SER A 388 -7.00 -36.07 -25.45
N ALA A 389 -7.84 -36.59 -26.32
CA ALA A 389 -9.02 -35.84 -26.69
C ALA A 389 -10.10 -36.76 -27.17
N TYR A 390 -11.34 -36.35 -26.91
CA TYR A 390 -12.46 -37.13 -27.32
C TYR A 390 -13.67 -36.26 -27.45
N LEU A 391 -14.68 -36.81 -28.11
CA LEU A 391 -15.92 -36.10 -28.37
C LEU A 391 -17.01 -36.75 -27.59
N VAL A 392 -18.02 -35.97 -27.21
CA VAL A 392 -19.20 -36.50 -26.52
C VAL A 392 -20.41 -35.78 -27.02
N TRP A 393 -21.53 -36.50 -27.08
CA TRP A 393 -22.78 -35.91 -27.51
C TRP A 393 -23.92 -36.84 -27.18
N GLU A 394 -25.16 -36.36 -27.26
CA GLU A 394 -26.38 -37.15 -27.09
C GLU A 394 -27.04 -37.35 -28.44
N GLU A 395 -27.53 -38.55 -28.73
CA GLU A 395 -28.16 -38.83 -29.99
C GLU A 395 -29.63 -38.98 -29.67
N GLU B 6 -47.85 -33.99 -15.94
CA GLU B 6 -47.08 -32.96 -16.73
C GLU B 6 -47.23 -31.58 -16.10
N LEU B 7 -46.11 -31.05 -15.59
CA LEU B 7 -46.09 -29.75 -14.90
C LEU B 7 -45.47 -28.64 -15.72
N PRO B 8 -46.08 -27.43 -15.65
CA PRO B 8 -45.54 -26.34 -16.45
C PRO B 8 -44.16 -25.86 -15.97
N ALA B 9 -43.36 -25.38 -16.92
CA ALA B 9 -42.03 -24.86 -16.64
C ALA B 9 -42.05 -23.35 -16.47
N LEU B 10 -41.62 -22.89 -15.30
CA LEU B 10 -41.52 -21.47 -15.01
C LEU B 10 -40.15 -20.94 -15.48
N GLY B 11 -39.17 -21.82 -15.64
CA GLY B 11 -37.82 -21.41 -15.99
C GLY B 11 -36.98 -21.10 -14.74
N ASN B 12 -35.70 -20.83 -14.95
CA ASN B 12 -34.79 -20.56 -13.85
C ASN B 12 -34.93 -19.17 -13.28
N THR B 13 -34.46 -19.00 -12.05
CA THR B 13 -34.51 -17.70 -11.40
C THR B 13 -33.20 -17.40 -10.80
N HIS B 14 -32.67 -16.24 -11.14
CA HIS B 14 -31.43 -15.80 -10.59
C HIS B 14 -31.66 -14.50 -9.82
N ILE B 15 -31.07 -14.37 -8.64
CA ILE B 15 -31.19 -13.11 -7.90
C ILE B 15 -29.83 -12.61 -7.43
N GLN B 16 -29.51 -11.37 -7.77
CA GLN B 16 -28.32 -10.72 -7.34
C GLN B 16 -28.75 -10.00 -6.07
N VAL B 17 -28.71 -10.69 -4.95
CA VAL B 17 -29.18 -10.13 -3.70
C VAL B 17 -28.37 -8.92 -3.26
N PHE B 18 -27.06 -9.12 -3.15
CA PHE B 18 -26.13 -8.07 -2.78
C PHE B 18 -25.03 -8.04 -3.84
N ASP B 19 -24.50 -6.86 -4.10
CA ASP B 19 -23.47 -6.67 -5.08
C ASP B 19 -22.45 -5.65 -4.54
N LYS B 20 -21.37 -6.16 -3.96
CA LYS B 20 -20.35 -5.32 -3.29
C LYS B 20 -21.01 -4.36 -2.32
N THR B 21 -22.02 -4.87 -1.63
CA THR B 21 -22.74 -4.09 -0.65
C THR B 21 -21.88 -3.97 0.60
N PRO B 22 -21.63 -2.75 1.05
CA PRO B 22 -20.80 -2.59 2.26
C PRO B 22 -21.38 -3.17 3.56
N VAL B 23 -20.50 -3.80 4.33
CA VAL B 23 -20.81 -4.32 5.64
C VAL B 23 -19.78 -3.68 6.53
N CYS B 24 -20.21 -2.89 7.50
CA CYS B 24 -19.27 -2.12 8.33
C CYS B 24 -19.85 -1.71 9.68
N PHE B 25 -19.08 -0.99 10.48
CA PHE B 25 -19.53 -0.50 11.76
C PHE B 25 -19.40 1.02 11.78
N ARG B 26 -20.52 1.68 11.54
CA ARG B 26 -20.60 3.13 11.50
C ARG B 26 -21.80 3.64 12.27
N PRO B 27 -21.71 3.61 13.59
CA PRO B 27 -22.85 3.94 14.46
C PRO B 27 -23.33 5.37 14.38
N ASP B 28 -22.52 6.27 13.84
CA ASP B 28 -22.95 7.66 13.67
C ASP B 28 -23.80 7.81 12.41
N SER B 29 -23.58 6.96 11.42
CA SER B 29 -24.40 6.97 10.21
C SER B 29 -25.59 6.01 10.29
N PHE B 30 -25.43 4.88 10.97
CA PHE B 30 -26.49 3.85 11.00
C PHE B 30 -26.80 3.40 12.42
N PRO B 31 -28.08 3.50 12.85
CA PRO B 31 -28.43 3.06 14.20
C PRO B 31 -28.72 1.58 14.16
N ASN B 32 -29.41 1.04 15.15
CA ASN B 32 -29.70 -0.39 15.14
C ASN B 32 -30.53 -0.84 13.99
N TYR B 33 -31.35 0.06 13.45
CA TYR B 33 -32.20 -0.26 12.33
C TYR B 33 -32.31 0.90 11.36
N THR B 34 -32.06 0.61 10.09
CA THR B 34 -32.17 1.59 9.00
C THR B 34 -33.07 0.96 7.95
N PRO B 35 -34.18 1.62 7.60
CA PRO B 35 -35.08 0.95 6.65
C PRO B 35 -34.48 0.79 5.27
N ALA B 36 -35.14 -0.04 4.46
CA ALA B 36 -34.71 -0.35 3.10
C ALA B 36 -34.29 0.89 2.34
N ASN B 37 -33.09 0.87 1.80
CA ASN B 37 -32.63 1.98 0.97
C ASN B 37 -33.20 1.82 -0.47
N ALA B 38 -32.75 2.64 -1.40
CA ALA B 38 -33.30 2.57 -2.77
C ALA B 38 -33.07 1.19 -3.43
N ASP B 39 -32.04 0.46 -3.01
CA ASP B 39 -31.74 -0.85 -3.60
C ASP B 39 -32.36 -2.00 -2.84
N GLY B 40 -33.18 -1.72 -1.84
CA GLY B 40 -33.82 -2.76 -1.05
C GLY B 40 -32.99 -3.23 0.14
N VAL B 41 -31.82 -2.64 0.36
CA VAL B 41 -30.98 -3.09 1.44
C VAL B 41 -31.36 -2.44 2.77
N ILE B 42 -31.61 -3.30 3.73
CA ILE B 42 -31.92 -2.92 5.08
C ILE B 42 -30.65 -3.12 5.89
N ARG B 43 -30.33 -2.19 6.78
CA ARG B 43 -29.14 -2.32 7.63
C ARG B 43 -29.49 -2.40 9.10
N LEU B 44 -28.90 -3.38 9.78
CA LEU B 44 -29.08 -3.53 11.20
C LEU B 44 -27.74 -3.35 11.89
N VAL B 45 -27.82 -3.17 13.20
CA VAL B 45 -26.66 -3.04 14.09
C VAL B 45 -25.52 -2.21 13.50
N ASN B 46 -25.84 -0.98 13.17
CA ASN B 46 -24.87 -0.01 12.72
C ASN B 46 -24.13 -0.38 11.44
N GLY B 47 -24.70 -1.28 10.63
CA GLY B 47 -24.08 -1.69 9.38
C GLY B 47 -23.48 -3.09 9.38
N ARG B 48 -23.41 -3.74 10.55
CA ARG B 48 -22.81 -5.09 10.67
C ARG B 48 -23.66 -6.16 10.00
N ILE B 49 -24.95 -5.85 9.77
CA ILE B 49 -25.87 -6.76 9.12
C ILE B 49 -26.61 -6.07 7.97
N ILE B 50 -26.56 -6.70 6.79
CA ILE B 50 -27.28 -6.25 5.64
C ILE B 50 -28.34 -7.33 5.37
N LEU B 51 -29.51 -6.88 4.92
CA LEU B 51 -30.67 -7.72 4.81
C LEU B 51 -31.48 -7.32 3.59
N LYS B 52 -32.14 -8.27 2.96
CA LYS B 52 -32.97 -7.95 1.77
C LYS B 52 -34.12 -8.96 1.56
N LYS B 53 -35.27 -8.44 1.19
CA LYS B 53 -36.42 -9.26 0.88
C LYS B 53 -36.27 -9.80 -0.54
N ILE B 54 -36.39 -11.12 -0.69
CA ILE B 54 -36.35 -11.76 -2.00
C ILE B 54 -37.69 -12.44 -2.31
N THR B 55 -38.03 -12.54 -3.59
CA THR B 55 -39.25 -13.22 -4.00
C THR B 55 -38.87 -14.27 -5.01
N LEU B 56 -39.56 -15.42 -4.98
CA LEU B 56 -39.32 -16.52 -5.90
C LEU B 56 -40.63 -17.04 -6.45
N PRO B 57 -40.66 -17.39 -7.76
CA PRO B 57 -41.88 -17.93 -8.36
C PRO B 57 -42.35 -19.21 -7.66
N ASP B 58 -43.62 -19.52 -7.83
CA ASP B 58 -44.25 -20.69 -7.19
C ASP B 58 -43.91 -21.98 -7.93
N TYR B 59 -42.67 -22.43 -7.78
CA TYR B 59 -42.19 -23.62 -8.47
C TYR B 59 -42.99 -24.87 -8.12
N LYS B 60 -43.39 -25.62 -9.15
CA LYS B 60 -44.12 -26.88 -8.98
C LYS B 60 -43.20 -28.09 -9.19
N ARG B 61 -42.24 -27.90 -10.10
CA ARG B 61 -41.22 -28.90 -10.35
C ARG B 61 -40.11 -28.73 -9.33
N ASP B 62 -39.26 -29.74 -9.21
CA ASP B 62 -38.15 -29.70 -8.30
C ASP B 62 -37.12 -28.69 -8.82
N VAL B 63 -36.28 -28.22 -7.91
CA VAL B 63 -35.25 -27.26 -8.23
C VAL B 63 -33.97 -27.58 -7.52
N ASP B 64 -32.89 -26.93 -7.95
CA ASP B 64 -31.57 -26.95 -7.29
C ASP B 64 -31.29 -25.53 -6.89
N VAL B 65 -30.83 -25.33 -5.67
CA VAL B 65 -30.55 -23.99 -5.24
C VAL B 65 -29.08 -23.88 -4.97
N THR B 66 -28.46 -22.86 -5.55
CA THR B 66 -27.04 -22.62 -5.37
C THR B 66 -26.85 -21.22 -4.82
N LEU B 67 -25.96 -21.12 -3.85
CA LEU B 67 -25.63 -19.87 -3.19
C LEU B 67 -24.18 -19.56 -3.46
N LYS B 68 -23.90 -18.31 -3.77
CA LYS B 68 -22.56 -17.86 -4.10
C LYS B 68 -22.36 -16.54 -3.39
N VAL B 69 -21.46 -16.54 -2.44
CA VAL B 69 -21.14 -15.39 -1.63
C VAL B 69 -19.69 -14.97 -1.93
N THR B 70 -19.48 -13.66 -2.07
CA THR B 70 -18.17 -13.13 -2.37
C THR B 70 -17.89 -12.02 -1.42
N VAL B 71 -16.70 -12.03 -0.85
CA VAL B 71 -16.30 -11.02 0.08
C VAL B 71 -14.95 -10.45 -0.25
N ALA B 72 -14.79 -9.16 0.07
CA ALA B 72 -13.51 -8.48 -0.02
C ALA B 72 -13.42 -7.48 1.11
N SER B 73 -12.21 -7.25 1.59
CA SER B 73 -11.98 -6.20 2.59
C SER B 73 -12.11 -4.87 1.93
N ASN B 74 -12.57 -3.90 2.69
CA ASN B 74 -12.65 -2.54 2.20
C ASN B 74 -11.85 -1.66 3.12
N GLY B 75 -10.87 -2.31 3.78
CA GLY B 75 -9.98 -1.64 4.71
C GLY B 75 -9.78 -2.46 5.97
N ASP B 76 -10.83 -3.14 6.43
CA ASP B 76 -10.74 -3.94 7.64
C ASP B 76 -9.67 -4.97 7.36
N ARG B 77 -8.68 -5.03 8.24
CA ARG B 77 -7.56 -5.95 8.07
C ARG B 77 -7.81 -7.34 8.56
N TRP B 78 -8.86 -7.55 9.35
CA TRP B 78 -9.01 -8.82 10.07
C TRP B 78 -9.81 -9.95 9.47
N ASP B 79 -9.65 -11.11 10.10
CA ASP B 79 -10.32 -12.34 9.73
C ASP B 79 -11.52 -12.49 10.67
N LYS B 80 -12.62 -11.90 10.28
CA LYS B 80 -13.82 -11.85 11.10
C LYS B 80 -14.88 -12.86 10.72
N SER B 81 -15.63 -13.29 11.73
CA SER B 81 -16.69 -14.28 11.58
C SER B 81 -17.86 -13.74 10.79
N GLY B 82 -18.44 -14.60 9.95
CA GLY B 82 -19.51 -14.25 9.06
C GLY B 82 -20.60 -15.28 8.97
N SER B 83 -21.83 -14.82 8.74
CA SER B 83 -22.98 -15.67 8.67
C SER B 83 -23.94 -15.15 7.62
N CYS B 84 -24.17 -15.93 6.59
CA CYS B 84 -25.16 -15.63 5.55
C CYS B 84 -26.36 -16.41 6.03
N PHE B 85 -27.50 -15.75 6.14
CA PHE B 85 -28.63 -16.37 6.82
C PHE B 85 -29.97 -15.96 6.23
N VAL B 86 -31.02 -16.57 6.79
CA VAL B 86 -32.39 -16.26 6.40
C VAL B 86 -33.23 -16.25 7.66
N LEU B 87 -34.13 -15.30 7.75
CA LEU B 87 -35.03 -15.18 8.90
C LEU B 87 -36.08 -16.26 8.80
N PRO B 88 -36.22 -17.12 9.80
CA PRO B 88 -37.21 -18.24 9.68
C PRO B 88 -38.65 -17.76 9.48
N LYS B 89 -39.33 -18.30 8.47
CA LYS B 89 -40.69 -17.84 8.12
C LYS B 89 -41.69 -18.07 9.24
N GLU B 90 -41.49 -19.16 9.97
CA GLU B 90 -42.41 -19.53 11.04
C GLU B 90 -42.14 -18.78 12.36
N SER B 91 -41.28 -17.77 12.36
CA SER B 91 -40.92 -17.07 13.61
C SER B 91 -41.47 -15.66 13.68
N VAL B 92 -42.25 -15.37 14.72
CA VAL B 92 -42.78 -14.04 14.89
C VAL B 92 -41.61 -13.09 15.22
N ILE B 93 -40.73 -13.53 16.08
CA ILE B 93 -39.60 -12.71 16.47
C ILE B 93 -38.40 -13.03 15.59
N ASN B 94 -37.72 -11.99 15.13
CA ASN B 94 -36.49 -12.19 14.35
C ASN B 94 -35.51 -11.00 14.52
N LEU B 95 -34.33 -11.15 13.95
CA LEU B 95 -33.29 -10.14 14.03
C LEU B 95 -33.74 -8.75 13.62
N ASN B 97 -37.06 -7.37 13.55
CA ASN B 97 -38.01 -6.68 14.42
C ASN B 97 -37.40 -6.46 15.82
N ILE B 98 -36.36 -7.22 16.15
CA ILE B 98 -35.60 -6.96 17.37
C ILE B 98 -34.79 -5.64 17.18
N ALA B 99 -34.15 -5.50 16.03
CA ALA B 99 -33.41 -4.29 15.70
C ALA B 99 -34.31 -3.08 15.65
N GLU B 100 -35.56 -3.26 15.21
CA GLU B 100 -36.52 -2.14 15.13
C GLU B 100 -37.00 -1.72 16.50
N GLY B 101 -36.73 -2.54 17.52
CA GLY B 101 -37.18 -2.26 18.90
C GLY B 101 -38.62 -2.72 19.16
N LYS B 102 -39.19 -3.49 18.23
CA LYS B 102 -40.57 -3.97 18.33
C LYS B 102 -40.66 -5.27 19.11
N ARG B 103 -39.56 -6.02 19.16
CA ARG B 103 -39.52 -7.29 19.86
C ARG B 103 -38.17 -7.51 20.54
N ALA B 104 -38.09 -8.59 21.31
CA ALA B 104 -36.89 -8.97 21.97
C ALA B 104 -36.75 -10.47 21.96
N PHE B 105 -35.51 -10.95 22.03
CA PHE B 105 -35.32 -12.37 22.17
C PHE B 105 -36.03 -12.76 23.44
N PRO B 106 -36.68 -13.91 23.44
CA PRO B 106 -37.34 -14.24 24.70
C PRO B 106 -36.36 -14.45 25.83
N ALA B 107 -36.81 -14.15 27.05
CA ALA B 107 -35.99 -14.43 28.22
C ALA B 107 -35.74 -15.94 28.28
N VAL B 108 -34.60 -16.34 28.80
CA VAL B 108 -34.27 -17.76 28.91
C VAL B 108 -34.11 -18.20 30.38
N ASP B 109 -34.24 -19.50 30.59
CA ASP B 109 -34.01 -20.12 31.87
C ASP B 109 -32.51 -20.10 32.15
N SER B 110 -32.07 -19.31 33.13
CA SER B 110 -30.62 -19.16 33.43
C SER B 110 -29.94 -20.46 33.91
N THR B 111 -30.72 -21.40 34.45
CA THR B 111 -30.14 -22.66 34.91
C THR B 111 -29.71 -23.50 33.71
N LYS B 112 -30.37 -23.27 32.58
CA LYS B 112 -30.07 -24.03 31.39
C LYS B 112 -29.19 -23.28 30.41
N TYR B 113 -29.49 -22.00 30.23
CA TYR B 113 -28.84 -21.21 29.18
C TYR B 113 -28.17 -19.93 29.64
N GLU B 114 -27.97 -19.78 30.94
CA GLU B 114 -27.33 -18.59 31.51
C GLU B 114 -27.97 -17.30 30.94
N LYS B 115 -27.16 -16.46 30.30
CA LYS B 115 -27.65 -15.21 29.67
C LYS B 115 -27.49 -15.26 28.14
N ILE B 117 -29.17 -15.35 25.24
CA ILE B 117 -30.45 -15.10 24.60
C ILE B 117 -30.35 -15.38 23.11
N GLY B 118 -31.45 -15.91 22.58
CA GLY B 118 -31.60 -16.16 21.16
C GLY B 118 -30.89 -17.35 20.58
N ILE B 119 -30.23 -18.16 21.42
CA ILE B 119 -29.53 -19.31 20.86
C ILE B 119 -30.38 -20.57 20.70
N VAL B 120 -31.49 -20.65 21.45
CA VAL B 120 -32.42 -21.77 21.32
C VAL B 120 -33.85 -21.21 21.10
N PRO B 121 -34.83 -22.03 20.70
CA PRO B 121 -36.17 -21.50 20.54
C PRO B 121 -36.80 -21.09 21.86
N GLY B 122 -37.81 -20.26 21.75
CA GLY B 122 -38.60 -19.83 22.89
C GLY B 122 -39.92 -19.32 22.34
N GLN B 123 -40.73 -18.77 23.24
CA GLN B 123 -42.03 -18.25 22.89
C GLN B 123 -41.95 -17.31 21.68
N ASP B 124 -42.60 -17.70 20.59
CA ASP B 124 -42.65 -16.88 19.34
C ASP B 124 -41.29 -16.71 18.65
N TYR B 125 -40.34 -17.58 18.98
CA TYR B 125 -38.99 -17.45 18.46
C TYR B 125 -38.38 -18.78 18.02
N VAL B 126 -37.79 -18.70 16.85
CA VAL B 126 -37.07 -19.80 16.24
C VAL B 126 -35.71 -19.19 15.86
N PRO B 127 -34.61 -19.85 16.23
CA PRO B 127 -33.29 -19.32 15.92
C PRO B 127 -33.05 -19.12 14.44
N THR B 128 -32.27 -18.08 14.16
CA THR B 128 -31.90 -17.75 12.81
C THR B 128 -31.31 -19.00 12.10
N LEU B 129 -31.67 -19.15 10.85
CA LEU B 129 -31.20 -20.21 10.05
C LEU B 129 -30.00 -19.75 9.21
N GLU B 130 -28.89 -20.49 9.28
CA GLU B 130 -27.71 -20.16 8.48
C GLU B 130 -27.69 -20.83 7.13
N LEU B 131 -27.57 -20.02 6.08
CA LEU B 131 -27.38 -20.52 4.74
C LEU B 131 -25.89 -20.89 4.55
N ARG B 133 -21.87 -20.38 6.75
CA ARG B 133 -20.94 -19.78 7.71
C ARG B 133 -19.63 -19.54 6.98
N PHE B 134 -19.02 -18.37 7.14
CA PHE B 134 -17.74 -18.10 6.52
C PHE B 134 -16.85 -17.30 7.44
N THR B 136 -13.82 -14.40 7.02
CA THR B 136 -13.12 -13.57 6.07
C THR B 136 -11.62 -13.79 6.21
N PRO B 137 -10.90 -13.64 5.10
CA PRO B 137 -9.47 -13.68 5.17
C PRO B 137 -8.99 -12.31 5.64
N PHE B 138 -7.67 -12.19 5.77
CA PHE B 138 -7.04 -10.95 6.20
C PHE B 138 -6.82 -9.97 5.04
N GLY B 139 -7.73 -9.01 4.92
CA GLY B 139 -7.56 -7.90 3.99
C GLY B 139 -7.58 -8.14 2.47
N VAL B 140 -8.21 -9.20 2.02
CA VAL B 140 -8.22 -9.50 0.59
C VAL B 140 -8.90 -8.38 -0.19
N GLY B 141 -8.30 -8.02 -1.30
CA GLY B 141 -8.82 -6.95 -2.11
C GLY B 141 -8.14 -5.62 -1.78
N TYR B 142 -8.57 -4.99 -0.69
CA TYR B 142 -8.02 -3.69 -0.31
C TYR B 142 -6.48 -3.73 -0.22
N TYR B 143 -5.93 -4.81 0.34
CA TYR B 143 -4.48 -4.91 0.47
C TYR B 143 -3.80 -5.83 -0.57
N SER B 144 -4.52 -6.21 -1.62
CA SER B 144 -3.99 -7.15 -2.61
C SER B 144 -3.20 -6.64 -3.84
N SER B 145 -3.02 -5.35 -4.00
CA SER B 145 -2.33 -4.88 -5.21
C SER B 145 -0.85 -5.27 -5.22
N ASP B 146 -0.28 -5.38 -6.40
CA ASP B 146 1.10 -5.79 -6.64
C ASP B 146 2.09 -5.03 -5.79
N ASN B 147 1.94 -3.71 -5.69
CA ASN B 147 2.87 -2.91 -4.90
C ASN B 147 2.31 -2.32 -3.61
N ASP B 148 1.34 -3.02 -3.02
CA ASP B 148 0.75 -2.58 -1.78
C ASP B 148 1.87 -2.39 -0.75
N SER B 149 1.89 -1.23 -0.10
CA SER B 149 2.95 -0.89 0.87
C SER B 149 2.96 -1.76 2.16
N LEU B 150 1.83 -2.35 2.46
CA LEU B 150 1.72 -3.23 3.62
C LEU B 150 2.04 -4.72 3.28
N SER B 151 1.45 -5.23 2.20
CA SER B 151 1.54 -6.66 1.85
C SER B 151 2.63 -7.01 0.85
N SER B 152 3.12 -6.03 0.12
CA SER B 152 4.23 -6.24 -0.81
C SER B 152 5.35 -7.24 -0.38
N LYS B 153 6.00 -7.00 0.75
CA LYS B 153 7.09 -7.89 1.23
C LYS B 153 6.61 -8.95 2.23
N ARG B 154 5.32 -9.16 2.23
CA ARG B 154 4.74 -10.22 3.00
C ARG B 154 4.41 -11.40 2.10
N ARG B 155 4.51 -11.22 0.77
CA ARG B 155 4.19 -12.29 -0.18
C ARG B 155 5.31 -13.34 -0.23
N PRO B 156 5.02 -14.56 0.21
CA PRO B 156 6.02 -15.62 0.10
C PRO B 156 6.36 -15.90 -1.35
N VAL B 157 7.58 -16.39 -1.58
CA VAL B 157 8.02 -16.70 -2.94
C VAL B 157 7.10 -17.69 -3.72
N TYR B 158 6.47 -18.61 -3.01
CA TYR B 158 5.62 -19.63 -3.60
C TYR B 158 4.21 -19.12 -3.91
N ILE B 159 3.92 -17.85 -3.62
CA ILE B 159 2.63 -17.24 -3.93
C ILE B 159 2.88 -16.22 -5.02
N PRO B 160 2.53 -16.54 -6.25
CA PRO B 160 2.82 -15.54 -7.30
C PRO B 160 2.02 -14.28 -7.24
N LYS B 161 0.80 -14.32 -6.73
CA LYS B 161 -0.05 -13.13 -6.70
CA LYS B 161 -0.02 -13.14 -6.71
C LYS B 161 -1.13 -13.27 -5.70
N TRP B 162 -1.52 -12.17 -5.07
CA TRP B 162 -2.64 -12.18 -4.16
C TRP B 162 -3.95 -12.21 -4.95
N GLU B 163 -4.96 -12.89 -4.40
CA GLU B 163 -6.29 -12.86 -4.94
C GLU B 163 -6.91 -11.52 -4.53
N LYS B 164 -7.87 -11.03 -5.32
CA LYS B 164 -8.54 -9.73 -5.06
C LYS B 164 -9.84 -9.85 -4.31
N SER B 165 -10.31 -11.08 -4.11
CA SER B 165 -11.54 -11.35 -3.38
C SER B 165 -11.61 -12.80 -3.10
N VAL B 166 -12.63 -13.23 -2.34
CA VAL B 166 -12.82 -14.65 -2.06
C VAL B 166 -14.30 -14.98 -2.35
N THR B 167 -14.52 -16.16 -2.91
CA THR B 167 -15.83 -16.61 -3.29
C THR B 167 -16.11 -18.04 -2.83
N TRP B 168 -17.31 -18.24 -2.29
CA TRP B 168 -17.73 -19.54 -1.83
C TRP B 168 -19.05 -19.92 -2.50
N VAL B 169 -19.17 -21.19 -2.85
CA VAL B 169 -20.37 -21.70 -3.50
C VAL B 169 -20.85 -22.92 -2.75
N GLN B 170 -22.15 -22.98 -2.45
CA GLN B 170 -22.73 -24.20 -1.87
C GLN B 170 -24.08 -24.49 -2.45
N ASP B 171 -24.40 -25.77 -2.49
CA ASP B 171 -25.74 -26.22 -2.85
C ASP B 171 -26.58 -26.11 -1.58
N ILE B 172 -27.70 -25.40 -1.63
CA ILE B 172 -28.55 -25.26 -0.42
C ILE B 172 -29.99 -25.64 -0.75
N THR B 173 -30.13 -26.54 -1.70
CA THR B 173 -31.41 -27.05 -2.10
C THR B 173 -32.30 -27.44 -0.91
N ASP B 174 -31.73 -28.09 0.09
CA ASP B 174 -32.46 -28.52 1.27
C ASP B 174 -33.14 -27.38 2.00
N LEU B 175 -32.64 -26.17 1.77
CA LEU B 175 -33.17 -25.00 2.46
C LEU B 175 -34.20 -24.27 1.66
N TYR B 176 -34.63 -24.84 0.54
CA TYR B 176 -35.61 -24.17 -0.29
C TYR B 176 -36.85 -23.78 0.53
N PRO B 177 -37.35 -24.66 1.40
CA PRO B 177 -38.55 -24.26 2.15
C PRO B 177 -38.39 -22.94 2.89
N ALA B 178 -37.19 -22.62 3.39
CA ALA B 178 -36.95 -21.36 4.08
C ALA B 178 -36.91 -20.17 3.14
N LEU B 179 -36.70 -20.41 1.85
CA LEU B 179 -36.62 -19.34 0.84
C LEU B 179 -37.86 -19.15 -0.03
N GLU B 180 -38.69 -20.17 -0.07
CA GLU B 180 -39.86 -20.23 -0.90
C GLU B 180 -40.77 -18.99 -0.85
N ARG B 181 -41.26 -18.60 -2.02
CA ARG B 181 -42.23 -17.51 -2.18
C ARG B 181 -41.63 -16.14 -1.85
N GLU B 182 -41.37 -15.91 -0.56
CA GLU B 182 -40.83 -14.64 -0.07
C GLU B 182 -40.01 -14.85 1.22
N ALA B 183 -38.85 -14.21 1.30
CA ALA B 183 -38.03 -14.35 2.50
C ALA B 183 -37.02 -13.22 2.65
N TYR B 184 -36.60 -13.01 3.89
CA TYR B 184 -35.60 -12.00 4.18
C TYR B 184 -34.29 -12.71 4.41
N VAL B 185 -33.31 -12.44 3.57
CA VAL B 185 -32.00 -13.05 3.71
C VAL B 185 -30.99 -11.96 4.04
N GLY B 186 -29.87 -12.33 4.64
CA GLY B 186 -28.87 -11.35 4.98
C GLY B 186 -27.48 -11.87 5.20
N ILE B 187 -26.58 -10.94 5.42
CA ILE B 187 -25.21 -11.26 5.72
C ILE B 187 -24.78 -10.46 6.95
N TYR B 188 -24.16 -11.16 7.88
CA TYR B 188 -23.61 -10.58 9.08
C TYR B 188 -22.11 -10.80 9.09
N ILE B 189 -21.34 -9.76 9.42
CA ILE B 189 -19.91 -9.90 9.59
C ILE B 189 -19.56 -9.19 10.89
N ASP B 190 -18.79 -9.86 11.77
CA ASP B 190 -18.40 -9.29 13.08
C ASP B 190 -17.31 -8.22 12.88
N THR B 191 -17.65 -7.16 12.16
CA THR B 191 -16.71 -6.10 11.88
C THR B 191 -16.94 -4.94 12.83
N TRP B 192 -15.84 -4.33 13.28
CA TRP B 192 -15.90 -3.18 14.17
C TRP B 192 -15.19 -1.98 13.57
N THR B 193 -14.88 -1.99 12.28
CA THR B 193 -14.23 -0.84 11.66
C THR B 193 -15.19 -0.10 10.75
N ALA B 194 -14.97 1.19 10.60
CA ALA B 194 -15.78 1.97 9.69
C ALA B 194 -15.52 1.55 8.22
N GLU B 195 -14.30 1.07 7.92
CA GLU B 195 -13.97 0.68 6.57
C GLU B 195 -14.71 -0.62 6.18
N GLY B 196 -14.68 -1.59 7.07
CA GLY B 196 -15.38 -2.85 6.86
C GLY B 196 -15.06 -3.64 5.61
N TYR B 197 -16.11 -4.23 5.04
CA TYR B 197 -16.01 -5.12 3.90
C TYR B 197 -17.07 -4.82 2.85
N VAL B 198 -16.95 -5.48 1.70
CA VAL B 198 -18.00 -5.44 0.71
C VAL B 198 -18.40 -6.88 0.52
N ALA B 199 -19.70 -7.13 0.40
CA ALA B 199 -20.23 -8.51 0.24
C ALA B 199 -21.19 -8.61 -0.92
N SER B 200 -21.12 -9.73 -1.63
CA SER B 200 -22.00 -10.01 -2.76
C SER B 200 -22.67 -11.34 -2.50
N GLU B 202 -25.48 -14.20 -4.50
CA GLU B 202 -26.31 -14.61 -5.59
C GLU B 202 -27.04 -15.90 -5.27
N LEU B 203 -28.32 -15.94 -5.59
CA LEU B 203 -29.11 -17.16 -5.50
C LEU B 203 -29.50 -17.61 -6.91
N ASP B 204 -29.22 -18.86 -7.24
CA ASP B 204 -29.51 -19.44 -8.56
C ASP B 204 -30.44 -20.64 -8.33
N VAL B 205 -31.65 -20.56 -8.89
CA VAL B 205 -32.61 -21.59 -8.75
C VAL B 205 -32.77 -22.22 -10.13
N LYS B 206 -32.26 -23.44 -10.28
CA LYS B 206 -32.31 -24.13 -11.56
C LYS B 206 -33.48 -25.14 -11.48
N GLU B 207 -34.48 -24.88 -12.31
CA GLU B 207 -35.66 -25.71 -12.40
C GLU B 207 -35.38 -26.98 -13.18
N SER B 208 -35.89 -28.10 -12.67
CA SER B 208 -35.76 -29.40 -13.35
C SER B 208 -36.37 -29.37 -14.76
N LYS B 209 -35.66 -29.98 -15.70
CA LYS B 209 -36.09 -30.04 -17.09
C LYS B 209 -37.04 -31.20 -17.31
N ILE B 210 -37.29 -32.01 -16.29
CA ILE B 210 -38.14 -33.19 -16.42
C ILE B 210 -39.62 -32.88 -16.10
N THR B 211 -40.50 -33.24 -17.03
CA THR B 211 -41.95 -32.95 -16.97
C THR B 211 -42.66 -33.59 -15.72
N CYS B 212 -42.29 -34.83 -15.37
CA CYS B 212 -42.86 -35.55 -14.24
C CYS B 212 -42.29 -35.17 -12.88
N ASP B 213 -41.16 -34.46 -12.85
CA ASP B 213 -40.38 -34.23 -11.61
C ASP B 213 -41.01 -33.27 -10.59
N VAL B 214 -41.98 -33.79 -9.85
CA VAL B 214 -42.74 -33.00 -8.88
C VAL B 214 -41.84 -32.55 -7.77
N PRO B 216 -40.58 -32.25 -4.28
CA PRO B 216 -40.87 -32.95 -3.04
C PRO B 216 -41.22 -31.99 -1.89
N GLU B 217 -41.91 -32.50 -0.88
CA GLU B 217 -42.33 -31.73 0.27
C GLU B 217 -41.19 -31.67 1.28
N ARG B 218 -40.28 -30.73 1.06
CA ARG B 218 -39.13 -30.59 1.95
C ARG B 218 -39.50 -29.78 3.20
N ARG B 219 -38.82 -30.05 4.29
CA ARG B 219 -39.05 -29.36 5.55
C ARG B 219 -37.75 -28.99 6.18
N VAL B 220 -37.74 -27.89 6.91
CA VAL B 220 -36.56 -27.43 7.62
C VAL B 220 -36.95 -27.03 9.02
N LYS B 221 -36.17 -27.42 10.01
CA LYS B 221 -36.48 -27.04 11.38
C LYS B 221 -35.23 -26.58 12.11
N PRO B 222 -35.10 -25.24 12.26
CA PRO B 222 -33.95 -24.71 12.96
C PRO B 222 -34.02 -25.08 14.45
N LEU B 223 -32.91 -25.55 14.99
CA LEU B 223 -32.84 -25.93 16.39
C LEU B 223 -32.03 -24.97 17.24
N ASN B 225 -28.68 -21.73 17.31
CA ASN B 225 -27.77 -20.79 16.65
C ASN B 225 -27.13 -19.86 17.67
N THR B 226 -25.84 -20.07 17.95
CA THR B 226 -25.13 -19.27 18.95
C THR B 226 -24.48 -18.03 18.38
N VAL B 227 -24.60 -17.80 17.08
CA VAL B 227 -24.03 -16.61 16.48
C VAL B 227 -24.62 -15.36 17.15
N TYR B 228 -23.75 -14.47 17.59
CA TYR B 228 -24.12 -13.27 18.32
C TYR B 228 -24.46 -12.11 17.33
N TYR B 229 -25.63 -12.23 16.70
CA TYR B 229 -26.06 -11.26 15.74
C TYR B 229 -26.38 -9.91 16.33
N ILE B 230 -27.13 -9.88 17.45
CA ILE B 230 -27.60 -8.60 17.98
C ILE B 230 -27.88 -8.60 19.49
N GLY B 231 -27.12 -7.80 20.23
CA GLY B 231 -27.28 -7.70 21.69
C GLY B 231 -27.05 -9.02 22.37
N GLN B 232 -26.22 -9.83 21.74
CA GLN B 232 -25.93 -11.16 22.20
C GLN B 232 -24.51 -11.27 22.70
N THR B 233 -24.27 -12.32 23.46
CA THR B 233 -23.01 -12.50 24.17
C THR B 233 -22.19 -13.63 23.56
N TYR B 234 -20.86 -13.53 23.69
CA TYR B 234 -19.95 -14.57 23.19
C TYR B 234 -20.34 -15.93 23.78
N PRO B 235 -20.51 -16.97 22.91
CA PRO B 235 -20.98 -18.27 23.41
C PRO B 235 -19.91 -19.24 23.93
N ASP B 236 -19.46 -18.96 25.15
CA ASP B 236 -18.53 -19.84 25.85
C ASP B 236 -19.28 -20.75 26.84
N ILE B 237 -20.62 -20.73 26.77
CA ILE B 237 -21.46 -21.54 27.68
C ILE B 237 -21.07 -23.03 27.74
N PHE B 238 -20.61 -23.58 26.62
CA PHE B 238 -20.18 -25.00 26.57
C PHE B 238 -19.07 -25.33 27.55
N SER B 239 -18.34 -24.33 28.02
CA SER B 239 -17.27 -24.54 29.00
C SER B 239 -17.80 -24.86 30.37
N ARG B 240 -19.04 -24.51 30.68
CA ARG B 240 -19.65 -24.81 31.99
C ARG B 240 -20.75 -25.84 31.86
N LYS B 241 -21.49 -25.81 30.76
CA LYS B 241 -22.56 -26.77 30.61
C LYS B 241 -22.87 -27.07 29.18
N ASP B 242 -23.43 -28.26 28.98
CA ASP B 242 -23.90 -28.70 27.67
C ASP B 242 -25.16 -27.90 27.36
N VAL B 243 -25.43 -27.61 26.10
CA VAL B 243 -26.64 -26.93 25.77
C VAL B 243 -27.65 -28.00 25.41
N VAL B 244 -28.71 -28.11 26.23
CA VAL B 244 -29.76 -29.09 26.02
C VAL B 244 -31.07 -28.40 25.77
N ASP B 246 -35.37 -29.03 24.15
CA ASP B 246 -36.44 -29.85 23.65
C ASP B 246 -36.97 -29.31 22.34
N PHE B 247 -37.52 -30.17 21.50
CA PHE B 247 -38.21 -29.65 20.30
C PHE B 247 -39.39 -30.55 20.01
N ASP B 248 -40.34 -30.02 19.25
CA ASP B 248 -41.56 -30.73 18.94
C ASP B 248 -41.60 -31.08 17.48
N PRO B 250 -44.48 -31.98 15.10
CA PRO B 250 -45.95 -32.07 15.06
C PRO B 250 -46.48 -33.31 14.36
N LYS B 251 -45.70 -33.81 13.41
CA LYS B 251 -46.06 -34.96 12.62
C LYS B 251 -44.84 -35.87 12.63
N ALA B 252 -45.06 -37.17 12.61
CA ALA B 252 -43.95 -38.11 12.49
C ALA B 252 -43.21 -37.84 11.16
N ALA B 253 -41.91 -38.05 11.16
CA ALA B 253 -41.10 -37.81 9.98
C ALA B 253 -40.16 -38.98 9.74
N LYS B 254 -39.89 -39.23 8.48
CA LYS B 254 -39.07 -40.34 8.07
C LYS B 254 -37.70 -39.89 7.56
N ASN B 255 -36.66 -40.65 7.90
CA ASN B 255 -35.32 -40.38 7.40
C ASN B 255 -34.88 -38.91 7.57
N VAL B 256 -34.94 -38.45 8.81
CA VAL B 256 -34.59 -37.10 9.13
C VAL B 256 -33.08 -36.93 9.19
N ARG B 257 -32.57 -35.79 8.73
CA ARG B 257 -31.14 -35.52 8.78
C ARG B 257 -30.87 -34.28 9.60
N LEU B 258 -29.78 -34.33 10.34
CA LEU B 258 -29.30 -33.18 11.11
C LEU B 258 -28.16 -32.51 10.38
N LYS B 259 -28.17 -31.18 10.30
CA LYS B 259 -27.04 -30.44 9.75
C LYS B 259 -26.49 -29.57 10.89
N TYR B 260 -25.16 -29.62 11.06
CA TYR B 260 -24.46 -28.99 12.19
C TYR B 260 -23.28 -28.19 11.69
N ILE B 261 -23.29 -26.90 12.01
CA ILE B 261 -22.32 -25.98 11.55
C ILE B 261 -21.54 -25.46 12.72
N VAL B 262 -20.25 -25.76 12.79
CA VAL B 262 -19.46 -25.32 13.95
C VAL B 262 -18.08 -24.74 13.61
N THR B 263 -17.73 -23.67 14.29
CA THR B 263 -16.38 -23.14 14.25
C THR B 263 -16.00 -22.75 15.67
N GLY B 264 -14.75 -23.00 16.03
CA GLY B 264 -14.18 -22.66 17.36
C GLY B 264 -13.41 -21.35 17.32
N HIS B 265 -13.41 -20.61 18.43
CA HIS B 265 -12.85 -19.26 18.46
C HIS B 265 -12.14 -18.88 19.72
N GLY B 266 -11.40 -17.79 19.66
CA GLY B 266 -10.55 -17.31 20.74
C GLY B 266 -9.16 -17.27 20.14
N GLY B 267 -8.84 -16.14 19.51
CA GLY B 267 -7.64 -15.96 18.71
C GLY B 267 -6.31 -15.71 19.40
N HIS B 268 -6.31 -15.77 20.70
CA HIS B 268 -5.10 -15.59 21.45
C HIS B 268 -4.40 -16.94 21.49
N SER B 269 -3.17 -16.92 21.96
CA SER B 269 -2.40 -18.15 22.03
C SER B 269 -3.03 -19.13 23.00
N GLY B 270 -3.27 -20.36 22.52
CA GLY B 270 -3.89 -21.40 23.31
C GLY B 270 -5.41 -21.32 23.40
N GLY B 271 -6.04 -20.40 22.66
CA GLY B 271 -7.52 -20.25 22.66
C GLY B 271 -8.22 -21.30 21.81
N ASP B 272 -9.54 -21.38 21.90
CA ASP B 272 -10.29 -22.42 21.18
C ASP B 272 -10.27 -22.30 19.62
N GLU B 273 -9.78 -21.20 19.10
CA GLU B 273 -9.57 -21.08 17.68
C GLU B 273 -8.47 -22.04 17.24
N PHE B 274 -7.48 -22.22 18.11
CA PHE B 274 -6.27 -22.97 17.77
C PHE B 274 -6.06 -24.29 18.52
N VAL B 275 -7.04 -24.76 19.28
CA VAL B 275 -6.88 -26.00 20.03
C VAL B 275 -8.00 -26.97 19.67
N GLU B 276 -7.68 -28.27 19.63
CA GLU B 276 -8.64 -29.29 19.24
C GLU B 276 -9.60 -29.59 20.37
N LYS B 277 -10.89 -29.51 20.08
CA LYS B 277 -11.94 -29.78 21.07
C LYS B 277 -13.04 -30.66 20.49
N ARG B 278 -13.22 -31.82 21.10
CA ARG B 278 -14.23 -32.75 20.65
C ARG B 278 -15.65 -32.15 20.79
N ASN B 279 -16.47 -32.29 19.75
CA ASN B 279 -17.86 -31.91 19.77
C ASN B 279 -18.66 -33.19 19.78
N ILE B 280 -19.66 -33.25 20.66
CA ILE B 280 -20.54 -34.42 20.74
C ILE B 280 -21.98 -33.94 20.67
N VAL B 281 -22.68 -34.42 19.66
CA VAL B 281 -24.03 -33.97 19.42
C VAL B 281 -24.97 -35.13 19.53
N SER B 282 -26.06 -34.93 20.23
CA SER B 282 -26.98 -36.02 20.50
C SER B 282 -28.42 -35.66 20.25
N VAL B 283 -29.21 -36.66 19.88
CA VAL B 283 -30.63 -36.52 19.73
C VAL B 283 -31.31 -37.63 20.52
N ASP B 284 -32.28 -37.28 21.38
CA ASP B 284 -32.99 -38.24 22.22
C ASP B 284 -31.99 -39.13 23.01
N GLY B 285 -30.89 -38.53 23.48
CA GLY B 285 -29.88 -39.26 24.24
C GLY B 285 -28.87 -40.11 23.45
N LYS B 286 -29.03 -40.23 22.14
CA LYS B 286 -28.12 -41.02 21.27
C LYS B 286 -27.14 -40.08 20.56
N GLU B 287 -25.84 -40.39 20.61
CA GLU B 287 -24.87 -39.56 19.91
C GLU B 287 -25.09 -39.68 18.41
N VAL B 288 -25.06 -38.57 17.69
CA VAL B 288 -25.25 -38.65 16.24
C VAL B 288 -24.04 -38.06 15.53
N LEU B 289 -23.30 -37.19 16.22
CA LEU B 289 -22.02 -36.69 15.75
C LEU B 289 -21.09 -36.69 16.92
N ASN B 290 -19.86 -37.07 16.68
CA ASN B 290 -18.82 -37.07 17.69
C ASN B 290 -17.52 -36.93 16.95
N PHE B 291 -16.96 -35.74 16.96
CA PHE B 291 -15.76 -35.47 16.20
C PHE B 291 -15.02 -34.22 16.66
N ILE B 292 -13.77 -34.07 16.22
CA ILE B 292 -12.96 -32.89 16.47
C ILE B 292 -13.09 -31.95 15.26
N PRO B 293 -13.75 -30.78 15.41
CA PRO B 293 -13.83 -29.85 14.27
C PRO B 293 -12.48 -29.21 14.05
N TRP B 294 -11.84 -29.51 12.93
CA TRP B 294 -10.42 -29.13 12.74
C TRP B 294 -9.97 -29.05 11.32
N ARG B 295 -9.07 -28.11 11.05
CA ARG B 295 -8.45 -28.00 9.71
C ARG B 295 -6.96 -27.83 9.89
N ASP B 296 -6.20 -28.60 9.11
CA ASP B 296 -4.74 -28.56 9.08
C ASP B 296 -4.22 -28.14 7.71
N ASP B 297 -5.07 -27.55 6.88
CA ASP B 297 -4.67 -27.15 5.54
C ASP B 297 -4.75 -25.64 5.31
N CYS B 298 -4.65 -24.84 6.36
CA CYS B 298 -4.85 -23.41 6.18
C CYS B 298 -3.77 -22.72 5.30
N ALA B 299 -2.62 -23.37 5.11
CA ALA B 299 -1.62 -22.81 4.23
C ALA B 299 -2.17 -22.71 2.83
N SER B 300 -3.13 -23.55 2.47
CA SER B 300 -3.70 -23.54 1.12
C SER B 300 -4.49 -22.27 0.80
N PHE B 301 -4.83 -21.48 1.81
CA PHE B 301 -5.59 -20.22 1.66
C PHE B 301 -4.69 -19.00 1.68
N ARG B 302 -3.40 -19.22 1.67
CA ARG B 302 -2.46 -18.13 1.78
C ARG B 302 -2.65 -16.99 0.78
N ARG B 303 -2.94 -17.29 -0.48
CA ARG B 303 -3.05 -16.22 -1.50
C ARG B 303 -4.23 -15.27 -1.25
N PHE B 304 -5.12 -15.63 -0.34
CA PHE B 304 -6.25 -14.75 -0.02
C PHE B 304 -5.98 -13.85 1.17
N ASN B 305 -4.79 -13.92 1.74
CA ASN B 305 -4.52 -13.23 3.01
C ASN B 305 -3.33 -12.27 3.00
N PRO B 306 -3.38 -11.24 2.17
CA PRO B 306 -2.24 -10.34 2.07
C PRO B 306 -1.93 -9.60 3.34
N ALA B 307 -2.92 -9.33 4.19
CA ALA B 307 -2.66 -8.55 5.40
C ALA B 307 -2.46 -9.39 6.66
N THR B 308 -2.36 -10.68 6.51
CA THR B 308 -2.19 -11.51 7.69
C THR B 308 -0.85 -11.15 8.33
N GLY B 309 -0.78 -11.38 9.65
CA GLY B 309 0.46 -11.15 10.35
C GLY B 309 1.44 -12.20 9.88
N VAL B 310 2.74 -11.90 10.03
CA VAL B 310 3.83 -12.81 9.68
C VAL B 310 4.96 -12.82 10.70
N TRP B 311 5.41 -14.02 11.03
CA TRP B 311 6.49 -14.20 11.97
C TRP B 311 7.60 -14.92 11.26
N LEU B 312 8.82 -14.79 11.78
CA LEU B 312 9.96 -15.56 11.28
C LEU B 312 10.28 -16.70 12.25
N ILE B 313 10.22 -17.94 11.77
CA ILE B 313 10.47 -19.10 12.60
C ILE B 313 11.77 -19.70 12.16
N PRO B 314 12.74 -19.86 13.07
CA PRO B 314 13.96 -20.49 12.64
C PRO B 314 13.75 -21.98 12.41
N ARG B 315 14.50 -22.51 11.48
CA ARG B 315 14.44 -23.93 11.16
C ARG B 315 15.70 -24.33 10.39
N VAL B 316 16.20 -25.54 10.62
CA VAL B 316 17.28 -26.06 9.81
C VAL B 316 16.59 -26.63 8.59
N ALA B 317 17.01 -26.20 7.41
CA ALA B 317 16.33 -26.66 6.19
C ALA B 317 17.29 -27.32 5.26
N ALA B 318 16.84 -28.44 4.70
CA ALA B 318 17.58 -29.15 3.68
C ALA B 318 17.26 -28.51 2.35
N TYR B 319 18.26 -28.40 1.48
CA TYR B 319 18.05 -27.79 0.19
C TYR B 319 19.15 -28.14 -0.77
N ILE B 320 18.94 -27.84 -2.04
CA ILE B 320 19.90 -28.08 -3.07
C ILE B 320 20.66 -26.78 -3.29
N GLY B 321 21.94 -26.79 -2.96
CA GLY B 321 22.81 -25.64 -3.19
C GLY B 321 23.70 -25.95 -4.37
N ASP B 322 24.60 -25.02 -4.70
CA ASP B 322 25.48 -25.22 -5.85
C ASP B 322 26.43 -26.42 -5.68
N LYS B 323 26.74 -26.84 -4.46
CA LYS B 323 27.61 -28.00 -4.24
C LYS B 323 26.81 -29.24 -3.77
N GLY B 324 25.58 -29.40 -4.28
CA GLY B 324 24.74 -30.55 -3.92
C GLY B 324 23.81 -30.33 -2.71
N TYR B 325 23.20 -31.42 -2.25
CA TYR B 325 22.33 -31.39 -1.10
C TYR B 325 23.04 -30.87 0.14
N THR B 326 22.38 -29.99 0.91
CA THR B 326 23.00 -29.50 2.16
C THR B 326 21.93 -28.96 3.12
N THR B 327 22.38 -28.48 4.28
CA THR B 327 21.44 -27.90 5.27
C THR B 327 21.92 -26.58 5.82
N LYS B 328 20.99 -25.76 6.28
CA LYS B 328 21.36 -24.50 6.88
C LYS B 328 20.25 -23.93 7.72
N GLU B 329 20.60 -23.10 8.70
CA GLU B 329 19.61 -22.45 9.52
C GLU B 329 19.09 -21.27 8.72
N ILE B 330 17.76 -21.16 8.69
CA ILE B 330 17.05 -20.11 7.98
C ILE B 330 15.97 -19.63 8.90
N GLU B 331 15.36 -18.51 8.51
CA GLU B 331 14.28 -17.91 9.22
C GLU B 331 13.11 -17.95 8.26
N GLU B 332 12.16 -18.83 8.54
CA GLU B 332 11.06 -19.09 7.62
C GLU B 332 9.77 -18.39 8.01
N PRO B 333 9.14 -17.69 7.03
CA PRO B 333 7.92 -16.99 7.34
C PRO B 333 6.78 -17.94 7.64
N LEU B 334 6.06 -17.63 8.71
CA LEU B 334 4.85 -18.31 9.10
C LEU B 334 3.77 -17.24 9.21
N ALA B 335 2.68 -17.41 8.49
CA ALA B 335 1.58 -16.45 8.56
C ALA B 335 0.50 -16.88 9.57
N SER B 336 -0.17 -15.92 10.18
CA SER B 336 -1.29 -16.29 11.07
C SER B 336 -2.31 -17.14 10.30
N SER B 337 -2.52 -16.79 9.04
CA SER B 337 -3.47 -17.53 8.19
C SER B 337 -3.05 -18.97 7.91
N ASP B 338 -1.75 -19.27 8.00
CA ASP B 338 -1.27 -20.67 7.85
C ASP B 338 -1.64 -21.62 9.00
N LEU B 339 -1.91 -21.05 10.18
CA LEU B 339 -2.15 -21.86 11.38
C LEU B 339 -3.38 -22.74 11.32
N SER B 340 -3.24 -23.96 11.83
CA SER B 340 -4.37 -24.89 11.92
C SER B 340 -5.41 -24.32 12.92
N ARG B 341 -6.70 -24.49 12.61
CA ARG B 341 -7.80 -23.94 13.43
C ARG B 341 -8.98 -24.88 13.59
N SER B 342 -9.87 -24.52 14.50
CA SER B 342 -11.08 -25.31 14.81
C SER B 342 -12.20 -25.18 13.77
N ASN B 343 -11.92 -25.84 12.65
CA ASN B 343 -12.84 -26.08 11.53
C ASN B 343 -12.98 -24.98 10.51
N TRP B 344 -11.99 -24.11 10.43
CA TRP B 344 -11.99 -23.07 9.42
C TRP B 344 -10.59 -22.53 9.15
N CYS B 345 -10.50 -21.74 8.10
CA CYS B 345 -9.28 -20.99 7.81
C CYS B 345 -9.71 -19.61 7.35
N PRO B 346 -8.85 -18.61 7.54
CA PRO B 346 -9.24 -17.31 7.05
C PRO B 346 -9.38 -17.40 5.54
N GLY B 347 -10.60 -17.25 5.04
CA GLY B 347 -10.88 -17.35 3.62
C GLY B 347 -11.69 -18.57 3.25
N SER B 348 -12.09 -19.33 4.26
CA SER B 348 -12.87 -20.54 4.01
C SER B 348 -14.33 -20.33 4.37
N ASP B 349 -15.17 -21.21 3.86
CA ASP B 349 -16.55 -21.30 4.31
C ASP B 349 -16.57 -22.55 5.17
N VAL B 350 -17.76 -22.97 5.58
CA VAL B 350 -17.90 -24.16 6.41
C VAL B 350 -18.98 -25.06 5.86
N PRO B 352 -21.53 -27.86 6.32
CA PRO B 352 -22.13 -28.46 7.50
C PRO B 352 -21.89 -29.96 7.60
N GLU B 353 -21.67 -30.46 8.81
CA GLU B 353 -21.61 -31.89 9.01
C GLU B 353 -23.05 -32.37 8.97
N GLU B 354 -23.29 -33.54 8.38
CA GLU B 354 -24.60 -34.15 8.34
C GLU B 354 -24.62 -35.44 9.11
N ALA B 355 -25.78 -35.77 9.65
CA ALA B 355 -25.97 -37.04 10.29
C ALA B 355 -27.36 -37.50 9.99
N VAL B 356 -27.50 -38.78 9.63
CA VAL B 356 -28.81 -39.36 9.41
C VAL B 356 -29.36 -39.75 10.76
N ILE B 357 -30.39 -39.04 11.21
CA ILE B 357 -31.03 -39.28 12.48
C ILE B 357 -31.95 -40.48 12.42
N GLY B 358 -32.61 -40.67 11.29
CA GLY B 358 -33.58 -41.74 11.15
C GLY B 358 -34.98 -41.19 11.33
N ASP B 359 -35.91 -42.06 11.69
CA ASP B 359 -37.29 -41.65 11.88
C ASP B 359 -37.50 -40.96 13.21
N LEU B 360 -38.40 -40.00 13.23
CA LEU B 360 -38.71 -39.33 14.48
C LEU B 360 -40.18 -39.37 14.63
N SER B 361 -40.59 -39.82 15.81
CA SER B 361 -42.01 -39.91 16.14
C SER B 361 -42.58 -38.53 16.37
N ALA B 362 -43.90 -38.39 16.25
CA ALA B 362 -44.54 -37.12 16.56
C ALA B 362 -44.37 -36.91 18.05
N GLY B 363 -44.20 -35.66 18.46
CA GLY B 363 -44.08 -35.35 19.87
C GLY B 363 -42.76 -34.70 20.23
N LYS B 364 -42.44 -34.78 21.52
CA LYS B 364 -41.26 -34.21 22.11
C LYS B 364 -39.99 -35.00 21.83
N HIS B 365 -38.90 -34.28 21.61
CA HIS B 365 -37.59 -34.88 21.40
C HIS B 365 -36.58 -33.97 22.05
N SER B 366 -35.39 -34.49 22.30
CA SER B 366 -34.33 -33.70 22.92
CA SER B 366 -34.33 -33.71 22.93
C SER B 366 -33.15 -33.59 21.97
N PHE B 367 -32.41 -32.49 22.12
CA PHE B 367 -31.23 -32.19 21.31
C PHE B 367 -30.17 -31.61 22.23
N LYS B 368 -28.92 -32.05 22.04
CA LYS B 368 -27.83 -31.67 22.95
C LYS B 368 -26.53 -31.47 22.22
N VAL B 369 -25.85 -30.39 22.56
CA VAL B 369 -24.57 -30.09 21.98
C VAL B 369 -23.59 -29.93 23.12
N SER B 370 -22.52 -30.71 23.07
CA SER B 370 -21.52 -30.74 24.11
C SER B 370 -20.16 -30.56 23.53
N ILE B 371 -19.45 -29.57 24.03
CA ILE B 371 -18.05 -29.32 23.69
C ILE B 371 -17.37 -29.23 25.06
N PRO B 372 -17.21 -30.39 25.71
CA PRO B 372 -16.85 -30.46 27.13
C PRO B 372 -15.56 -29.78 27.59
N GLU B 373 -14.54 -29.71 26.74
CA GLU B 373 -13.28 -29.09 27.17
C GLU B 373 -13.21 -27.67 26.65
N ALA B 374 -14.33 -27.12 26.18
CA ALA B 374 -14.32 -25.73 25.70
C ALA B 374 -13.85 -24.82 26.83
N GLN B 375 -13.19 -23.74 26.47
CA GLN B 375 -12.68 -22.83 27.49
C GLN B 375 -13.58 -21.63 27.76
N GLN B 376 -13.45 -21.06 28.96
CA GLN B 376 -14.21 -19.91 29.33
C GLN B 376 -13.62 -18.62 28.79
N VAL B 377 -14.46 -17.60 28.64
CA VAL B 377 -14.00 -16.24 28.36
C VAL B 377 -13.26 -15.79 29.61
N ASP B 378 -12.13 -15.13 29.40
CA ASP B 378 -11.27 -14.69 30.49
C ASP B 378 -10.67 -13.34 30.12
N GLY B 379 -11.34 -12.26 30.51
CA GLY B 379 -10.87 -10.93 30.18
C GLY B 379 -10.90 -10.77 28.67
N ASN B 380 -9.73 -10.56 28.08
CA ASN B 380 -9.59 -10.40 26.63
C ASN B 380 -9.49 -11.70 25.87
N LYS B 381 -9.46 -12.82 26.56
CA LYS B 381 -9.42 -14.13 25.92
C LYS B 381 -10.85 -14.50 25.56
N LEU B 382 -11.24 -14.28 24.30
CA LEU B 382 -12.62 -14.48 23.90
C LEU B 382 -12.92 -15.84 23.34
N ASN B 383 -12.72 -16.87 24.15
CA ASN B 383 -13.03 -18.23 23.76
C ASN B 383 -14.53 -18.44 23.58
N HIS B 384 -14.93 -19.04 22.46
CA HIS B 384 -16.32 -19.36 22.25
C HIS B 384 -16.47 -20.34 21.06
N TRP B 385 -17.70 -20.83 20.88
CA TRP B 385 -18.02 -21.74 19.80
C TRP B 385 -19.28 -21.27 19.06
N LEU B 386 -19.13 -21.03 17.77
CA LEU B 386 -20.27 -20.62 16.92
C LEU B 386 -20.87 -21.90 16.38
N VAL B 387 -22.10 -22.16 16.79
CA VAL B 387 -22.78 -23.40 16.47
C VAL B 387 -24.18 -23.13 15.98
N SER B 388 -24.56 -23.74 14.87
CA SER B 388 -25.96 -23.65 14.43
C SER B 388 -26.34 -25.02 13.98
N ALA B 389 -27.61 -25.35 14.11
CA ALA B 389 -28.05 -26.68 13.72
C ALA B 389 -29.52 -26.68 13.32
N TYR B 390 -29.84 -27.54 12.37
CA TYR B 390 -31.19 -27.66 11.93
C TYR B 390 -31.44 -29.05 11.42
N LEU B 391 -32.73 -29.38 11.28
CA LEU B 391 -33.16 -30.67 10.76
C LEU B 391 -33.79 -30.47 9.40
N VAL B 392 -33.67 -31.47 8.54
CA VAL B 392 -34.26 -31.44 7.21
C VAL B 392 -34.79 -32.82 6.88
N TRP B 393 -35.91 -32.87 6.17
CA TRP B 393 -36.50 -34.13 5.78
C TRP B 393 -37.55 -33.88 4.74
N GLU B 394 -38.03 -34.94 4.10
CA GLU B 394 -39.11 -34.88 3.12
C GLU B 394 -40.34 -35.50 3.72
N GLU B 395 -41.50 -34.89 3.51
CA GLU B 395 -42.74 -35.41 4.04
C GLU B 395 -43.51 -35.94 2.85
N GLU C 6 45.33 38.71 -11.84
CA GLU C 6 44.31 38.03 -12.74
C GLU C 6 44.45 36.49 -12.58
N LEU C 7 43.44 35.85 -11.99
CA LEU C 7 43.42 34.39 -11.73
C LEU C 7 42.60 33.64 -12.76
N PRO C 8 43.08 32.47 -13.23
CA PRO C 8 42.34 31.72 -14.23
C PRO C 8 41.02 31.15 -13.70
N ALA C 9 40.04 31.03 -14.59
CA ALA C 9 38.73 30.50 -14.26
C ALA C 9 38.64 29.01 -14.63
N LEU C 10 38.41 28.19 -13.61
CA LEU C 10 38.24 26.75 -13.78
C LEU C 10 36.78 26.38 -14.09
N GLY C 11 35.85 27.29 -13.77
CA GLY C 11 34.44 27.06 -14.02
C GLY C 11 33.78 26.41 -12.83
N ASN C 12 32.46 26.30 -12.87
CA ASN C 12 31.70 25.68 -11.79
C ASN C 12 31.81 24.16 -11.79
N THR C 13 31.55 23.59 -10.64
CA THR C 13 31.61 22.16 -10.49
C THR C 13 30.34 21.71 -9.79
N HIS C 14 29.64 20.79 -10.43
CA HIS C 14 28.45 20.16 -9.88
C HIS C 14 28.72 18.67 -9.70
N ILE C 15 28.38 18.14 -8.53
CA ILE C 15 28.60 16.74 -8.28
C ILE C 15 27.34 16.10 -7.76
N GLN C 16 26.90 15.05 -8.45
CA GLN C 16 25.78 14.27 -7.99
C GLN C 16 26.40 13.15 -7.17
N VAL C 17 26.67 13.40 -5.91
CA VAL C 17 27.39 12.45 -5.06
C VAL C 17 26.62 11.16 -4.91
N PHE C 18 25.38 11.28 -4.47
CA PHE C 18 24.51 10.13 -4.30
C PHE C 18 23.23 10.45 -5.05
N ASP C 19 22.61 9.42 -5.59
CA ASP C 19 21.39 9.56 -6.36
C ASP C 19 20.46 8.40 -6.05
N LYS C 20 19.54 8.62 -5.11
CA LYS C 20 18.66 7.57 -4.64
C LYS C 20 19.46 6.36 -4.23
N THR C 21 20.58 6.62 -3.55
CA THR C 21 21.44 5.57 -3.09
C THR C 21 20.83 4.98 -1.82
N PRO C 22 20.63 3.67 -1.82
CA PRO C 22 20.08 3.07 -0.61
C PRO C 22 20.93 3.17 0.65
N VAL C 23 20.26 3.44 1.76
CA VAL C 23 20.86 3.48 3.07
C VAL C 23 19.99 2.52 3.88
N CYS C 24 20.59 1.44 4.38
CA CYS C 24 19.80 0.39 5.01
C CYS C 24 20.60 -0.46 5.96
N PHE C 25 19.95 -1.43 6.58
CA PHE C 25 20.61 -2.34 7.48
C PHE C 25 20.41 -3.75 6.96
N ARG C 26 21.45 -4.26 6.28
CA ARG C 26 21.45 -5.58 5.70
C ARG C 26 22.77 -6.29 5.99
N PRO C 27 22.91 -6.75 7.23
CA PRO C 27 24.19 -7.36 7.69
C PRO C 27 24.58 -8.66 7.00
N ASP C 28 23.65 -9.31 6.30
CA ASP C 28 23.97 -10.51 5.53
C ASP C 28 24.58 -10.15 4.18
N SER C 29 24.23 -8.98 3.63
CA SER C 29 24.80 -8.52 2.37
C SER C 29 26.01 -7.64 2.57
N PHE C 30 26.01 -6.82 3.63
CA PHE C 30 27.09 -5.89 3.88
C PHE C 30 27.68 -5.99 5.30
N PRO C 31 29.00 -6.25 5.42
CA PRO C 31 29.62 -6.31 6.75
C PRO C 31 29.96 -4.89 7.21
N ASN C 32 30.86 -4.72 8.17
CA ASN C 32 31.25 -3.38 8.61
C ASN C 32 31.87 -2.57 7.55
N TYR C 33 32.55 -3.19 6.60
CA TYR C 33 33.16 -2.46 5.51
C TYR C 33 32.98 -3.19 4.18
N THR C 34 32.47 -2.47 3.18
CA THR C 34 32.33 -3.00 1.83
C THR C 34 33.03 -2.01 0.91
N PRO C 35 33.99 -2.48 0.10
CA PRO C 35 34.69 -1.49 -0.74
C PRO C 35 33.82 -0.91 -1.82
N ALA C 36 34.32 0.16 -2.41
CA ALA C 36 33.62 0.90 -3.44
C ALA C 36 32.94 0.02 -4.48
N ASN C 37 31.66 0.25 -4.72
CA ASN C 37 30.95 -0.47 -5.77
C ASN C 37 31.20 0.21 -7.14
N ALA C 38 30.49 -0.21 -8.18
CA ALA C 38 30.72 0.33 -9.53
C ALA C 38 30.46 1.84 -9.61
N ASP C 39 29.61 2.36 -8.75
CA ASP C 39 29.33 3.79 -8.75
C ASP C 39 30.19 4.60 -7.79
N GLY C 40 31.18 3.97 -7.15
CA GLY C 40 32.06 4.67 -6.18
C GLY C 40 31.55 4.69 -4.75
N VAL C 41 30.40 4.07 -4.51
CA VAL C 41 29.83 4.07 -3.19
C VAL C 41 30.44 3.01 -2.29
N ILE C 42 30.97 3.48 -1.17
CA ILE C 42 31.53 2.63 -0.13
C ILE C 42 30.47 2.50 0.96
N ARG C 43 30.33 1.32 1.54
CA ARG C 43 29.32 1.11 2.58
C ARG C 43 29.96 0.68 3.86
N LEU C 44 29.56 1.34 4.94
CA LEU C 44 30.02 0.97 6.28
C LEU C 44 28.84 0.55 7.13
N VAL C 45 29.16 -0.14 8.21
CA VAL C 45 28.19 -0.62 9.19
CA VAL C 45 28.19 -0.59 9.20
C VAL C 45 26.92 -1.19 8.56
N ASN C 46 27.12 -2.22 7.74
CA ASN C 46 26.05 -2.98 7.15
C ASN C 46 25.09 -2.20 6.27
N GLY C 47 25.53 -1.05 5.78
CA GLY C 47 24.70 -0.22 4.91
C GLY C 47 24.15 1.05 5.51
N ARG C 48 24.33 1.22 6.82
CA ARG C 48 23.82 2.40 7.53
C ARG C 48 24.58 3.66 7.15
N ILE C 49 25.78 3.48 6.58
CA ILE C 49 26.59 4.60 6.12
C ILE C 49 27.02 4.38 4.69
N ILE C 50 26.77 5.40 3.86
CA ILE C 50 27.26 5.43 2.48
C ILE C 50 28.28 6.56 2.41
N LEU C 51 29.32 6.32 1.63
CA LEU C 51 30.47 7.19 1.58
C LEU C 51 30.98 7.25 0.14
N LYS C 52 31.54 8.40 -0.25
CA LYS C 52 32.11 8.51 -1.57
C LYS C 52 33.23 9.55 -1.62
N LYS C 53 34.27 9.20 -2.38
CA LYS C 53 35.36 10.09 -2.61
C LYS C 53 34.96 11.12 -3.69
N ILE C 54 35.10 12.41 -3.38
CA ILE C 54 34.85 13.45 -4.32
C ILE C 54 36.16 14.19 -4.64
N THR C 55 36.26 14.69 -5.87
CA THR C 55 37.44 15.48 -6.26
C THR C 55 36.92 16.78 -6.77
N LEU C 56 37.66 17.83 -6.45
CA LEU C 56 37.30 19.16 -6.83
C LEU C 56 38.50 19.80 -7.39
N PRO C 57 38.29 20.58 -8.43
CA PRO C 57 39.43 21.25 -9.01
C PRO C 57 40.12 22.20 -8.01
N ASP C 58 41.39 22.51 -8.29
CA ASP C 58 42.21 23.32 -7.40
C ASP C 58 41.85 24.79 -7.57
N TYR C 59 40.70 25.20 -7.01
CA TYR C 59 40.21 26.58 -7.17
C TYR C 59 41.15 27.58 -6.56
N LYS C 60 41.43 28.64 -7.31
CA LYS C 60 42.28 29.73 -6.83
C LYS C 60 41.42 30.93 -6.46
N ARG C 61 40.30 31.10 -7.17
CA ARG C 61 39.34 32.14 -6.87
C ARG C 61 38.42 31.66 -5.78
N ASP C 62 37.67 32.58 -5.20
CA ASP C 62 36.69 32.26 -4.18
C ASP C 62 35.53 31.49 -4.81
N VAL C 63 34.80 30.75 -3.98
CA VAL C 63 33.65 29.98 -4.40
C VAL C 63 32.52 30.01 -3.37
N ASP C 64 31.33 29.56 -3.81
CA ASP C 64 30.16 29.35 -2.94
C ASP C 64 29.85 27.89 -3.00
N VAL C 65 29.58 27.27 -1.86
CA VAL C 65 29.28 25.84 -1.85
C VAL C 65 27.87 25.61 -1.30
N THR C 66 27.07 24.89 -2.08
CA THR C 66 25.70 24.57 -1.73
C THR C 66 25.53 23.07 -1.68
N LEU C 67 24.84 22.63 -0.63
CA LEU C 67 24.57 21.23 -0.37
C LEU C 67 23.07 21.00 -0.44
N LYS C 68 22.66 19.97 -1.15
CA LYS C 68 21.26 19.65 -1.33
C LYS C 68 21.11 18.15 -1.10
N VAL C 69 20.42 17.79 -0.04
CA VAL C 69 20.21 16.42 0.36
C VAL C 69 18.73 16.10 0.20
N THR C 70 18.44 14.95 -0.39
CA THR C 70 17.06 14.50 -0.60
C THR C 70 16.90 13.08 -0.07
N VAL C 71 15.86 12.87 0.70
CA VAL C 71 15.62 11.56 1.30
C VAL C 71 14.21 11.10 1.05
N ALA C 72 14.07 9.79 0.89
CA ALA C 72 12.78 9.15 0.82
C ALA C 72 12.87 7.78 1.51
N SER C 73 11.77 7.36 2.12
CA SER C 73 11.70 6.03 2.68
C SER C 73 11.64 5.03 1.55
N ASN C 74 12.20 3.85 1.79
CA ASN C 74 12.12 2.78 0.81
C ASN C 74 11.47 1.62 1.47
N GLY C 75 10.68 1.93 2.50
CA GLY C 75 9.98 0.94 3.30
C GLY C 75 10.05 1.24 4.80
N ASP C 76 11.20 1.74 5.28
CA ASP C 76 11.38 2.02 6.67
C ASP C 76 10.33 3.04 7.01
N ARG C 77 9.55 2.75 8.05
CA ARG C 77 8.42 3.62 8.44
C ARG C 77 8.80 4.76 9.34
N TRP C 78 9.98 4.71 9.93
CA TRP C 78 10.30 5.62 11.03
C TRP C 78 10.99 6.93 10.71
N ASP C 79 11.00 7.77 11.75
CA ASP C 79 11.66 9.04 11.73
C ASP C 79 13.01 8.86 12.41
N LYS C 80 14.02 8.53 11.62
CA LYS C 80 15.35 8.24 12.15
C LYS C 80 16.32 9.40 11.97
N SER C 81 17.30 9.45 12.86
CA SER C 81 18.37 10.44 12.85
C SER C 81 19.32 10.24 11.70
N GLY C 82 19.78 11.35 11.15
CA GLY C 82 20.67 11.37 9.99
C GLY C 82 21.79 12.39 10.08
N SER C 83 22.91 12.09 9.41
CA SER C 83 24.06 12.96 9.44
C SER C 83 24.76 12.89 8.12
N CYS C 84 24.83 14.01 7.43
CA CYS C 84 25.58 14.12 6.20
C CYS C 84 26.89 14.70 6.67
N PHE C 85 28.00 14.08 6.30
CA PHE C 85 29.28 14.44 6.90
C PHE C 85 30.46 14.34 5.94
N VAL C 86 31.61 14.75 6.46
CA VAL C 86 32.86 14.59 5.74
C VAL C 86 33.93 14.14 6.74
N LEU C 87 34.80 13.22 6.30
CA LEU C 87 35.89 12.74 7.13
C LEU C 87 36.96 13.82 7.20
N PRO C 88 37.38 14.24 8.41
CA PRO C 88 38.35 15.37 8.46
C PRO C 88 39.67 15.00 7.79
N LYS C 89 40.17 15.86 6.90
CA LYS C 89 41.42 15.61 6.17
C LYS C 89 42.64 15.49 7.09
N GLU C 90 42.66 16.27 8.16
CA GLU C 90 43.78 16.26 9.08
C GLU C 90 43.76 15.09 10.08
N SER C 91 42.88 14.11 9.92
CA SER C 91 42.75 13.03 10.90
C SER C 91 43.25 11.70 10.36
N VAL C 92 44.17 11.07 11.09
CA VAL C 92 44.69 9.78 10.70
C VAL C 92 43.58 8.75 10.87
N ILE C 93 42.88 8.84 11.97
CA ILE C 93 41.81 7.91 12.26
C ILE C 93 40.46 8.49 11.81
N ASN C 94 39.65 7.67 11.13
CA ASN C 94 38.31 8.09 10.74
C ASN C 94 37.35 6.91 10.65
N LEU C 95 36.08 7.21 10.41
CA LEU C 95 35.05 6.20 10.34
C LEU C 95 35.37 5.06 9.39
N ASN C 97 38.50 3.90 8.11
CA ASN C 97 39.57 2.98 8.48
C ASN C 97 39.27 2.28 9.81
N ILE C 98 38.35 2.83 10.59
CA ILE C 98 37.85 2.09 11.77
C ILE C 98 36.99 0.91 11.28
N ALA C 99 36.09 1.17 10.32
CA ALA C 99 35.22 0.14 9.76
C ALA C 99 36.04 -0.97 9.10
N GLU C 100 37.18 -0.60 8.51
CA GLU C 100 38.06 -1.57 7.84
C GLU C 100 38.82 -2.46 8.84
N GLY C 101 38.80 -2.09 10.12
CA GLY C 101 39.51 -2.82 11.14
C GLY C 101 40.97 -2.40 11.25
N LYS C 102 41.36 -1.32 10.56
CA LYS C 102 42.74 -0.84 10.57
C LYS C 102 43.04 0.08 11.73
N ARG C 103 42.02 0.74 12.27
CA ARG C 103 42.17 1.66 13.38
C ARG C 103 41.00 1.57 14.35
N ALA C 104 41.14 2.30 15.46
CA ALA C 104 40.09 2.39 16.46
C ALA C 104 40.00 3.79 17.02
N PHE C 105 38.82 4.18 17.49
CA PHE C 105 38.73 5.45 18.17
C PHE C 105 39.69 5.39 19.33
N PRO C 106 40.36 6.50 19.63
CA PRO C 106 41.28 6.40 20.77
C PRO C 106 40.53 6.15 22.07
N ALA C 107 41.17 5.45 23.01
CA ALA C 107 40.61 5.26 24.33
C ALA C 107 40.43 6.63 24.96
N VAL C 108 39.43 6.78 25.80
CA VAL C 108 39.20 8.04 26.47
C VAL C 108 39.32 7.95 27.99
N ASP C 109 39.56 9.10 28.59
CA ASP C 109 39.64 9.22 30.04
C ASP C 109 38.23 9.06 30.60
N SER C 110 37.98 7.96 31.32
CA SER C 110 36.64 7.66 31.87
C SER C 110 36.13 8.69 32.90
N THR C 111 37.02 9.42 33.55
CA THR C 111 36.60 10.45 34.53
C THR C 111 35.97 11.62 33.83
N LYS C 112 36.36 11.82 32.57
CA LYS C 112 35.83 12.93 31.79
C LYS C 112 34.74 12.52 30.81
N TYR C 113 34.97 11.41 30.12
CA TYR C 113 34.12 11.01 29.01
C TYR C 113 33.53 9.60 29.09
N GLU C 114 33.60 8.99 30.28
CA GLU C 114 33.04 7.67 30.48
C GLU C 114 33.51 6.72 29.38
N LYS C 115 32.56 6.15 28.65
CA LYS C 115 32.81 5.21 27.55
C LYS C 115 32.40 5.78 26.19
N ILE C 117 33.50 6.92 23.33
CA ILE C 117 34.58 6.98 22.37
C ILE C 117 34.21 7.78 21.09
N GLY C 118 35.20 8.49 20.59
CA GLY C 118 35.07 9.24 19.36
C GLY C 118 34.31 10.55 19.39
N ILE C 119 33.85 10.98 20.56
CA ILE C 119 33.07 12.22 20.59
C ILE C 119 33.94 13.49 20.67
N VAL C 120 35.17 13.36 21.19
CA VAL C 120 36.11 14.48 21.29
C VAL C 120 37.42 14.07 20.65
N PRO C 121 38.35 15.03 20.40
CA PRO C 121 39.62 14.63 19.77
C PRO C 121 40.50 13.81 20.70
N GLY C 122 41.43 13.08 20.10
CA GLY C 122 42.39 12.30 20.84
C GLY C 122 43.58 12.08 19.92
N GLN C 123 44.53 11.28 20.38
CA GLN C 123 45.72 10.96 19.63
C GLN C 123 45.35 10.45 18.21
N ASP C 124 45.81 11.20 17.19
CA ASP C 124 45.56 10.89 15.78
C ASP C 124 44.08 10.92 15.36
N TYR C 125 43.25 11.59 16.17
CA TYR C 125 41.81 11.63 15.89
C TYR C 125 41.17 13.00 16.07
N VAL C 126 40.35 13.33 15.08
CA VAL C 126 39.56 14.55 15.04
C VAL C 126 38.14 14.11 14.72
N PRO C 127 37.16 14.57 15.51
CA PRO C 127 35.80 14.10 15.32
C PRO C 127 35.24 14.43 13.98
N THR C 128 34.37 13.55 13.51
CA THR C 128 33.74 13.72 12.22
C THR C 128 33.08 15.08 12.13
N LEU C 129 33.18 15.69 10.96
CA LEU C 129 32.59 16.97 10.71
C LEU C 129 31.26 16.83 10.00
N GLU C 130 30.21 17.43 10.56
CA GLU C 130 28.88 17.36 9.97
C GLU C 130 28.58 18.46 8.97
N LEU C 131 28.22 18.07 7.75
CA LEU C 131 27.82 19.03 6.74
C LEU C 131 26.35 19.39 6.95
N ARG C 133 22.84 18.00 9.66
CA ARG C 133 22.08 17.06 10.49
C ARG C 133 20.64 17.07 9.97
N PHE C 134 20.04 15.91 9.80
CA PHE C 134 18.64 15.85 9.40
C PHE C 134 17.89 14.73 10.14
N THR C 136 14.71 12.09 9.28
CA THR C 136 13.78 11.61 8.29
C THR C 136 12.34 11.67 8.79
N PRO C 137 11.41 11.91 7.86
CA PRO C 137 10.03 11.90 8.23
C PRO C 137 9.59 10.44 8.24
N PHE C 138 8.31 10.22 8.58
CA PHE C 138 7.72 8.91 8.65
C PHE C 138 7.23 8.43 7.30
N GLY C 139 8.07 7.64 6.63
CA GLY C 139 7.67 6.95 5.44
C GLY C 139 7.43 7.71 4.15
N VAL C 140 8.02 8.90 4.01
CA VAL C 140 7.77 9.71 2.81
C VAL C 140 8.23 8.96 1.56
N GLY C 141 7.42 9.02 0.51
CA GLY C 141 7.73 8.31 -0.72
C GLY C 141 7.09 6.95 -0.76
N TYR C 142 7.70 5.97 -0.12
CA TYR C 142 7.18 4.62 -0.17
C TYR C 142 5.73 4.56 0.24
N TYR C 143 5.33 5.34 1.25
CA TYR C 143 3.91 5.31 1.70
C TYR C 143 3.07 6.50 1.23
N SER C 144 3.59 7.26 0.27
CA SER C 144 2.93 8.50 -0.17
C SER C 144 1.92 8.43 -1.32
N SER C 145 1.68 7.28 -1.94
CA SER C 145 0.75 7.29 -3.07
C SER C 145 -0.68 7.64 -2.64
N ASP C 146 -1.45 8.17 -3.57
CA ASP C 146 -2.82 8.61 -3.37
C ASP C 146 -3.68 7.58 -2.63
N ASN C 147 -3.58 6.32 -3.04
CA ASN C 147 -4.38 5.27 -2.40
C ASN C 147 -3.61 4.27 -1.56
N ASP C 148 -2.51 4.70 -0.96
CA ASP C 148 -1.69 3.82 -0.13
C ASP C 148 -2.53 3.18 0.95
N SER C 149 -2.44 1.86 1.08
CA SER C 149 -3.29 1.11 2.05
C SER C 149 -3.05 1.42 3.57
N LEU C 150 -1.87 1.93 3.89
CA LEU C 150 -1.55 2.33 5.24
C LEU C 150 -1.88 3.82 5.53
N SER C 151 -1.53 4.71 4.60
CA SER C 151 -1.65 6.15 4.84
C SER C 151 -2.88 6.81 4.24
N SER C 152 -3.54 6.20 3.27
CA SER C 152 -4.68 6.91 2.65
C SER C 152 -5.74 7.39 3.67
N LYS C 153 -6.14 6.65 4.69
CA LYS C 153 -7.11 7.17 5.67
C LYS C 153 -6.47 7.79 6.93
N ARG C 154 -5.19 8.09 6.83
CA ARG C 154 -4.46 8.86 7.85
C ARG C 154 -4.25 10.29 7.34
N ARG C 155 -4.59 10.58 6.08
CA ARG C 155 -4.42 11.93 5.51
C ARG C 155 -5.50 12.88 6.03
N PRO C 156 -5.10 13.93 6.75
CA PRO C 156 -6.07 14.83 7.29
C PRO C 156 -6.70 15.61 6.15
N VAL C 157 -7.91 16.12 6.37
CA VAL C 157 -8.67 16.86 5.37
C VAL C 157 -7.91 18.10 4.88
N TYR C 158 -7.04 18.66 5.73
CA TYR C 158 -6.29 19.87 5.39
C TYR C 158 -4.99 19.58 4.62
N ILE C 159 -4.70 18.31 4.36
CA ILE C 159 -3.51 17.91 3.59
C ILE C 159 -3.97 17.32 2.25
N PRO C 160 -3.89 18.07 1.16
CA PRO C 160 -4.46 17.52 -0.08
C PRO C 160 -3.66 16.36 -0.66
N LYS C 161 -2.36 16.32 -0.44
CA LYS C 161 -1.55 15.19 -0.95
C LYS C 161 -0.26 15.07 -0.19
N TRP C 162 0.22 13.85 -0.07
CA TRP C 162 1.49 13.59 0.54
C TRP C 162 2.63 13.97 -0.44
N GLU C 163 3.72 14.47 0.10
CA GLU C 163 4.91 14.72 -0.68
C GLU C 163 5.54 13.37 -0.91
N LYS C 164 6.31 13.23 -2.01
CA LYS C 164 6.99 11.97 -2.37
C LYS C 164 8.44 11.87 -1.89
N SER C 165 8.98 12.95 -1.33
CA SER C 165 10.33 12.97 -0.81
C SER C 165 10.51 14.26 -0.06
N VAL C 166 11.64 14.40 0.63
CA VAL C 166 11.95 15.63 1.38
C VAL C 166 13.36 16.10 0.97
N THR C 167 13.55 17.40 0.88
CA THR C 167 14.78 18.01 0.39
C THR C 167 15.21 19.17 1.23
N TRP C 168 16.51 19.20 1.51
CA TRP C 168 17.09 20.26 2.32
C TRP C 168 18.28 20.89 1.62
N VAL C 169 18.40 22.20 1.76
CA VAL C 169 19.45 22.93 1.11
C VAL C 169 20.14 23.83 2.09
N GLN C 170 21.48 23.82 2.10
CA GLN C 170 22.24 24.74 2.97
C GLN C 170 23.49 25.22 2.29
N ASP C 171 23.88 26.44 2.62
CA ASP C 171 25.12 27.01 2.13
C ASP C 171 26.17 26.45 3.08
N ILE C 172 27.22 25.84 2.56
CA ILE C 172 28.27 25.31 3.41
C ILE C 172 29.64 25.82 2.95
N THR C 173 29.65 27.00 2.38
CA THR C 173 30.86 27.63 1.93
C THR C 173 31.97 27.60 3.00
N ASP C 174 31.59 27.85 4.25
CA ASP C 174 32.54 27.86 5.37
C ASP C 174 33.29 26.55 5.53
N LEU C 175 32.71 25.47 5.02
CA LEU C 175 33.31 24.14 5.13
C LEU C 175 34.16 23.76 3.93
N TYR C 176 34.40 24.69 3.01
CA TYR C 176 35.19 24.37 1.82
C TYR C 176 36.56 23.76 2.17
N PRO C 177 37.24 24.26 3.22
CA PRO C 177 38.53 23.64 3.55
C PRO C 177 38.45 22.14 3.80
N ALA C 178 37.36 21.66 4.39
CA ALA C 178 37.17 20.24 4.59
C ALA C 178 36.86 19.45 3.30
N LEU C 179 36.43 20.13 2.23
CA LEU C 179 36.10 19.48 0.95
C LEU C 179 37.16 19.61 -0.16
N GLU C 180 38.03 20.59 0.00
CA GLU C 180 39.05 20.94 -0.99
C GLU C 180 39.89 19.80 -1.57
N ARG C 181 40.14 19.86 -2.88
CA ARG C 181 41.01 18.90 -3.62
C ARG C 181 40.38 17.49 -3.67
N GLU C 182 40.32 16.82 -2.53
CA GLU C 182 39.81 15.48 -2.43
C GLU C 182 39.26 15.21 -1.03
N ALA C 183 38.09 14.60 -0.95
CA ALA C 183 37.53 14.29 0.35
C ALA C 183 36.52 13.16 0.29
N TYR C 184 36.33 12.50 1.42
CA TYR C 184 35.37 11.45 1.54
C TYR C 184 34.16 12.03 2.26
N VAL C 185 33.02 12.07 1.58
CA VAL C 185 31.80 12.58 2.20
C VAL C 185 30.83 11.42 2.31
N GLY C 186 29.88 11.52 3.23
CA GLY C 186 28.93 10.45 3.39
C GLY C 186 27.63 10.83 4.05
N ILE C 187 26.74 9.84 4.09
CA ILE C 187 25.49 9.99 4.76
C ILE C 187 25.28 8.79 5.69
N TYR C 188 24.89 9.08 6.92
CA TYR C 188 24.54 8.10 7.89
C TYR C 188 23.08 8.26 8.24
N ILE C 189 22.35 7.15 8.33
CA ILE C 189 20.98 7.18 8.85
C ILE C 189 20.88 6.03 9.87
N ASP C 190 20.32 6.31 11.03
CA ASP C 190 20.16 5.31 12.10
C ASP C 190 19.00 4.36 11.77
N THR C 191 19.13 3.62 10.68
CA THR C 191 18.11 2.69 10.21
C THR C 191 18.47 1.28 10.61
N TRP C 192 17.46 0.53 11.03
CA TRP C 192 17.64 -0.86 11.39
C TRP C 192 16.78 -1.81 10.53
N THR C 193 16.24 -1.35 9.42
CA THR C 193 15.45 -2.19 8.56
C THR C 193 16.21 -2.50 7.30
N ALA C 194 15.86 -3.62 6.68
CA ALA C 194 16.46 -4.00 5.42
C ALA C 194 15.94 -3.09 4.28
N GLU C 195 14.74 -2.55 4.42
CA GLU C 195 14.17 -1.73 3.37
C GLU C 195 14.86 -0.38 3.35
N GLY C 196 15.01 0.20 4.53
CA GLY C 196 15.71 1.47 4.69
C GLY C 196 15.19 2.65 3.88
N TYR C 197 16.13 3.44 3.39
CA TYR C 197 15.85 4.68 2.69
C TYR C 197 16.66 4.79 1.44
N VAL C 198 16.34 5.81 0.64
CA VAL C 198 17.19 6.17 -0.48
C VAL C 198 17.60 7.60 -0.18
N ALA C 199 18.85 7.92 -0.43
CA ALA C 199 19.38 9.27 -0.19
C ALA C 199 20.06 9.80 -1.43
N SER C 200 19.93 11.12 -1.64
CA SER C 200 20.57 11.83 -2.74
C SER C 200 21.32 13.00 -2.19
N GLU C 202 23.81 16.43 -3.57
CA GLU C 202 24.43 17.25 -4.59
C GLU C 202 25.29 18.34 -3.99
N LEU C 203 26.48 18.52 -4.56
CA LEU C 203 27.37 19.61 -4.20
C LEU C 203 27.49 20.50 -5.39
N ASP C 204 27.27 21.78 -5.17
CA ASP C 204 27.37 22.80 -6.20
C ASP C 204 28.42 23.81 -5.79
N VAL C 205 29.49 23.90 -6.57
CA VAL C 205 30.55 24.84 -6.29
C VAL C 205 30.50 25.92 -7.37
N LYS C 206 30.06 27.11 -6.99
CA LYS C 206 30.00 28.24 -7.94
C LYS C 206 31.23 29.09 -7.79
N GLU C 207 32.03 29.14 -8.85
CA GLU C 207 33.26 29.94 -8.88
C GLU C 207 32.97 31.41 -9.14
N SER C 208 33.65 32.28 -8.39
CA SER C 208 33.51 33.72 -8.56
C SER C 208 33.87 34.15 -9.97
N LYS C 209 33.06 35.04 -10.54
CA LYS C 209 33.29 35.57 -11.87
C LYS C 209 34.28 36.72 -11.84
N ILE C 210 34.74 37.13 -10.66
CA ILE C 210 35.66 38.28 -10.56
C ILE C 210 37.13 37.84 -10.63
N THR C 211 37.87 38.48 -11.53
CA THR C 211 39.27 38.18 -11.81
CA THR C 211 39.27 38.17 -11.83
C THR C 211 40.22 38.33 -10.60
N CYS C 212 40.00 39.36 -9.80
CA CYS C 212 40.84 39.65 -8.62
C CYS C 212 40.44 38.86 -7.36
N ASP C 213 39.27 38.21 -7.36
CA ASP C 213 38.70 37.58 -6.14
C ASP C 213 39.42 36.32 -5.62
N VAL C 214 40.55 36.53 -4.96
CA VAL C 214 41.38 35.46 -4.46
C VAL C 214 40.65 34.71 -3.40
N PRO C 216 39.85 33.25 0.02
CA PRO C 216 40.37 33.56 1.36
C PRO C 216 40.84 32.30 2.03
N GLU C 217 41.69 32.50 3.03
CA GLU C 217 42.25 31.42 3.78
C GLU C 217 41.28 31.01 4.87
N ARG C 218 40.31 30.18 4.51
CA ARG C 218 39.34 29.69 5.48
C ARG C 218 39.91 28.52 6.28
N ARG C 219 39.45 28.38 7.52
CA ARG C 219 39.88 27.30 8.39
C ARG C 219 38.67 26.71 9.07
N VAL C 220 38.75 25.41 9.35
CA VAL C 220 37.69 24.70 10.04
C VAL C 220 38.32 23.86 11.09
N LYS C 221 37.79 23.87 12.31
CA LYS C 221 38.36 23.05 13.38
C LYS C 221 37.25 22.29 14.12
N PRO C 222 37.08 20.99 13.80
CA PRO C 222 36.07 20.21 14.47
C PRO C 222 36.46 20.01 15.93
N LEU C 223 35.49 20.20 16.81
CA LEU C 223 35.70 20.10 18.25
C LEU C 223 35.04 18.87 18.85
N ASN C 225 31.64 15.70 18.39
CA ASN C 225 30.61 15.03 17.63
C ASN C 225 30.12 13.76 18.35
N THR C 226 28.91 13.83 18.92
CA THR C 226 28.38 12.70 19.68
C THR C 226 27.57 11.72 18.86
N VAL C 227 27.45 11.99 17.55
CA VAL C 227 26.71 11.06 16.69
C VAL C 227 27.36 9.65 16.73
N TYR C 228 26.56 8.64 16.99
CA TYR C 228 27.04 7.28 17.19
C TYR C 228 27.14 6.56 15.82
N TYR C 229 28.16 6.93 15.06
CA TYR C 229 28.35 6.39 13.76
C TYR C 229 28.71 4.92 13.76
N ILE C 230 29.67 4.52 14.60
CA ILE C 230 30.19 3.14 14.52
C ILE C 230 30.81 2.60 15.79
N GLY C 231 30.20 1.56 16.36
CA GLY C 231 30.63 0.97 17.63
C GLY C 231 30.57 1.96 18.77
N GLN C 232 29.62 2.91 18.65
CA GLN C 232 29.47 3.97 19.60
C GLN C 232 28.18 3.84 20.35
N THR C 233 28.15 4.52 21.47
CA THR C 233 27.08 4.37 22.44
C THR C 233 26.18 5.63 22.44
N TYR C 234 24.91 5.45 22.79
CA TYR C 234 23.96 6.57 22.89
C TYR C 234 24.53 7.67 23.84
N PRO C 235 24.55 8.96 23.41
CA PRO C 235 25.17 10.00 24.23
C PRO C 235 24.26 10.67 25.26
N ASP C 236 24.04 9.97 26.36
CA ASP C 236 23.30 10.50 27.49
C ASP C 236 24.27 11.02 28.55
N ILE C 237 25.56 11.08 28.24
CA ILE C 237 26.58 11.53 29.20
C ILE C 237 26.25 12.85 29.89
N PHE C 238 25.59 13.75 29.15
CA PHE C 238 25.24 15.06 29.70
C PHE C 238 24.38 14.99 30.94
N SER C 239 23.73 13.84 31.15
CA SER C 239 22.88 13.66 32.31
C SER C 239 23.68 13.47 33.59
N ARG C 240 24.95 13.08 33.48
CA ARG C 240 25.81 12.92 34.67
C ARG C 240 26.90 13.96 34.71
N LYS C 241 27.40 14.36 33.54
CA LYS C 241 28.42 15.38 33.53
C LYS C 241 28.45 16.20 32.25
N ASP C 242 28.98 17.42 32.38
CA ASP C 242 29.20 18.30 31.27
C ASP C 242 30.37 17.72 30.45
N VAL C 243 30.39 17.93 29.14
CA VAL C 243 31.50 17.46 28.30
C VAL C 243 32.47 18.64 28.12
N VAL C 244 33.64 18.51 28.72
CA VAL C 244 34.65 19.56 28.72
C VAL C 244 35.87 19.07 28.00
N ASP C 246 39.79 20.46 25.89
CA ASP C 246 40.77 21.45 25.55
C ASP C 246 41.04 21.43 24.06
N PHE C 247 41.44 22.56 23.52
CA PHE C 247 41.86 22.55 22.15
C PHE C 247 42.99 23.55 21.98
N ASP C 248 43.77 23.37 20.94
CA ASP C 248 44.90 24.27 20.66
C ASP C 248 44.64 25.14 19.48
N PRO C 250 47.23 26.95 17.25
CA PRO C 250 48.67 27.18 17.03
C PRO C 250 49.03 28.63 16.71
N LYS C 251 48.09 29.35 16.10
CA LYS C 251 48.25 30.72 15.67
C LYS C 251 47.05 31.50 16.15
N ALA C 252 47.26 32.75 16.57
CA ALA C 252 46.15 33.58 16.97
C ALA C 252 45.17 33.73 15.79
N ALA C 253 43.89 33.84 16.07
CA ALA C 253 42.88 33.94 15.04
C ALA C 253 41.92 35.04 15.40
N LYS C 254 41.41 35.69 14.36
CA LYS C 254 40.57 36.85 14.52
C LYS C 254 39.12 36.53 14.11
N ASN C 255 38.16 37.07 14.87
CA ASN C 255 36.73 36.91 14.56
C ASN C 255 36.33 35.44 14.30
N VAL C 256 36.61 34.60 15.29
CA VAL C 256 36.30 33.19 15.20
C VAL C 256 34.83 32.96 15.48
N ARG C 257 34.21 32.03 14.76
CA ARG C 257 32.80 31.69 14.99
C ARG C 257 32.64 30.23 15.35
N LEU C 258 31.73 29.97 16.28
CA LEU C 258 31.40 28.60 16.69
C LEU C 258 30.12 28.20 16.01
N LYS C 259 30.09 26.99 15.47
CA LYS C 259 28.86 26.45 14.93
C LYS C 259 28.51 25.24 15.76
N TYR C 260 27.26 25.17 16.20
CA TYR C 260 26.76 24.17 17.15
C TYR C 260 25.47 23.56 16.64
N ILE C 261 25.50 22.25 16.50
CA ILE C 261 24.39 21.49 15.94
C ILE C 261 23.86 20.55 17.00
N VAL C 262 22.63 20.78 17.46
CA VAL C 262 22.10 19.91 18.48
C VAL C 262 20.68 19.45 18.23
N THR C 263 20.43 18.17 18.54
CA THR C 263 19.08 17.64 18.56
C THR C 263 18.96 16.74 19.78
N GLY C 264 17.79 16.80 20.44
CA GLY C 264 17.47 15.98 21.64
C GLY C 264 16.64 14.76 21.27
N HIS C 265 16.84 13.67 22.02
CA HIS C 265 16.25 12.39 21.64
C HIS C 265 15.78 11.56 22.79
N GLY C 266 14.99 10.54 22.48
CA GLY C 266 14.36 9.68 23.48
C GLY C 266 12.86 9.80 23.21
N GLY C 267 12.38 8.96 22.28
CA GLY C 267 11.04 9.02 21.71
C GLY C 267 9.87 8.49 22.49
N HIS C 268 10.10 8.11 23.73
CA HIS C 268 9.07 7.63 24.59
C HIS C 268 8.45 8.84 25.25
N SER C 269 7.33 8.63 25.92
CA SER C 269 6.64 9.73 26.56
C SER C 269 7.49 10.32 27.70
N GLY C 270 7.70 11.64 27.65
CA GLY C 270 8.50 12.33 28.65
C GLY C 270 10.01 12.27 28.39
N GLY C 271 10.44 11.69 27.26
CA GLY C 271 11.86 11.60 26.91
C GLY C 271 12.44 12.91 26.41
N ASP C 272 13.76 12.98 26.25
CA ASP C 272 14.40 14.23 25.82
C ASP C 272 14.03 14.69 24.37
N GLU C 273 13.40 13.83 23.59
CA GLU C 273 12.93 14.23 22.29
C GLU C 273 11.82 15.25 22.47
N PHE C 274 11.03 15.07 23.54
CA PHE C 274 9.80 15.84 23.72
C PHE C 274 9.78 16.76 24.92
N VAL C 275 10.91 16.95 25.60
CA VAL C 275 10.98 17.84 26.75
C VAL C 275 12.03 18.94 26.53
N GLU C 276 11.74 20.14 27.00
CA GLU C 276 12.64 21.27 26.82
C GLU C 276 13.83 21.15 27.78
N LYS C 277 15.04 21.23 27.24
CA LYS C 277 16.26 21.18 28.05
C LYS C 277 17.26 22.25 27.63
N ARG C 278 17.61 23.12 28.56
CA ARG C 278 18.54 24.20 28.29
C ARG C 278 19.90 23.65 27.91
N ASN C 279 20.50 24.19 26.85
CA ASN C 279 21.87 23.89 26.44
C ASN C 279 22.71 25.10 26.77
N ILE C 280 23.85 24.89 27.40
CA ILE C 280 24.77 25.97 27.72
C ILE C 280 26.14 25.63 27.19
N VAL C 281 26.65 26.47 26.31
CA VAL C 281 27.91 26.20 25.64
C VAL C 281 28.87 27.29 25.99
N SER C 282 30.07 26.90 26.38
CA SER C 282 31.08 27.86 26.82
C SER C 282 32.42 27.68 26.19
N VAL C 283 33.14 28.79 26.01
CA VAL C 283 34.50 28.77 25.51
C VAL C 283 35.35 29.58 26.47
N ASP C 284 36.44 28.97 26.95
CA ASP C 284 37.33 29.63 27.92
C ASP C 284 36.54 30.12 29.14
N GLY C 285 35.57 29.32 29.59
CA GLY C 285 34.78 29.66 30.76
C GLY C 285 33.68 30.67 30.57
N LYS C 286 33.55 31.27 29.37
CA LYS C 286 32.52 32.24 29.09
C LYS C 286 31.38 31.57 28.30
N GLU C 287 30.14 31.80 28.71
CA GLU C 287 28.99 31.27 27.94
C GLU C 287 28.91 31.93 26.55
N VAL C 288 28.72 31.17 25.49
CA VAL C 288 28.63 31.77 24.15
C VAL C 288 27.27 31.45 23.55
N LEU C 289 26.66 30.35 24.01
CA LEU C 289 25.31 30.00 23.66
C LEU C 289 24.63 29.52 24.93
N ASN C 290 23.38 29.91 25.10
CA ASN C 290 22.58 29.49 26.22
C ASN C 290 21.16 29.59 25.77
N PHE C 291 20.55 28.44 25.50
CA PHE C 291 19.22 28.41 24.92
C PHE C 291 18.56 27.04 24.99
N ILE C 292 17.24 27.01 24.80
CA ILE C 292 16.47 25.79 24.77
C ILE C 292 16.31 25.36 23.32
N PRO C 293 16.91 24.23 22.93
CA PRO C 293 16.74 23.80 21.53
C PRO C 293 15.35 23.25 21.37
N TRP C 294 14.52 23.95 20.60
CA TRP C 294 13.12 23.58 20.52
C TRP C 294 12.42 23.99 19.24
N ARG C 295 11.44 23.18 18.83
CA ARG C 295 10.55 23.52 17.73
C ARG C 295 9.12 23.26 18.14
N ASP C 296 8.25 24.23 17.87
CA ASP C 296 6.81 24.17 18.11
C ASP C 296 6.04 24.28 16.82
N ASP C 297 6.69 24.01 15.68
CA ASP C 297 6.01 24.12 14.36
C ASP C 297 5.99 22.82 13.59
N CYS C 298 6.06 21.69 14.27
CA CYS C 298 6.15 20.42 13.55
C CYS C 298 4.90 20.06 12.73
N ALA C 299 3.76 20.68 13.02
CA ALA C 299 2.60 20.46 12.19
C ALA C 299 2.84 20.91 10.78
N SER C 300 3.74 21.87 10.59
CA SER C 300 4.08 22.37 9.24
C SER C 300 4.74 21.32 8.33
N PHE C 301 5.22 20.22 8.92
CA PHE C 301 5.85 19.13 8.17
C PHE C 301 4.89 17.98 7.92
N ARG C 302 3.62 18.14 8.25
CA ARG C 302 2.66 17.05 8.12
C ARG C 302 2.62 16.35 6.76
N ARG C 303 2.66 17.08 5.67
CA ARG C 303 2.53 16.44 4.36
C ARG C 303 3.70 15.54 4.00
N PHE C 304 4.79 15.61 4.76
CA PHE C 304 5.94 14.72 4.54
C PHE C 304 5.88 13.43 5.38
N ASN C 305 4.81 13.23 6.13
CA ASN C 305 4.74 12.12 7.08
C ASN C 305 3.53 11.20 6.95
N PRO C 306 3.38 10.57 5.80
CA PRO C 306 2.22 9.68 5.61
C PRO C 306 2.13 8.52 6.59
N ALA C 307 3.26 8.00 7.07
CA ALA C 307 3.22 6.81 7.94
C ALA C 307 3.33 7.12 9.43
N THR C 308 3.23 8.39 9.79
CA THR C 308 3.29 8.71 11.20
C THR C 308 2.09 8.11 11.93
N GLY C 309 2.28 7.83 13.23
CA GLY C 309 1.20 7.32 14.06
C GLY C 309 0.19 8.42 14.24
N VAL C 310 -1.04 8.05 14.54
CA VAL C 310 -2.14 8.99 14.75
C VAL C 310 -3.06 8.63 15.93
N TRP C 311 -3.40 9.65 16.72
CA TRP C 311 -4.31 9.49 17.87
C TRP C 311 -5.51 10.38 17.66
N LEU C 312 -6.60 10.07 18.35
CA LEU C 312 -7.77 10.94 18.34
C LEU C 312 -7.86 11.67 19.69
N ILE C 313 -7.85 12.99 19.66
CA ILE C 313 -7.91 13.79 20.85
C ILE C 313 -9.24 14.49 20.87
N PRO C 314 -10.02 14.31 21.93
CA PRO C 314 -11.28 15.03 21.96
C PRO C 314 -11.05 16.52 22.23
N ARG C 315 -11.92 17.33 21.67
CA ARG C 315 -11.81 18.76 21.83
C ARG C 315 -13.12 19.40 21.45
N VAL C 316 -13.49 20.47 22.17
CA VAL C 316 -14.67 21.25 21.80
C VAL C 316 -14.16 22.21 20.74
N ALA C 317 -14.78 22.20 19.56
CA ALA C 317 -14.30 23.03 18.47
C ALA C 317 -15.34 23.97 17.97
N ALA C 318 -14.92 25.20 17.73
CA ALA C 318 -15.76 26.23 17.17
C ALA C 318 -15.70 26.09 15.67
N TYR C 319 -16.83 26.27 15.02
CA TYR C 319 -16.89 26.11 13.57
C TYR C 319 -18.12 26.79 13.00
N ILE C 320 -18.15 26.93 11.69
CA ILE C 320 -19.26 27.53 11.00
C ILE C 320 -20.17 26.42 10.49
N GLY C 321 -21.37 26.34 11.06
CA GLY C 321 -22.38 25.36 10.65
C GLY C 321 -23.42 26.08 9.85
N ASP C 322 -24.45 25.37 9.41
CA ASP C 322 -25.49 25.99 8.58
C ASP C 322 -26.26 27.12 9.30
N LYS C 323 -26.30 27.10 10.63
CA LYS C 323 -27.01 28.15 11.39
C LYS C 323 -26.02 29.12 12.06
N GLY C 324 -24.88 29.39 11.43
CA GLY C 324 -23.88 30.30 11.97
C GLY C 324 -22.82 29.63 12.84
N TYR C 325 -22.03 30.46 13.52
CA TYR C 325 -20.99 29.99 14.40
C TYR C 325 -21.54 29.10 15.50
N THR C 326 -20.86 28.00 15.81
CA THR C 326 -21.30 27.14 16.91
C THR C 326 -20.14 26.28 17.41
N THR C 327 -20.40 25.42 18.39
CA THR C 327 -19.36 24.55 18.95
C THR C 327 -19.85 23.13 19.12
N LYS C 328 -18.93 22.17 19.10
CA LYS C 328 -19.27 20.77 19.29
C LYS C 328 -18.07 19.93 19.67
N GLU C 329 -18.32 18.83 20.37
CA GLU C 329 -17.26 17.88 20.69
C GLU C 329 -16.93 17.11 19.42
N ILE C 330 -15.63 17.03 19.15
CA ILE C 330 -15.12 16.29 18.01
C ILE C 330 -13.93 15.51 18.53
N GLU C 331 -13.45 14.61 17.68
CA GLU C 331 -12.30 13.80 17.95
C GLU C 331 -11.33 14.20 16.86
N GLU C 332 -10.31 14.94 17.27
CA GLU C 332 -9.37 15.49 16.33
C GLU C 332 -8.07 14.69 16.23
N PRO C 333 -7.71 14.28 15.01
CA PRO C 333 -6.45 13.59 14.80
C PRO C 333 -5.21 14.44 15.17
N LEU C 334 -4.32 13.79 15.91
CA LEU C 334 -3.04 14.32 16.29
C LEU C 334 -2.00 13.33 15.83
N ALA C 335 -1.04 13.79 15.02
CA ALA C 335 0.00 12.92 14.51
C ALA C 335 1.25 12.98 15.37
N SER C 336 1.97 11.86 15.51
CA SER C 336 3.24 11.92 16.23
C SER C 336 4.13 13.03 15.61
N SER C 337 4.08 13.18 14.29
CA SER C 337 4.90 14.19 13.58
C SER C 337 4.50 15.61 13.92
N ASP C 338 3.27 15.84 14.39
CA ASP C 338 2.83 17.19 14.83
C ASP C 338 3.47 17.66 16.16
N LEU C 339 3.97 16.73 16.94
CA LEU C 339 4.43 17.06 18.30
C LEU C 339 5.66 17.90 18.35
N SER C 340 5.68 18.84 19.29
CA SER C 340 6.84 19.69 19.48
C SER C 340 8.03 18.86 19.99
N ARG C 341 9.24 19.18 19.52
CA ARG C 341 10.46 18.40 19.82
C ARG C 341 11.69 19.23 20.08
N SER C 342 12.73 18.58 20.56
CA SER C 342 14.01 19.26 20.88
C SER C 342 14.89 19.58 19.67
N ASN C 343 14.46 20.61 18.99
CA ASN C 343 15.15 21.27 17.87
C ASN C 343 15.02 20.61 16.48
N TRP C 344 13.99 19.80 16.29
CA TRP C 344 13.77 19.21 14.99
C TRP C 344 12.33 18.74 14.84
N CYS C 345 11.99 18.36 13.62
CA CYS C 345 10.73 17.72 13.35
C CYS C 345 11.01 16.60 12.37
N PRO C 346 10.14 15.58 12.34
CA PRO C 346 10.34 14.60 11.31
C PRO C 346 10.19 15.26 9.92
N GLY C 347 11.27 15.33 9.17
CA GLY C 347 11.27 15.94 7.87
C GLY C 347 12.04 17.25 7.82
N SER C 348 12.66 17.64 8.94
CA SER C 348 13.44 18.87 8.98
C SER C 348 14.94 18.60 8.94
N ASP C 349 15.70 19.64 8.61
CA ASP C 349 17.15 19.59 8.80
C ASP C 349 17.40 20.41 10.06
N VAL C 350 18.67 20.68 10.35
CA VAL C 350 19.00 21.50 11.48
C VAL C 350 19.98 22.59 11.07
N PRO C 352 22.72 25.15 11.97
CA PRO C 352 23.56 25.24 13.13
C PRO C 352 23.43 26.58 13.81
N GLU C 353 23.47 26.61 15.13
CA GLU C 353 23.50 27.88 15.83
C GLU C 353 24.90 28.38 15.70
N GLU C 354 25.05 29.67 15.50
CA GLU C 354 26.33 30.32 15.39
C GLU C 354 26.51 31.28 16.55
N ALA C 355 27.75 31.44 16.94
CA ALA C 355 28.09 32.40 17.94
C ALA C 355 29.42 32.98 17.55
N VAL C 356 29.52 34.30 17.60
CA VAL C 356 30.77 34.98 17.32
C VAL C 356 31.60 34.90 18.60
N ILE C 357 32.66 34.11 18.57
CA ILE C 357 33.55 33.93 19.71
C ILE C 357 34.46 35.13 19.89
N GLY C 358 34.88 35.73 18.79
CA GLY C 358 35.80 36.83 18.84
C GLY C 358 37.19 36.32 18.54
N ASP C 359 38.18 37.05 19.02
CA ASP C 359 39.57 36.68 18.80
C ASP C 359 39.98 35.57 19.74
N LEU C 360 40.86 34.70 19.26
CA LEU C 360 41.38 33.64 20.11
C LEU C 360 42.87 33.74 20.01
N SER C 361 43.49 33.81 21.18
CA SER C 361 44.93 33.90 21.28
C SER C 361 45.54 32.57 20.93
N ALA C 362 46.80 32.57 20.55
CA ALA C 362 47.50 31.33 20.29
C ALA C 362 47.61 30.63 21.65
N GLY C 363 47.53 29.31 21.63
CA GLY C 363 47.63 28.52 22.83
C GLY C 363 46.41 27.69 23.15
N LYS C 364 46.33 27.30 24.41
CA LYS C 364 45.31 26.42 24.90
C LYS C 364 43.98 27.14 25.14
N HIS C 365 42.87 26.47 24.82
CA HIS C 365 41.54 27.01 25.09
C HIS C 365 40.66 25.86 25.54
N SER C 366 39.57 26.18 26.22
CA SER C 366 38.64 25.17 26.70
C SER C 366 37.29 25.35 26.03
N PHE C 367 36.58 24.22 25.90
CA PHE C 367 35.26 24.19 25.29
C PHE C 367 34.39 23.28 26.15
N LYS C 368 33.15 23.71 26.41
CA LYS C 368 32.26 22.98 27.29
C LYS C 368 30.81 22.99 26.80
N VAL C 369 30.18 21.83 26.87
CA VAL C 369 28.81 21.70 26.48
C VAL C 369 28.08 21.08 27.66
N SER C 370 27.06 21.78 28.12
CA SER C 370 26.29 21.40 29.28
C SER C 370 24.81 21.38 28.96
N ILE C 371 24.19 20.23 29.21
CA ILE C 371 22.74 20.04 29.07
C ILE C 371 22.36 19.45 30.42
N PRO C 372 22.40 20.29 31.47
CA PRO C 372 22.33 19.84 32.86
C PRO C 372 21.12 18.99 33.29
N GLU C 373 19.95 19.19 32.70
CA GLU C 373 18.78 18.41 33.10
C GLU C 373 18.55 17.26 32.12
N ALA C 374 19.53 16.97 31.27
CA ALA C 374 19.36 15.84 30.35
C ALA C 374 19.09 14.55 31.15
N GLN C 375 18.33 13.63 30.57
CA GLN C 375 17.99 12.39 31.26
C GLN C 375 18.89 11.22 30.87
N GLN C 376 18.97 10.25 31.77
CA GLN C 376 19.75 9.06 31.54
C GLN C 376 19.01 8.05 30.71
N VAL C 377 19.76 7.19 30.03
CA VAL C 377 19.18 6.04 29.36
C VAL C 377 18.68 5.17 30.47
N ASP C 378 17.52 4.57 30.27
CA ASP C 378 16.90 3.73 31.26
C ASP C 378 16.20 2.60 30.54
N GLY C 379 16.89 1.47 30.38
CA GLY C 379 16.30 0.33 29.70
C GLY C 379 15.98 0.74 28.27
N ASN C 380 14.71 0.71 27.90
CA ASN C 380 14.26 1.08 26.55
C ASN C 380 14.08 2.57 26.33
N LYS C 381 14.25 3.36 27.38
CA LYS C 381 14.13 4.81 27.28
C LYS C 381 15.48 5.31 26.81
N LEU C 382 15.60 5.57 25.50
CA LEU C 382 16.90 5.95 24.93
C LEU C 382 17.17 7.45 24.84
N ASN C 383 17.17 8.11 26.01
CA ASN C 383 17.44 9.52 26.08
C ASN C 383 18.88 9.81 25.68
N HIS C 384 19.07 10.79 24.79
CA HIS C 384 20.42 11.23 24.43
C HIS C 384 20.37 12.56 23.67
N TRP C 385 21.55 13.16 23.49
CA TRP C 385 21.70 14.41 22.78
C TRP C 385 22.77 14.32 21.68
N LEU C 386 22.35 14.54 20.44
CA LEU C 386 23.27 14.52 19.32
C LEU C 386 23.78 15.92 19.19
N VAL C 387 25.08 16.08 19.42
CA VAL C 387 25.74 17.36 19.40
C VAL C 387 27.01 17.32 18.59
N SER C 388 27.19 18.28 17.70
CA SER C 388 28.47 18.38 17.01
C SER C 388 28.81 19.85 17.04
N ALA C 389 30.11 20.16 17.00
CA ALA C 389 30.50 21.55 17.03
C ALA C 389 31.84 21.75 16.34
N TYR C 390 32.01 22.93 15.76
CA TYR C 390 33.27 23.24 15.13
C TYR C 390 33.46 24.72 15.08
N LEU C 391 34.68 25.12 14.78
CA LEU C 391 35.03 26.53 14.68
C LEU C 391 35.36 26.84 13.26
N VAL C 392 35.13 28.08 12.86
CA VAL C 392 35.50 28.53 11.51
C VAL C 392 36.02 29.94 11.63
N TRP C 393 37.00 30.28 10.80
CA TRP C 393 37.54 31.63 10.75
C TRP C 393 38.39 31.78 9.50
N GLU C 394 38.80 33.02 9.18
CA GLU C 394 39.70 33.30 8.06
C GLU C 394 41.05 33.72 8.60
N GLU C 395 42.16 33.25 8.03
CA GLU C 395 43.50 33.73 8.47
C GLU C 395 43.98 34.64 7.38
N GLU D 6 41.17 49.73 -8.07
CA GLU D 6 40.90 49.65 -6.61
C GLU D 6 39.81 50.70 -6.23
N LEU D 7 38.61 50.23 -5.85
CA LEU D 7 37.45 51.09 -5.54
C LEU D 7 37.27 51.27 -4.06
N PRO D 8 36.94 52.50 -3.63
CA PRO D 8 36.79 52.71 -2.18
C PRO D 8 35.56 51.98 -1.61
N ALA D 9 35.67 51.61 -0.33
CA ALA D 9 34.59 50.94 0.39
C ALA D 9 33.77 51.92 1.23
N LEU D 10 32.48 52.02 0.91
CA LEU D 10 31.58 52.91 1.65
C LEU D 10 31.03 52.21 2.86
N GLY D 11 31.05 50.87 2.84
CA GLY D 11 30.51 50.07 3.93
C GLY D 11 29.06 49.72 3.69
N ASN D 12 28.51 48.88 4.55
CA ASN D 12 27.12 48.43 4.41
C ASN D 12 26.15 49.50 4.84
N THR D 13 24.91 49.34 4.38
CA THR D 13 23.86 50.26 4.77
C THR D 13 22.65 49.44 5.18
N HIS D 14 22.15 49.73 6.37
CA HIS D 14 20.96 49.12 6.88
C HIS D 14 19.95 50.21 7.11
N ILE D 15 18.71 49.96 6.70
CA ILE D 15 17.64 50.93 6.93
C ILE D 15 16.44 50.26 7.55
N GLN D 16 16.01 50.77 8.70
CA GLN D 16 14.79 50.30 9.35
C GLN D 16 13.73 51.25 8.81
N VAL D 17 13.17 50.92 7.65
CA VAL D 17 12.21 51.79 6.95
C VAL D 17 10.96 52.01 7.76
N PHE D 18 10.32 50.91 8.15
CA PHE D 18 9.14 50.94 9.01
C PHE D 18 9.39 50.02 10.19
N ASP D 19 8.84 50.38 11.34
CA ASP D 19 8.99 49.59 12.55
C ASP D 19 7.67 49.53 13.29
N LYS D 20 6.91 48.46 13.08
CA LYS D 20 5.55 48.35 13.64
C LYS D 20 4.73 49.60 13.34
N THR D 21 4.91 50.08 12.11
CA THR D 21 4.19 51.23 11.62
C THR D 21 2.77 50.82 11.26
N PRO D 22 1.76 51.49 11.84
CA PRO D 22 0.39 51.11 11.53
C PRO D 22 -0.01 51.28 10.07
N VAL D 23 -0.74 50.30 9.58
CA VAL D 23 -1.35 50.35 8.26
C VAL D 23 -2.82 50.12 8.56
N CYS D 24 -3.67 51.10 8.26
CA CYS D 24 -5.07 51.00 8.63
C CYS D 24 -5.98 51.84 7.77
N PHE D 25 -7.26 51.81 8.09
CA PHE D 25 -8.23 52.64 7.38
C PHE D 25 -8.94 53.51 8.41
N ARG D 26 -8.50 54.76 8.50
CA ARG D 26 -9.04 55.75 9.47
C ARG D 26 -9.29 57.06 8.80
N PRO D 27 -10.33 57.12 7.98
CA PRO D 27 -10.58 58.30 7.14
C PRO D 27 -10.90 59.59 7.93
N ASP D 28 -11.21 59.44 9.22
CA ASP D 28 -11.45 60.59 10.09
C ASP D 28 -10.11 61.20 10.55
N SER D 29 -9.07 60.40 10.67
CA SER D 29 -7.73 60.88 11.04
C SER D 29 -6.84 61.18 9.83
N PHE D 30 -6.98 60.42 8.74
CA PHE D 30 -6.13 60.59 7.59
C PHE D 30 -6.91 60.71 6.31
N PRO D 31 -6.68 61.80 5.54
CA PRO D 31 -7.34 61.91 4.22
C PRO D 31 -6.56 61.16 3.12
N ASN D 32 -6.79 61.44 1.85
CA ASN D 32 -6.05 60.73 0.78
C ASN D 32 -4.56 60.95 0.85
N TYR D 33 -4.12 62.08 1.42
CA TYR D 33 -2.70 62.37 1.53
C TYR D 33 -2.38 63.08 2.83
N THR D 34 -1.42 62.55 3.57
CA THR D 34 -0.93 63.15 4.80
C THR D 34 0.59 63.28 4.62
N PRO D 35 1.15 64.50 4.74
CA PRO D 35 2.58 64.63 4.51
C PRO D 35 3.40 63.92 5.57
N ALA D 36 4.69 63.75 5.28
CA ALA D 36 5.62 63.08 6.15
C ALA D 36 5.48 63.49 7.62
N ASN D 37 5.30 62.52 8.50
CA ASN D 37 5.19 62.79 9.92
C ASN D 37 6.60 62.92 10.51
N ALA D 38 6.71 62.98 11.84
CA ALA D 38 8.02 63.17 12.48
C ALA D 38 9.00 62.05 12.15
N ASP D 39 8.49 60.85 11.87
CA ASP D 39 9.35 59.69 11.55
C ASP D 39 9.57 59.51 10.04
N GLY D 40 9.12 60.44 9.21
CA GLY D 40 9.30 60.36 7.77
C GLY D 40 8.23 59.56 7.05
N VAL D 41 7.24 59.09 7.79
CA VAL D 41 6.19 58.28 7.19
C VAL D 41 5.10 59.13 6.55
N ILE D 42 4.86 58.87 5.28
CA ILE D 42 3.84 59.53 4.51
C ILE D 42 2.67 58.54 4.39
N ARG D 43 1.44 59.02 4.54
CA ARG D 43 0.29 58.14 4.49
C ARG D 43 -0.62 58.53 3.36
N LEU D 44 -1.01 57.54 2.58
CA LEU D 44 -1.96 57.72 1.52
C LEU D 44 -3.23 56.90 1.80
N VAL D 45 -4.27 57.24 1.05
CA VAL D 45 -5.58 56.58 1.09
C VAL D 45 -6.02 56.21 2.53
N ASN D 46 -6.08 57.22 3.38
CA ASN D 46 -6.60 57.09 4.74
C ASN D 46 -5.82 56.15 5.63
N GLY D 47 -4.56 55.89 5.27
CA GLY D 47 -3.72 54.99 6.06
C GLY D 47 -3.43 53.62 5.46
N ARG D 48 -4.11 53.28 4.37
CA ARG D 48 -3.92 51.98 3.69
C ARG D 48 -2.54 51.84 3.04
N ILE D 49 -1.89 52.97 2.80
CA ILE D 49 -0.56 52.98 2.25
C ILE D 49 0.39 53.85 3.09
N ILE D 50 1.52 53.27 3.44
CA ILE D 50 2.55 53.97 4.16
C ILE D 50 3.72 54.04 3.20
N LEU D 51 4.44 55.14 3.27
CA LEU D 51 5.46 55.45 2.30
C LEU D 51 6.61 56.17 2.98
N LYS D 52 7.82 55.96 2.50
CA LYS D 52 8.98 56.67 3.07
C LYS D 52 10.08 56.88 2.03
N LYS D 53 10.70 58.06 2.08
CA LYS D 53 11.85 58.36 1.28
C LYS D 53 13.09 57.73 1.92
N ILE D 54 13.84 56.96 1.14
CA ILE D 54 15.10 56.40 1.62
C ILE D 54 16.26 56.95 0.82
N THR D 55 17.43 57.02 1.44
CA THR D 55 18.62 57.48 0.74
C THR D 55 19.66 56.41 0.91
N LEU D 56 20.43 56.21 -0.15
CA LEU D 56 21.49 55.23 -0.15
C LEU D 56 22.75 55.84 -0.68
N PRO D 57 23.89 55.49 -0.10
CA PRO D 57 25.15 56.03 -0.60
C PRO D 57 25.41 55.65 -2.07
N ASP D 58 26.28 56.42 -2.72
CA ASP D 58 26.61 56.20 -4.13
C ASP D 58 27.61 55.06 -4.28
N TYR D 59 27.11 53.83 -4.13
CA TYR D 59 27.94 52.63 -4.23
C TYR D 59 28.61 52.47 -5.58
N LYS D 60 29.92 52.21 -5.57
CA LYS D 60 30.69 51.98 -6.80
C LYS D 60 30.96 50.50 -6.97
N ARG D 61 31.12 49.81 -5.84
CA ARG D 61 31.26 48.35 -5.86
C ARG D 61 29.89 47.69 -5.95
N ASP D 62 29.88 46.41 -6.28
CA ASP D 62 28.64 45.66 -6.33
C ASP D 62 28.09 45.46 -4.92
N VAL D 63 26.80 45.18 -4.84
CA VAL D 63 26.10 44.99 -3.57
C VAL D 63 25.08 43.87 -3.65
N ASP D 64 24.61 43.43 -2.48
CA ASP D 64 23.49 42.49 -2.34
C ASP D 64 22.41 43.21 -1.60
N VAL D 65 21.16 43.09 -2.04
CA VAL D 65 20.09 43.78 -1.35
C VAL D 65 19.09 42.78 -0.82
N THR D 66 18.79 42.89 0.47
CA THR D 66 17.87 42.00 1.15
C THR D 66 16.75 42.80 1.74
N LEU D 67 15.54 42.28 1.57
CA LEU D 67 14.33 42.90 2.08
C LEU D 67 13.69 41.99 3.12
N LYS D 68 13.30 42.55 4.25
CA LYS D 68 12.68 41.79 5.33
C LYS D 68 11.45 42.57 5.78
N VAL D 69 10.27 41.99 5.57
CA VAL D 69 8.99 42.58 5.91
C VAL D 69 8.32 41.75 7.00
N THR D 70 7.79 42.41 8.02
CA THR D 70 7.13 41.74 9.13
C THR D 70 5.78 42.37 9.34
N VAL D 71 4.76 41.52 9.51
CA VAL D 71 3.41 41.99 9.69
C VAL D 71 2.72 41.32 10.86
N ALA D 72 1.85 42.07 11.52
CA ALA D 72 0.99 41.57 12.58
C ALA D 72 -0.32 42.30 12.54
N SER D 73 -1.39 41.60 12.91
CA SER D 73 -2.70 42.23 13.00
C SER D 73 -2.70 43.11 14.23
N ASN D 74 -3.43 44.19 14.15
CA ASN D 74 -3.60 45.05 15.30
C ASN D 74 -5.09 45.14 15.60
N GLY D 75 -5.82 44.11 15.17
CA GLY D 75 -7.26 44.00 15.36
C GLY D 75 -7.96 43.50 14.11
N ASP D 76 -7.46 43.86 12.93
CA ASP D 76 -8.05 43.38 11.72
C ASP D 76 -7.97 41.86 11.72
N ARG D 77 -9.10 41.18 11.56
CA ARG D 77 -9.14 39.71 11.58
C ARG D 77 -8.83 39.02 10.24
N TRP D 78 -8.79 39.76 9.15
CA TRP D 78 -8.75 39.12 7.82
C TRP D 78 -7.41 38.88 7.14
N ASP D 79 -7.47 38.09 6.07
CA ASP D 79 -6.34 37.75 5.23
C ASP D 79 -6.39 38.66 4.04
N LYS D 80 -5.77 39.83 4.17
CA LYS D 80 -5.82 40.84 3.13
C LYS D 80 -4.56 40.87 2.27
N SER D 81 -4.75 41.29 1.02
CA SER D 81 -3.69 41.42 0.05
C SER D 81 -2.73 42.55 0.44
N GLY D 82 -1.44 42.34 0.15
CA GLY D 82 -0.41 43.32 0.46
C GLY D 82 0.61 43.49 -0.65
N SER D 83 1.19 44.67 -0.71
CA SER D 83 2.20 44.99 -1.71
C SER D 83 3.25 45.92 -1.13
N CYS D 84 4.49 45.45 -1.05
CA CYS D 84 5.63 46.25 -0.64
C CYS D 84 6.19 46.72 -1.97
N PHE D 85 6.37 48.02 -2.14
CA PHE D 85 6.70 48.56 -3.46
C PHE D 85 7.64 49.73 -3.42
N VAL D 86 7.99 50.18 -4.62
CA VAL D 86 8.78 51.39 -4.80
C VAL D 86 8.20 52.19 -5.97
N LEU D 87 8.13 53.51 -5.84
CA LEU D 87 7.65 54.40 -6.92
C LEU D 87 8.74 54.50 -7.98
N PRO D 88 8.41 54.19 -9.23
CA PRO D 88 9.49 54.19 -10.24
C PRO D 88 10.11 55.56 -10.41
N LYS D 89 11.43 55.64 -10.39
CA LYS D 89 12.16 56.91 -10.52
C LYS D 89 11.90 57.64 -11.84
N GLU D 90 11.76 56.87 -12.91
CA GLU D 90 11.54 57.42 -14.24
CA GLU D 90 11.55 57.48 -14.24
C GLU D 90 10.09 57.86 -14.50
N SER D 91 9.22 57.87 -13.49
CA SER D 91 7.81 58.21 -13.72
C SER D 91 7.39 59.55 -13.14
N VAL D 92 6.80 60.42 -13.97
CA VAL D 92 6.32 61.71 -13.48
C VAL D 92 5.12 61.47 -12.58
N ILE D 93 4.23 60.57 -13.01
CA ILE D 93 3.03 60.29 -12.25
C ILE D 93 3.26 59.08 -11.36
N ASN D 94 2.85 59.19 -10.09
CA ASN D 94 2.95 58.05 -9.18
C ASN D 94 1.87 58.10 -8.10
N LEU D 95 1.81 57.05 -7.29
CA LEU D 95 0.78 56.92 -6.25
C LEU D 95 0.69 58.10 -5.33
N ASN D 97 1.71 61.48 -5.93
CA ASN D 97 1.20 62.75 -6.45
C ASN D 97 -0.24 62.59 -6.91
N ILE D 98 -0.67 61.35 -7.14
CA ILE D 98 -2.05 61.08 -7.44
C ILE D 98 -2.84 61.31 -6.15
N ALA D 99 -2.34 60.79 -5.05
CA ALA D 99 -3.00 60.98 -3.73
C ALA D 99 -3.06 62.45 -3.33
N GLU D 100 -2.04 63.21 -3.70
CA GLU D 100 -2.00 64.65 -3.38
C GLU D 100 -3.01 65.43 -4.18
N GLY D 101 -3.57 64.81 -5.22
CA GLY D 101 -4.52 65.45 -6.09
C GLY D 101 -3.83 66.27 -7.19
N LYS D 102 -2.52 66.12 -7.33
CA LYS D 102 -1.75 66.84 -8.34
C LYS D 102 -1.75 66.17 -9.71
N ARG D 103 -1.95 64.86 -9.72
CA ARG D 103 -1.94 64.07 -10.95
C ARG D 103 -2.98 62.97 -10.93
N ALA D 104 -3.13 62.32 -12.07
CA ALA D 104 -4.04 61.23 -12.21
C ALA D 104 -3.43 60.14 -13.08
N PHE D 105 -3.87 58.90 -12.88
CA PHE D 105 -3.44 57.87 -13.79
C PHE D 105 -3.88 58.31 -15.20
N PRO D 106 -3.06 58.05 -16.22
CA PRO D 106 -3.53 58.45 -17.50
C PRO D 106 -4.79 57.70 -17.91
N ALA D 107 -5.64 58.35 -18.71
CA ALA D 107 -6.81 57.67 -19.25
C ALA D 107 -6.31 56.54 -20.12
N VAL D 108 -7.07 55.45 -20.20
CA VAL D 108 -6.66 54.32 -21.03
C VAL D 108 -7.62 54.05 -22.18
N ASP D 109 -7.13 53.36 -23.19
CA ASP D 109 -7.91 52.93 -24.33
C ASP D 109 -8.84 51.83 -23.85
N SER D 110 -10.14 52.11 -23.80
CA SER D 110 -11.15 51.13 -23.31
C SER D 110 -11.23 49.84 -24.14
N THR D 111 -10.83 49.89 -25.42
CA THR D 111 -10.87 48.69 -26.27
C THR D 111 -9.80 47.70 -25.81
N LYS D 112 -8.73 48.22 -25.23
CA LYS D 112 -7.64 47.36 -24.78
C LYS D 112 -7.65 47.09 -23.27
N TYR D 113 -7.94 48.11 -22.48
CA TYR D 113 -7.84 48.00 -21.03
C TYR D 113 -9.11 48.36 -20.24
N GLU D 114 -10.24 48.48 -20.93
CA GLU D 114 -11.50 48.81 -20.27
C GLU D 114 -11.36 50.06 -19.38
N LYS D 115 -11.65 49.90 -18.09
CA LYS D 115 -11.54 50.96 -17.10
C LYS D 115 -10.42 50.65 -16.07
N ILE D 117 -7.37 51.59 -14.96
CA ILE D 117 -6.39 52.64 -14.95
C ILE D 117 -5.18 52.26 -14.11
N GLY D 118 -4.03 52.70 -14.59
CA GLY D 118 -2.79 52.50 -13.88
C GLY D 118 -2.16 51.11 -13.91
N ILE D 119 -2.72 50.19 -14.67
CA ILE D 119 -2.13 48.84 -14.72
C ILE D 119 -1.02 48.68 -15.77
N VAL D 120 -1.00 49.54 -16.79
CA VAL D 120 0.03 49.51 -17.85
C VAL D 120 0.59 50.92 -18.00
N PRO D 121 1.73 51.08 -18.73
CA PRO D 121 2.28 52.44 -18.87
C PRO D 121 1.42 53.33 -19.76
N GLY D 122 1.61 54.62 -19.62
CA GLY D 122 0.91 55.61 -20.43
C GLY D 122 1.73 56.88 -20.35
N GLN D 123 1.19 57.93 -20.94
CA GLN D 123 1.85 59.23 -20.95
C GLN D 123 2.27 59.66 -19.53
N ASP D 124 3.58 59.83 -19.35
CA ASP D 124 4.16 60.26 -18.06
C ASP D 124 3.95 59.27 -16.91
N TYR D 125 3.67 58.00 -17.26
CA TYR D 125 3.37 57.00 -16.23
C TYR D 125 3.98 55.63 -16.48
N VAL D 126 4.55 55.09 -15.40
CA VAL D 126 5.16 53.76 -15.38
C VAL D 126 4.55 53.09 -14.18
N PRO D 127 4.03 51.88 -14.34
CA PRO D 127 3.39 51.19 -13.23
C PRO D 127 4.30 50.99 -12.03
N THR D 128 3.68 51.02 -10.87
CA THR D 128 4.38 50.81 -9.62
C THR D 128 5.15 49.51 -9.68
N LEU D 129 6.34 49.52 -9.11
CA LEU D 129 7.20 48.35 -9.06
C LEU D 129 7.10 47.64 -7.70
N GLU D 130 6.83 46.34 -7.72
CA GLU D 130 6.67 45.58 -6.47
C GLU D 130 7.95 44.97 -6.00
N LEU D 131 8.31 45.26 -4.76
CA LEU D 131 9.47 44.65 -4.15
C LEU D 131 9.05 43.29 -3.59
N ARG D 133 5.17 40.86 -2.96
CA ARG D 133 3.74 40.65 -2.78
C ARG D 133 3.54 39.74 -1.55
N PHE D 134 2.61 40.07 -0.68
CA PHE D 134 2.35 39.21 0.48
C PHE D 134 0.86 39.18 0.79
N THR D 136 -1.64 38.71 4.19
CA THR D 136 -1.63 38.62 5.65
C THR D 136 -2.36 37.38 6.07
N PRO D 137 -1.98 36.84 7.20
CA PRO D 137 -2.73 35.75 7.75
C PRO D 137 -3.91 36.32 8.52
N PHE D 138 -4.72 35.43 9.09
CA PHE D 138 -5.91 35.80 9.83
C PHE D 138 -5.59 36.16 11.28
N GLY D 139 -5.40 37.43 11.55
CA GLY D 139 -5.29 37.91 12.91
C GLY D 139 -4.07 37.60 13.73
N VAL D 140 -2.94 37.36 13.08
CA VAL D 140 -1.74 37.00 13.83
C VAL D 140 -1.31 38.14 14.76
N GLY D 141 -0.91 37.79 15.97
CA GLY D 141 -0.50 38.79 16.95
C GLY D 141 -1.65 39.18 17.82
N TYR D 142 -2.52 40.06 17.33
CA TYR D 142 -3.63 40.53 18.14
C TYR D 142 -4.48 39.40 18.70
N TYR D 143 -4.72 38.35 17.91
CA TYR D 143 -5.56 37.21 18.38
C TYR D 143 -4.76 35.99 18.79
N SER D 144 -3.45 36.14 18.88
CA SER D 144 -2.63 35.02 19.22
C SER D 144 -2.55 34.59 20.66
N SER D 145 -3.52 34.79 21.55
CA SER D 145 -3.42 34.03 22.80
C SER D 145 -4.69 33.26 23.21
N SER D 152 -8.88 24.80 24.03
CA SER D 152 -9.07 25.91 23.10
C SER D 152 -10.08 25.58 21.99
N LYS D 153 -10.93 26.54 21.66
CA LYS D 153 -11.96 26.31 20.66
C LYS D 153 -11.44 26.56 19.26
N ARG D 154 -10.36 27.34 19.17
CA ARG D 154 -9.83 27.78 17.87
C ARG D 154 -8.56 27.02 17.49
N ARG D 155 -7.72 26.82 18.50
CA ARG D 155 -6.43 26.17 18.31
C ARG D 155 -6.52 24.63 18.21
N PRO D 156 -6.19 24.07 17.03
CA PRO D 156 -6.21 22.62 16.93
C PRO D 156 -5.18 21.98 17.86
N VAL D 157 -5.43 20.73 18.21
CA VAL D 157 -4.57 19.99 19.14
C VAL D 157 -3.12 19.85 18.64
N TYR D 158 -2.94 19.88 17.32
CA TYR D 158 -1.61 19.76 16.70
C TYR D 158 -0.87 21.09 16.57
N ILE D 159 -1.48 22.17 17.06
CA ILE D 159 -0.83 23.49 17.10
C ILE D 159 -0.58 23.90 18.57
N PRO D 160 0.65 23.77 19.06
CA PRO D 160 0.84 24.06 20.49
C PRO D 160 0.73 25.54 20.82
N LYS D 161 1.05 26.44 19.89
CA LYS D 161 0.95 27.87 20.17
C LYS D 161 0.90 28.66 18.89
N TRP D 162 0.19 29.78 18.95
CA TRP D 162 0.11 30.68 17.82
C TRP D 162 1.36 31.53 17.73
N GLU D 163 1.76 31.84 16.51
CA GLU D 163 2.86 32.75 16.29
C GLU D 163 2.30 34.12 16.58
N LYS D 164 3.16 35.07 16.91
CA LYS D 164 2.74 36.44 17.25
C LYS D 164 2.86 37.41 16.07
N SER D 165 3.53 36.99 15.00
CA SER D 165 3.75 37.83 13.81
C SER D 165 4.26 36.97 12.70
N VAL D 166 4.33 37.52 11.50
CA VAL D 166 4.83 36.79 10.35
C VAL D 166 5.92 37.63 9.64
N THR D 167 6.95 36.95 9.14
CA THR D 167 8.09 37.62 8.53
C THR D 167 8.50 37.00 7.25
N TRP D 168 8.83 37.83 6.28
CA TRP D 168 9.30 37.34 4.96
C TRP D 168 10.59 38.02 4.56
N VAL D 169 11.47 37.25 3.91
CA VAL D 169 12.77 37.73 3.47
C VAL D 169 13.00 37.38 2.02
N GLN D 170 13.44 38.35 1.21
CA GLN D 170 13.79 38.06 -0.19
C GLN D 170 15.00 38.85 -0.64
N ASP D 171 15.76 38.26 -1.56
CA ASP D 171 16.88 38.94 -2.17
C ASP D 171 16.29 39.79 -3.25
N ILE D 172 16.55 41.09 -3.26
CA ILE D 172 16.04 41.97 -4.32
C ILE D 172 17.15 42.76 -5.00
N THR D 173 18.33 42.16 -5.04
CA THR D 173 19.49 42.77 -5.64
C THR D 173 19.20 43.32 -7.04
N ASP D 174 18.46 42.57 -7.82
CA ASP D 174 18.10 42.97 -9.18
C ASP D 174 17.33 44.29 -9.24
N LEU D 175 16.72 44.67 -8.11
CA LEU D 175 15.96 45.91 -8.03
C LEU D 175 16.75 47.11 -7.51
N TYR D 176 18.05 46.95 -7.32
CA TYR D 176 18.87 48.05 -6.84
C TYR D 176 18.68 49.31 -7.67
N PRO D 177 18.62 49.21 -9.01
CA PRO D 177 18.45 50.46 -9.79
C PRO D 177 17.23 51.27 -9.39
N ALA D 178 16.13 50.61 -9.02
CA ALA D 178 14.94 51.32 -8.55
C ALA D 178 15.14 51.98 -7.17
N LEU D 179 16.11 51.51 -6.38
CA LEU D 179 16.35 52.04 -5.04
C LEU D 179 17.51 53.03 -4.94
N GLU D 180 18.37 53.03 -5.94
CA GLU D 180 19.63 53.80 -5.96
C GLU D 180 19.49 55.28 -5.63
N ARG D 181 20.45 55.77 -4.85
CA ARG D 181 20.56 57.19 -4.48
C ARG D 181 19.41 57.68 -3.56
N GLU D 182 18.20 57.76 -4.10
CA GLU D 182 17.03 58.19 -3.39
C GLU D 182 15.76 57.57 -3.98
N ALA D 183 14.88 57.06 -3.12
CA ALA D 183 13.64 56.48 -3.61
C ALA D 183 12.54 56.47 -2.55
N TYR D 184 11.30 56.40 -3.03
CA TYR D 184 10.16 56.34 -2.15
C TYR D 184 9.69 54.89 -2.14
N VAL D 185 9.76 54.24 -0.98
CA VAL D 185 9.27 52.87 -0.87
C VAL D 185 8.05 52.86 0.05
N GLY D 186 7.22 51.85 -0.07
CA GLY D 186 6.04 51.77 0.75
C GLY D 186 5.42 50.40 0.89
N ILE D 187 4.40 50.36 1.72
CA ILE D 187 3.63 49.16 1.93
C ILE D 187 2.16 49.50 1.81
N TYR D 188 1.45 48.69 1.06
CA TYR D 188 0.00 48.78 0.89
C TYR D 188 -0.64 47.52 1.41
N ILE D 189 -1.71 47.68 2.19
CA ILE D 189 -2.49 46.53 2.63
C ILE D 189 -3.96 46.89 2.38
N ASP D 190 -4.70 46.00 1.74
CA ASP D 190 -6.13 46.21 1.45
C ASP D 190 -6.95 46.08 2.73
N THR D 191 -6.68 46.91 3.73
CA THR D 191 -7.36 46.85 5.01
C THR D 191 -8.46 47.91 5.05
N TRP D 192 -9.59 47.56 5.63
CA TRP D 192 -10.69 48.50 5.75
C TRP D 192 -11.10 48.70 7.20
N THR D 193 -10.27 48.32 8.16
CA THR D 193 -10.61 48.50 9.57
C THR D 193 -9.76 49.57 10.19
N ALA D 194 -10.27 50.21 11.24
CA ALA D 194 -9.52 51.21 11.96
C ALA D 194 -8.36 50.58 12.75
N GLU D 195 -8.53 49.34 13.21
CA GLU D 195 -7.47 48.71 14.01
C GLU D 195 -6.29 48.30 13.06
N GLY D 196 -6.61 47.79 11.86
CA GLY D 196 -5.59 47.45 10.86
C GLY D 196 -4.47 46.55 11.31
N TYR D 197 -3.28 46.87 10.82
CA TYR D 197 -2.10 46.08 11.04
C TYR D 197 -0.95 46.95 11.46
N VAL D 198 0.15 46.30 11.85
CA VAL D 198 1.42 46.99 12.04
C VAL D 198 2.38 46.30 11.07
N ALA D 199 3.21 47.10 10.41
CA ALA D 199 4.17 46.59 9.43
C ALA D 199 5.56 47.10 9.72
N SER D 200 6.54 46.23 9.50
CA SER D 200 7.96 46.58 9.64
C SER D 200 8.68 46.23 8.34
N GLU D 202 12.77 46.27 6.59
CA GLU D 202 14.19 46.51 6.65
C GLU D 202 14.86 46.30 5.30
N LEU D 203 15.74 47.22 4.92
CA LEU D 203 16.58 47.07 3.75
C LEU D 203 18.03 46.93 4.20
N ASP D 204 18.68 45.89 3.71
CA ASP D 204 20.05 45.62 4.01
C ASP D 204 20.85 45.62 2.70
N VAL D 205 21.80 46.54 2.58
CA VAL D 205 22.66 46.60 1.42
C VAL D 205 24.07 46.17 1.86
N LYS D 206 24.48 44.98 1.43
CA LYS D 206 25.78 44.42 1.80
C LYS D 206 26.74 44.73 0.64
N GLU D 207 27.72 45.59 0.91
CA GLU D 207 28.72 45.97 -0.08
C GLU D 207 29.77 44.88 -0.25
N SER D 208 30.15 44.61 -1.50
CA SER D 208 31.21 43.64 -1.82
C SER D 208 32.53 44.01 -1.12
N LYS D 209 33.18 43.00 -0.54
CA LYS D 209 34.46 43.17 0.12
C LYS D 209 35.61 43.15 -0.88
N ILE D 210 35.32 42.91 -2.17
CA ILE D 210 36.38 42.79 -3.18
C ILE D 210 36.68 44.13 -3.87
N THR D 211 37.96 44.47 -3.89
CA THR D 211 38.47 45.73 -4.41
C THR D 211 38.15 46.00 -5.88
N CYS D 212 38.28 44.98 -6.72
CA CYS D 212 38.03 45.10 -8.16
C CYS D 212 36.56 44.98 -8.57
N ASP D 213 35.68 44.56 -7.65
CA ASP D 213 34.26 44.21 -7.97
C ASP D 213 33.34 45.39 -8.33
N VAL D 214 33.48 45.87 -9.56
CA VAL D 214 32.74 47.03 -10.03
C VAL D 214 31.28 46.71 -10.09
N PRO D 216 27.87 46.26 -11.56
CA PRO D 216 27.39 46.16 -12.91
C PRO D 216 26.28 47.15 -13.18
N GLU D 217 26.07 47.44 -14.45
CA GLU D 217 25.05 48.36 -14.88
C GLU D 217 23.72 47.64 -14.96
N ARG D 218 23.03 47.54 -13.84
CA ARG D 218 21.74 46.84 -13.82
C ARG D 218 20.63 47.75 -14.29
N ARG D 219 19.60 47.17 -14.87
CA ARG D 219 18.45 47.93 -15.32
C ARG D 219 17.16 47.23 -14.91
N VAL D 220 16.13 48.02 -14.68
CA VAL D 220 14.82 47.50 -14.32
C VAL D 220 13.77 48.20 -15.14
N LYS D 221 12.85 47.45 -15.72
CA LYS D 221 11.80 48.09 -16.51
C LYS D 221 10.43 47.54 -16.14
N PRO D 222 9.65 48.31 -15.34
CA PRO D 222 8.32 47.85 -14.94
C PRO D 222 7.41 47.84 -16.14
N LEU D 223 6.66 46.76 -16.29
CA LEU D 223 5.76 46.57 -17.43
C LEU D 223 4.29 46.68 -17.05
N ASN D 225 1.19 46.26 -13.60
CA ASN D 225 0.83 46.12 -12.20
C ASN D 225 -0.68 46.36 -12.00
N THR D 226 -1.43 45.27 -11.77
CA THR D 226 -2.86 45.35 -11.59
C THR D 226 -3.30 45.59 -10.12
N VAL D 227 -2.36 45.71 -9.18
CA VAL D 227 -2.73 45.99 -7.79
C VAL D 227 -3.49 47.32 -7.70
N TYR D 228 -4.65 47.25 -7.07
CA TYR D 228 -5.56 48.40 -6.96
C TYR D 228 -5.17 49.31 -5.76
N TYR D 229 -4.07 50.04 -5.94
CA TYR D 229 -3.56 50.91 -4.89
C TYR D 229 -4.49 52.07 -4.55
N ILE D 230 -4.98 52.76 -5.57
CA ILE D 230 -5.69 54.02 -5.31
C ILE D 230 -6.66 54.38 -6.41
N GLY D 231 -7.94 54.42 -6.07
CA GLY D 231 -8.99 54.77 -7.04
C GLY D 231 -9.02 53.80 -8.20
N GLN D 232 -8.60 52.58 -7.92
CA GLN D 232 -8.53 51.53 -8.93
C GLN D 232 -9.58 50.45 -8.72
N THR D 233 -9.82 49.71 -9.78
CA THR D 233 -10.88 48.72 -9.83
C THR D 233 -10.31 47.27 -9.78
N TYR D 234 -11.10 46.35 -9.22
CA TYR D 234 -10.69 44.94 -9.15
C TYR D 234 -10.32 44.43 -10.57
N PRO D 235 -9.12 43.86 -10.74
CA PRO D 235 -8.67 43.38 -12.06
C PRO D 235 -9.17 41.99 -12.54
N ASP D 236 -10.42 41.94 -12.96
CA ASP D 236 -11.00 40.74 -13.55
C ASP D 236 -10.94 40.81 -15.07
N ILE D 237 -10.26 41.82 -15.59
CA ILE D 237 -10.20 42.03 -17.04
C ILE D 237 -9.82 40.78 -17.83
N PHE D 238 -8.98 39.94 -17.25
CA PHE D 238 -8.48 38.73 -17.94
C PHE D 238 -9.60 37.82 -18.34
N SER D 239 -10.75 37.97 -17.70
CA SER D 239 -11.91 37.13 -17.98
C SER D 239 -12.56 37.50 -19.30
N ARG D 240 -12.33 38.70 -19.83
CA ARG D 240 -12.86 39.10 -21.15
C ARG D 240 -11.79 39.27 -22.18
N LYS D 241 -10.61 39.73 -21.74
CA LYS D 241 -9.53 39.88 -22.69
C LYS D 241 -8.15 39.77 -22.05
N ASP D 242 -7.19 39.39 -22.89
CA ASP D 242 -5.81 39.30 -22.53
C ASP D 242 -5.32 40.73 -22.39
N VAL D 243 -4.35 40.97 -21.53
CA VAL D 243 -3.80 42.30 -21.40
C VAL D 243 -2.54 42.35 -22.26
N VAL D 244 -2.59 43.16 -23.32
CA VAL D 244 -1.49 43.27 -24.29
C VAL D 244 -0.97 44.69 -24.29
N ASP D 246 2.65 47.38 -25.45
CA ASP D 246 3.91 47.61 -26.12
C ASP D 246 4.90 48.23 -25.16
N PHE D 247 6.18 47.99 -25.40
CA PHE D 247 7.19 48.68 -24.60
C PHE D 247 8.40 48.94 -25.49
N ASP D 248 9.19 49.93 -25.09
CA ASP D 248 10.33 50.36 -25.87
C ASP D 248 11.63 49.98 -25.17
N PRO D 250 15.27 51.27 -25.46
CA PRO D 250 16.09 52.30 -26.13
C PRO D 250 17.43 51.79 -26.67
N LYS D 251 17.96 50.77 -26.01
CA LYS D 251 19.23 50.19 -26.37
C LYS D 251 19.02 48.69 -26.44
N ALA D 252 19.71 48.02 -27.34
CA ALA D 252 19.63 46.55 -27.37
C ALA D 252 20.14 46.02 -26.02
N ALA D 253 19.58 44.90 -25.57
CA ALA D 253 19.96 44.32 -24.28
C ALA D 253 20.16 42.85 -24.42
N LYS D 254 21.08 42.33 -23.62
CA LYS D 254 21.42 40.92 -23.67
C LYS D 254 20.99 40.18 -22.44
N ASN D 255 20.58 38.94 -22.65
CA ASN D 255 20.19 38.07 -21.57
C ASN D 255 19.20 38.73 -20.59
N VAL D 256 18.08 39.19 -21.15
CA VAL D 256 17.05 39.85 -20.38
C VAL D 256 16.21 38.83 -19.66
N ARG D 257 15.80 39.13 -18.43
CA ARG D 257 14.94 38.23 -17.67
C ARG D 257 13.63 38.90 -17.29
N LEU D 258 12.55 38.14 -17.34
CA LEU D 258 11.25 38.62 -16.94
C LEU D 258 10.95 38.12 -15.56
N LYS D 259 10.41 38.98 -14.71
CA LYS D 259 9.93 38.55 -13.37
C LYS D 259 8.43 38.82 -13.32
N TYR D 260 7.67 37.81 -12.87
CA TYR D 260 6.21 37.80 -12.93
C TYR D 260 5.63 37.38 -11.60
N ILE D 261 4.82 38.25 -11.02
CA ILE D 261 4.26 38.05 -9.69
C ILE D 261 2.77 37.96 -9.81
N VAL D 262 2.20 36.78 -9.52
CA VAL D 262 0.77 36.62 -9.64
C VAL D 262 0.10 35.92 -8.47
N THR D 263 -1.09 36.42 -8.11
CA THR D 263 -1.94 35.77 -7.14
C THR D 263 -3.36 35.89 -7.66
N GLY D 264 -4.13 34.82 -7.49
CA GLY D 264 -5.55 34.76 -7.90
C GLY D 264 -6.47 35.02 -6.71
N HIS D 265 -7.63 35.64 -7.00
CA HIS D 265 -8.53 36.10 -5.92
C HIS D 265 -10.00 35.92 -6.19
N GLY D 266 -10.79 36.03 -5.13
CA GLY D 266 -12.25 35.80 -5.18
C GLY D 266 -12.50 34.73 -4.17
N GLY D 267 -12.69 35.18 -2.93
CA GLY D 267 -12.76 34.30 -1.76
C GLY D 267 -14.02 33.54 -1.45
N HIS D 268 -14.97 33.57 -2.37
CA HIS D 268 -16.19 32.83 -2.22
C HIS D 268 -15.94 31.43 -2.78
N SER D 269 -16.87 30.54 -2.53
CA SER D 269 -16.74 29.16 -2.99
C SER D 269 -16.74 29.08 -4.53
N GLY D 270 -15.69 28.46 -5.08
CA GLY D 270 -15.53 28.35 -6.50
C GLY D 270 -14.91 29.57 -7.16
N GLY D 271 -14.47 30.56 -6.37
CA GLY D 271 -13.83 31.79 -6.94
C GLY D 271 -12.36 31.57 -7.33
N ASP D 272 -11.74 32.53 -8.00
CA ASP D 272 -10.39 32.36 -8.52
C ASP D 272 -9.31 32.26 -7.43
N GLU D 273 -9.67 32.56 -6.18
CA GLU D 273 -8.74 32.34 -5.09
C GLU D 273 -8.52 30.85 -4.90
N PHE D 274 -9.55 30.06 -5.18
CA PHE D 274 -9.54 28.64 -4.89
C PHE D 274 -9.62 27.68 -6.07
N VAL D 275 -9.54 28.18 -7.29
CA VAL D 275 -9.62 27.34 -8.47
C VAL D 275 -8.35 27.51 -9.31
N GLU D 276 -7.89 26.43 -9.93
CA GLU D 276 -6.68 26.47 -10.74
C GLU D 276 -6.96 27.15 -12.07
N LYS D 277 -6.14 28.14 -12.43
CA LYS D 277 -6.25 28.83 -13.73
C LYS D 277 -4.87 29.02 -14.37
N ARG D 278 -4.72 28.48 -15.56
CA ARG D 278 -3.48 28.59 -16.31
C ARG D 278 -3.16 30.05 -16.67
N ASN D 279 -1.91 30.46 -16.46
CA ASN D 279 -1.41 31.78 -16.82
C ASN D 279 -0.45 31.56 -17.96
N ILE D 280 -0.60 32.36 -19.02
CA ILE D 280 0.27 32.27 -20.18
C ILE D 280 0.82 33.66 -20.45
N VAL D 281 2.13 33.77 -20.41
CA VAL D 281 2.79 35.06 -20.56
C VAL D 281 3.67 35.01 -21.78
N SER D 282 3.57 36.03 -22.61
CA SER D 282 4.31 36.06 -23.85
C SER D 282 5.05 37.35 -24.07
N VAL D 283 6.17 37.25 -24.79
CA VAL D 283 6.93 38.41 -25.21
C VAL D 283 7.19 38.31 -26.70
N ASP D 284 6.87 39.37 -27.45
CA ASP D 284 7.03 39.35 -28.92
C ASP D 284 6.35 38.11 -29.56
N GLY D 285 5.20 37.73 -29.03
CA GLY D 285 4.45 36.59 -29.55
C GLY D 285 4.93 35.22 -29.14
N LYS D 286 6.03 35.10 -28.41
CA LYS D 286 6.54 33.79 -27.94
C LYS D 286 6.16 33.58 -26.46
N GLU D 287 5.62 32.43 -26.13
CA GLU D 287 5.29 32.12 -24.72
C GLU D 287 6.57 32.04 -23.93
N VAL D 288 6.64 32.68 -22.78
CA VAL D 288 7.86 32.59 -21.94
C VAL D 288 7.54 31.97 -20.58
N LEU D 289 6.27 32.04 -20.18
CA LEU D 289 5.77 31.35 -19.01
C LEU D 289 4.42 30.77 -19.38
N ASN D 290 4.16 29.55 -18.91
CA ASN D 290 2.89 28.90 -19.11
C ASN D 290 2.74 27.93 -17.98
N PHE D 291 1.92 28.28 -17.00
CA PHE D 291 1.80 27.49 -15.78
C PHE D 291 0.56 27.81 -14.96
N ILE D 292 0.21 26.90 -14.04
CA ILE D 292 -0.89 27.11 -13.11
C ILE D 292 -0.35 27.69 -11.80
N PRO D 293 -0.70 28.92 -11.47
CA PRO D 293 -0.20 29.44 -10.20
C PRO D 293 -0.97 28.78 -9.08
N TRP D 294 -0.29 28.00 -8.25
CA TRP D 294 -0.98 27.23 -7.23
C TRP D 294 -0.14 26.85 -6.02
N ARG D 295 -0.79 26.75 -4.87
CA ARG D 295 -0.16 26.22 -3.65
C ARG D 295 -1.10 25.23 -2.99
N ASP D 296 -0.53 24.11 -2.61
CA ASP D 296 -1.27 23.01 -1.98
C ASP D 296 -0.69 22.71 -0.60
N ASP D 297 0.03 23.68 -0.02
CA ASP D 297 0.66 23.50 1.32
C ASP D 297 0.22 24.51 2.35
N CYS D 298 -0.96 25.06 2.18
CA CYS D 298 -1.39 26.13 3.10
C CYS D 298 -1.59 25.66 4.57
N ALA D 299 -1.72 24.37 4.81
CA ALA D 299 -1.83 23.91 6.19
C ALA D 299 -0.56 24.25 6.93
N SER D 300 0.56 24.35 6.20
CA SER D 300 1.87 24.65 6.85
C SER D 300 1.91 26.03 7.50
N PHE D 301 0.93 26.88 7.17
CA PHE D 301 0.82 28.21 7.75
C PHE D 301 -0.18 28.30 8.91
N ARG D 302 -0.69 27.19 9.40
CA ARG D 302 -1.76 27.21 10.38
C ARG D 302 -1.47 28.02 11.63
N ARG D 303 -0.26 27.91 12.15
CA ARG D 303 0.05 28.57 13.41
C ARG D 303 0.06 30.09 13.29
N PHE D 304 0.01 30.60 12.07
CA PHE D 304 -0.04 32.05 11.88
C PHE D 304 -1.46 32.56 11.74
N ASN D 305 -2.46 31.67 11.83
CA ASN D 305 -3.83 32.05 11.58
C ASN D 305 -4.85 31.78 12.71
N PRO D 306 -4.64 32.38 13.89
CA PRO D 306 -5.55 32.18 14.98
C PRO D 306 -7.01 32.57 14.71
N ALA D 307 -7.26 33.58 13.90
CA ALA D 307 -8.64 34.04 13.68
C ALA D 307 -9.31 33.47 12.43
N THR D 308 -8.71 32.49 11.77
CA THR D 308 -9.33 31.96 10.57
C THR D 308 -10.69 31.29 10.84
N GLY D 309 -11.56 31.27 9.83
CA GLY D 309 -12.82 30.56 9.91
C GLY D 309 -12.53 29.05 9.90
N VAL D 310 -13.46 28.28 10.44
CA VAL D 310 -13.32 26.84 10.57
C VAL D 310 -14.62 26.10 10.22
N TRP D 311 -14.53 24.97 9.52
CA TRP D 311 -15.66 24.09 9.21
C TRP D 311 -15.40 22.70 9.76
N LEU D 312 -16.45 21.89 9.89
CA LEU D 312 -16.28 20.47 10.26
C LEU D 312 -16.52 19.59 9.01
N ILE D 313 -15.54 18.79 8.63
CA ILE D 313 -15.66 17.93 7.46
C ILE D 313 -15.69 16.51 7.92
N PRO D 314 -16.70 15.74 7.46
CA PRO D 314 -16.71 14.33 7.90
C PRO D 314 -15.70 13.51 7.12
N ARG D 315 -15.15 12.49 7.76
CA ARG D 315 -14.12 11.68 7.17
C ARG D 315 -13.99 10.40 7.98
N VAL D 316 -13.65 9.31 7.30
CA VAL D 316 -13.28 8.09 7.97
C VAL D 316 -11.79 8.22 8.29
N ALA D 317 -11.40 8.05 9.54
CA ALA D 317 -10.02 8.22 9.92
C ALA D 317 -9.44 7.01 10.59
N ALA D 318 -8.20 6.70 10.22
CA ALA D 318 -7.45 5.63 10.82
C ALA D 318 -6.78 6.18 12.08
N TYR D 319 -6.78 5.41 13.14
CA TYR D 319 -6.21 5.89 14.41
C TYR D 319 -5.88 4.75 15.31
N ILE D 320 -5.10 5.03 16.36
CA ILE D 320 -4.71 4.03 17.30
C ILE D 320 -5.66 4.10 18.45
N GLY D 321 -6.45 3.04 18.62
CA GLY D 321 -7.38 2.91 19.74
C GLY D 321 -6.76 1.94 20.73
N ASP D 322 -7.45 1.69 21.84
CA ASP D 322 -6.91 0.82 22.87
C ASP D 322 -6.68 -0.63 22.38
N LYS D 323 -7.38 -1.07 21.33
CA LYS D 323 -7.20 -2.43 20.82
C LYS D 323 -6.42 -2.43 19.47
N GLY D 324 -5.48 -1.50 19.30
CA GLY D 324 -4.71 -1.40 18.03
C GLY D 324 -5.30 -0.45 16.97
N TYR D 325 -4.70 -0.46 15.77
CA TYR D 325 -5.20 0.43 14.67
C TYR D 325 -6.62 0.11 14.25
N THR D 326 -7.38 1.15 13.99
CA THR D 326 -8.76 0.95 13.57
C THR D 326 -9.24 2.20 12.82
N THR D 327 -10.50 2.19 12.39
CA THR D 327 -11.06 3.35 11.66
C THR D 327 -12.44 3.73 12.19
N LYS D 328 -12.79 5.00 12.09
CA LYS D 328 -14.09 5.47 12.54
C LYS D 328 -14.41 6.81 11.87
N GLU D 329 -15.68 7.12 11.82
CA GLU D 329 -16.12 8.39 11.29
C GLU D 329 -15.83 9.49 12.33
N ILE D 330 -15.32 10.62 11.85
CA ILE D 330 -15.09 11.77 12.67
C ILE D 330 -15.51 12.99 11.88
N GLU D 331 -15.54 14.13 12.58
CA GLU D 331 -15.82 15.43 12.01
C GLU D 331 -14.56 16.23 12.26
N GLU D 332 -13.79 16.43 11.20
CA GLU D 332 -12.48 17.02 11.32
C GLU D 332 -12.48 18.51 10.97
N PRO D 333 -11.93 19.34 11.88
CA PRO D 333 -11.84 20.77 11.59
C PRO D 333 -10.92 21.08 10.38
N LEU D 334 -11.43 21.90 9.48
CA LEU D 334 -10.74 22.39 8.31
C LEU D 334 -10.79 23.92 8.41
N ALA D 335 -9.62 24.56 8.40
CA ALA D 335 -9.55 26.02 8.49
C ALA D 335 -9.53 26.66 7.11
N SER D 336 -10.11 27.83 6.96
CA SER D 336 -10.04 28.52 5.69
C SER D 336 -8.56 28.65 5.29
N SER D 337 -7.69 28.89 6.26
CA SER D 337 -6.27 29.06 5.98
C SER D 337 -5.58 27.78 5.46
N ASP D 338 -6.14 26.62 5.76
CA ASP D 338 -5.60 25.35 5.22
C ASP D 338 -5.82 25.17 3.72
N LEU D 339 -6.83 25.84 3.16
CA LEU D 339 -7.23 25.59 1.77
C LEU D 339 -6.21 25.95 0.73
N SER D 340 -6.12 25.12 -0.31
CA SER D 340 -5.23 25.37 -1.42
C SER D 340 -5.71 26.59 -2.18
N ARG D 341 -4.79 27.42 -2.65
CA ARG D 341 -5.12 28.69 -3.32
C ARG D 341 -4.28 28.99 -4.54
N SER D 342 -4.68 29.99 -5.29
CA SER D 342 -3.98 30.39 -6.50
C SER D 342 -2.70 31.20 -6.22
N ASN D 343 -1.69 30.44 -5.82
CA ASN D 343 -0.30 30.90 -5.64
C ASN D 343 0.02 31.64 -4.33
N TRP D 344 -0.78 31.44 -3.30
CA TRP D 344 -0.48 32.01 -1.98
C TRP D 344 -1.19 31.32 -0.86
N CYS D 345 -0.82 31.65 0.38
CA CYS D 345 -1.53 31.19 1.56
C CYS D 345 -1.61 32.35 2.51
N PRO D 346 -2.60 32.36 3.42
CA PRO D 346 -2.64 33.43 4.38
C PRO D 346 -1.39 33.29 5.24
N GLY D 347 -0.49 34.27 5.14
CA GLY D 347 0.76 34.24 5.89
C GLY D 347 1.98 34.04 5.00
N SER D 348 1.77 33.97 3.68
CA SER D 348 2.88 33.74 2.76
C SER D 348 3.24 34.98 2.00
N ASP D 349 4.44 34.99 1.45
CA ASP D 349 4.79 36.00 0.47
C ASP D 349 4.70 35.28 -0.91
N VAL D 350 5.18 35.93 -1.95
CA VAL D 350 5.15 35.36 -3.28
C VAL D 350 6.50 35.50 -3.94
N PRO D 352 8.65 35.66 -7.14
CA PRO D 352 8.31 35.87 -8.53
C PRO D 352 8.79 34.74 -9.41
N GLU D 353 8.01 34.39 -10.42
CA GLU D 353 8.51 33.43 -11.41
C GLU D 353 9.44 34.20 -12.30
N GLU D 354 10.53 33.56 -12.73
CA GLU D 354 11.49 34.14 -13.67
C GLU D 354 11.50 33.39 -14.97
N ALA D 355 11.82 34.11 -16.03
CA ALA D 355 11.95 33.50 -17.33
C ALA D 355 13.06 34.23 -18.04
N VAL D 356 13.96 33.48 -18.65
CA VAL D 356 15.03 34.06 -19.43
C VAL D 356 14.46 34.38 -20.80
N ILE D 357 14.30 35.67 -21.09
CA ILE D 357 13.79 36.16 -22.37
C ILE D 357 14.82 36.07 -23.48
N GLY D 358 16.08 36.32 -23.14
CA GLY D 358 17.12 36.30 -24.13
C GLY D 358 17.43 37.73 -24.52
N ASP D 359 17.97 37.89 -25.71
CA ASP D 359 18.34 39.20 -26.20
C ASP D 359 17.12 39.96 -26.71
N LEU D 360 17.10 41.27 -26.54
CA LEU D 360 16.04 42.09 -27.05
C LEU D 360 16.68 43.21 -27.85
N SER D 361 16.22 43.38 -29.09
CA SER D 361 16.72 44.40 -29.98
C SER D 361 16.24 45.76 -29.53
N ALA D 362 16.93 46.81 -29.94
CA ALA D 362 16.47 48.15 -29.65
C ALA D 362 15.18 48.34 -30.45
N GLY D 363 14.24 49.07 -29.86
CA GLY D 363 12.97 49.32 -30.51
C GLY D 363 11.77 48.77 -29.76
N LYS D 364 10.70 48.61 -30.52
CA LYS D 364 9.43 48.23 -29.99
C LYS D 364 9.31 46.73 -29.73
N HIS D 365 8.63 46.37 -28.64
CA HIS D 365 8.38 44.97 -28.29
C HIS D 365 6.98 44.86 -27.71
N SER D 366 6.42 43.64 -27.70
CA SER D 366 5.09 43.42 -27.14
C SER D 366 5.18 42.48 -25.94
N PHE D 367 4.23 42.65 -25.02
CA PHE D 367 4.13 41.85 -23.81
C PHE D 367 2.66 41.53 -23.60
N LYS D 368 2.38 40.29 -23.22
CA LYS D 368 1.01 39.83 -23.08
C LYS D 368 0.84 38.90 -21.89
N VAL D 369 -0.24 39.11 -21.14
CA VAL D 369 -0.60 38.28 -20.02
C VAL D 369 -2.01 37.77 -20.27
N SER D 370 -2.15 36.44 -20.29
CA SER D 370 -3.41 35.78 -20.56
C SER D 370 -3.73 34.77 -19.45
N ILE D 371 -4.90 34.94 -18.83
CA ILE D 371 -5.44 34.02 -17.83
C ILE D 371 -6.83 33.72 -18.37
N PRO D 372 -6.87 32.95 -19.46
CA PRO D 372 -8.08 32.78 -20.29
C PRO D 372 -9.37 32.28 -19.60
N GLU D 373 -9.26 31.45 -18.58
CA GLU D 373 -10.46 30.96 -17.91
C GLU D 373 -10.77 31.77 -16.65
N ALA D 374 -10.12 32.93 -16.50
CA ALA D 374 -10.36 33.76 -15.31
C ALA D 374 -11.83 34.12 -15.27
N GLN D 375 -12.38 34.26 -14.07
CA GLN D 375 -13.82 34.56 -13.93
C GLN D 375 -14.10 36.04 -13.75
N GLN D 376 -15.31 36.43 -14.15
CA GLN D 376 -15.74 37.81 -14.02
C GLN D 376 -16.24 38.10 -12.64
N VAL D 377 -16.18 39.37 -12.27
CA VAL D 377 -16.80 39.82 -11.03
C VAL D 377 -18.28 39.62 -11.28
N ASP D 378 -18.99 39.15 -10.26
CA ASP D 378 -20.41 38.89 -10.37
C ASP D 378 -21.10 39.27 -9.04
N GLY D 379 -21.60 40.50 -8.96
CA GLY D 379 -22.19 40.97 -7.71
C GLY D 379 -21.13 40.98 -6.63
N ASN D 380 -21.32 40.16 -5.61
CA ASN D 380 -20.38 40.06 -4.49
C ASN D 380 -19.21 39.09 -4.68
N LYS D 381 -19.19 38.41 -5.82
CA LYS D 381 -18.14 37.47 -6.15
C LYS D 381 -17.03 38.28 -6.76
N LEU D 382 -16.02 38.62 -5.97
CA LEU D 382 -14.95 39.52 -6.42
C LEU D 382 -13.72 38.84 -7.04
N ASN D 383 -13.96 38.07 -8.11
CA ASN D 383 -12.89 37.41 -8.82
C ASN D 383 -11.93 38.40 -9.47
N HIS D 384 -10.63 38.20 -9.27
CA HIS D 384 -9.62 39.03 -9.92
C HIS D 384 -8.22 38.42 -9.80
N TRP D 385 -7.27 38.99 -10.53
CA TRP D 385 -5.90 38.54 -10.55
C TRP D 385 -4.94 39.72 -10.32
N LEU D 386 -4.17 39.64 -9.24
CA LEU D 386 -3.14 40.62 -8.95
C LEU D 386 -1.87 40.17 -9.67
N VAL D 387 -1.45 40.96 -10.65
CA VAL D 387 -0.33 40.64 -11.50
C VAL D 387 0.59 41.83 -11.63
N SER D 388 1.89 41.61 -11.44
CA SER D 388 2.87 42.67 -11.71
C SER D 388 4.01 42.01 -12.45
N ALA D 389 4.71 42.79 -13.27
CA ALA D 389 5.77 42.20 -14.08
C ALA D 389 6.77 43.25 -14.47
N TYR D 390 8.02 42.82 -14.55
CA TYR D 390 9.08 43.73 -14.91
C TYR D 390 10.23 42.97 -15.52
N LEU D 391 11.10 43.71 -16.18
CA LEU D 391 12.27 43.12 -16.84
C LEU D 391 13.49 43.55 -16.11
N VAL D 392 14.52 42.72 -16.14
CA VAL D 392 15.82 43.09 -15.53
C VAL D 392 16.92 42.58 -16.42
N TRP D 393 18.02 43.31 -16.46
CA TRP D 393 19.19 42.90 -17.25
C TRP D 393 20.36 43.76 -16.88
N GLU D 394 21.55 43.37 -17.34
CA GLU D 394 22.79 44.16 -17.18
C GLU D 394 23.23 44.75 -18.52
N GLU D 395 23.66 46.02 -18.57
CA GLU D 395 24.18 46.59 -19.85
C GLU D 395 25.66 46.67 -19.66
#